data_9N4D
#
_entry.id   9N4D
#
_cell.length_a   1.00
_cell.length_b   1.00
_cell.length_c   1.00
_cell.angle_alpha   90.00
_cell.angle_beta   90.00
_cell.angle_gamma   90.00
#
_symmetry.space_group_name_H-M   'P 1'
#
loop_
_entity.id
_entity.type
_entity.pdbx_description
1 polymer 'pH-regulated antigen PRA1'
2 non-polymer 'ZINC ION'
#
_entity_poly.entity_id   1
_entity_poly.type   'polypeptide(L)'
_entity_poly.pdbx_seq_one_letter_code
;GSAPVTVTRFVDASPTGYDWRADWVKGFPIDSSCNATQYNQLSTGLQEAQLLAEHARDHTLRFGSKSPFFRKYFGNETAS
AEVVGHFDNVVGADKSSILFLCDDLDDKCKNDGWAGYWRGSNHSDQTIICDLSFVTRRYLTQLCSSGYTVSKSKTNIFWA
GDLLHRFWHLKSIGQLVIEHYADTYEEVLELAQENSTYAVRNSNSLIYYALDVYAYDVTIPGEGCNGDGTSYKKSDFSSF
EDSDSGSDSGASSTASSSHQHTDSNPSATTDANSHCHTHADGEVHC
;
_entity_poly.pdbx_strand_id   A,B,C,D,E,F
#
loop_
_chem_comp.id
_chem_comp.type
_chem_comp.name
_chem_comp.formula
ZN non-polymer 'ZINC ION' 'Zn 2'
#
# COMPACT_ATOMS: atom_id res chain seq x y z
N TYR A 18 -26.58 -10.37 9.72
CA TYR A 18 -26.47 -10.71 8.31
C TYR A 18 -25.51 -9.76 7.60
N ASP A 19 -24.28 -10.22 7.40
CA ASP A 19 -23.28 -9.44 6.67
C ASP A 19 -23.43 -9.74 5.19
N TRP A 20 -24.19 -8.89 4.48
CA TRP A 20 -24.43 -9.11 3.07
C TRP A 20 -23.31 -8.57 2.18
N ARG A 21 -22.30 -7.94 2.76
CA ARG A 21 -21.13 -7.53 1.98
C ARG A 21 -20.21 -8.68 1.62
N ALA A 22 -20.25 -9.77 2.39
CA ALA A 22 -19.34 -10.89 2.17
C ALA A 22 -19.77 -11.82 1.04
N ASP A 23 -21.02 -11.72 0.59
CA ASP A 23 -21.54 -12.54 -0.49
C ASP A 23 -22.11 -11.68 -1.61
N TRP A 24 -21.44 -10.59 -1.92
CA TRP A 24 -21.87 -9.66 -2.96
C TRP A 24 -21.08 -9.94 -4.24
N VAL A 25 -21.79 -10.31 -5.31
CA VAL A 25 -21.18 -10.69 -6.58
C VAL A 25 -21.47 -9.60 -7.60
N LYS A 26 -20.42 -9.00 -8.17
CA LYS A 26 -20.56 -7.92 -9.12
C LYS A 26 -20.02 -8.29 -10.51
N GLY A 27 -19.75 -9.56 -10.74
CA GLY A 27 -19.30 -10.03 -12.04
C GLY A 27 -20.30 -10.97 -12.66
N PHE A 28 -20.32 -11.00 -13.99
CA PHE A 28 -21.26 -11.84 -14.71
C PHE A 28 -20.76 -13.28 -14.75
N PRO A 29 -21.53 -14.24 -14.26
CA PRO A 29 -21.06 -15.64 -14.26
C PRO A 29 -21.27 -16.31 -15.62
N ILE A 30 -20.41 -17.30 -15.88
CA ILE A 30 -20.41 -18.05 -17.13
C ILE A 30 -20.59 -19.52 -16.81
N ASP A 31 -21.40 -20.20 -17.62
CA ASP A 31 -21.67 -21.62 -17.43
C ASP A 31 -20.44 -22.46 -17.81
N SER A 32 -20.45 -23.71 -17.36
CA SER A 32 -19.36 -24.65 -17.60
C SER A 32 -19.48 -25.35 -18.96
N SER A 33 -20.51 -25.04 -19.73
CA SER A 33 -20.65 -25.60 -21.07
C SER A 33 -19.75 -24.92 -22.09
N CYS A 34 -19.05 -23.85 -21.72
CA CYS A 34 -18.06 -23.21 -22.58
C CYS A 34 -16.67 -23.71 -22.21
N ASN A 35 -15.91 -24.09 -23.24
CA ASN A 35 -14.56 -24.61 -23.02
C ASN A 35 -13.59 -23.46 -22.78
N ALA A 36 -12.30 -23.75 -22.77
CA ALA A 36 -11.30 -22.75 -22.36
C ALA A 36 -11.24 -21.58 -23.32
N THR A 37 -11.19 -21.85 -24.63
CA THR A 37 -11.01 -20.77 -25.61
C THR A 37 -12.24 -19.86 -25.64
N GLN A 38 -13.44 -20.42 -25.57
CA GLN A 38 -14.65 -19.60 -25.54
C GLN A 38 -14.70 -18.75 -24.27
N TYR A 39 -14.34 -19.34 -23.13
CA TYR A 39 -14.34 -18.63 -21.87
C TYR A 39 -13.37 -17.45 -21.90
N ASN A 40 -12.18 -17.66 -22.46
CA ASN A 40 -11.16 -16.62 -22.46
C ASN A 40 -11.63 -15.35 -23.17
N GLN A 41 -12.35 -15.50 -24.27
CA GLN A 41 -12.84 -14.35 -25.02
C GLN A 41 -14.12 -13.76 -24.44
N LEU A 42 -15.02 -14.61 -23.91
CA LEU A 42 -16.25 -14.09 -23.33
C LEU A 42 -15.96 -13.24 -22.09
N SER A 43 -15.02 -13.67 -21.25
CA SER A 43 -14.68 -12.89 -20.05
C SER A 43 -14.13 -11.52 -20.44
N THR A 44 -13.25 -11.48 -21.44
CA THR A 44 -12.69 -10.20 -21.88
C THR A 44 -13.79 -9.28 -22.42
N GLY A 45 -14.72 -9.83 -23.20
CA GLY A 45 -15.82 -9.01 -23.70
C GLY A 45 -16.68 -8.42 -22.59
N LEU A 46 -17.02 -9.25 -21.60
CA LEU A 46 -17.84 -8.78 -20.49
C LEU A 46 -17.11 -7.69 -19.69
N GLN A 47 -15.81 -7.87 -19.45
CA GLN A 47 -15.03 -6.86 -18.74
C GLN A 47 -15.00 -5.54 -19.52
N GLU A 48 -14.83 -5.61 -20.83
CA GLU A 48 -14.80 -4.39 -21.64
C GLU A 48 -16.14 -3.67 -21.60
N ALA A 49 -17.25 -4.42 -21.64
CA ALA A 49 -18.56 -3.79 -21.52
C ALA A 49 -18.72 -3.08 -20.19
N GLN A 50 -18.30 -3.71 -19.10
CA GLN A 50 -18.40 -3.08 -17.79
C GLN A 50 -17.53 -1.82 -17.71
N LEU A 51 -16.34 -1.86 -18.32
CA LEU A 51 -15.46 -0.68 -18.33
C LEU A 51 -16.12 0.48 -19.08
N LEU A 52 -16.74 0.19 -20.22
CA LEU A 52 -17.43 1.24 -20.98
C LEU A 52 -18.56 1.85 -20.15
N ALA A 53 -19.33 1.01 -19.46
CA ALA A 53 -20.42 1.54 -18.63
C ALA A 53 -19.88 2.42 -17.50
N GLU A 54 -18.76 2.01 -16.89
CA GLU A 54 -18.18 2.80 -15.81
C GLU A 54 -17.73 4.16 -16.31
N HIS A 55 -17.09 4.22 -17.48
CA HIS A 55 -16.68 5.51 -18.03
C HIS A 55 -17.88 6.39 -18.33
N ALA A 56 -18.95 5.81 -18.88
CA ALA A 56 -20.15 6.60 -19.14
C ALA A 56 -20.74 7.19 -17.85
N ARG A 57 -20.77 6.38 -16.78
CA ARG A 57 -21.28 6.87 -15.50
C ARG A 57 -20.42 8.02 -14.98
N ASP A 58 -19.09 7.90 -15.08
CA ASP A 58 -18.23 8.96 -14.58
C ASP A 58 -18.43 10.25 -15.37
N HIS A 59 -18.57 10.15 -16.70
CA HIS A 59 -18.80 11.34 -17.51
C HIS A 59 -20.12 12.02 -17.13
N THR A 60 -21.18 11.22 -16.94
CA THR A 60 -22.47 11.78 -16.55
C THR A 60 -22.36 12.49 -15.21
N LEU A 61 -21.75 11.84 -14.21
CA LEU A 61 -21.61 12.46 -12.90
C LEU A 61 -20.80 13.76 -12.98
N ARG A 62 -19.75 13.78 -13.79
CA ARG A 62 -18.91 14.97 -13.86
C ARG A 62 -19.64 16.14 -14.51
N PHE A 63 -20.43 15.89 -15.56
CA PHE A 63 -20.96 17.01 -16.34
C PHE A 63 -22.47 17.19 -16.23
N GLY A 64 -23.27 16.15 -16.45
CA GLY A 64 -24.70 16.34 -16.52
C GLY A 64 -25.15 17.01 -17.79
N SER A 65 -26.13 17.91 -17.70
CA SER A 65 -26.67 18.59 -18.87
C SER A 65 -25.78 19.71 -19.38
N LYS A 66 -24.56 19.84 -18.87
CA LYS A 66 -23.59 20.80 -19.38
C LYS A 66 -22.74 20.24 -20.50
N SER A 67 -22.90 18.96 -20.84
CA SER A 67 -22.10 18.45 -21.95
C SER A 67 -22.95 18.35 -23.22
N PRO A 68 -22.36 18.62 -24.38
CA PRO A 68 -23.16 18.56 -25.62
C PRO A 68 -23.65 17.16 -25.97
N PHE A 69 -22.94 16.11 -25.58
CA PHE A 69 -23.38 14.75 -25.88
C PHE A 69 -24.66 14.42 -25.13
N PHE A 70 -24.70 14.74 -23.83
CA PHE A 70 -25.91 14.52 -23.04
C PHE A 70 -27.07 15.32 -23.62
N ARG A 71 -26.83 16.57 -24.01
CA ARG A 71 -27.88 17.40 -24.58
C ARG A 71 -28.41 16.81 -25.88
N LYS A 72 -27.53 16.30 -26.74
CA LYS A 72 -27.96 15.80 -28.04
C LYS A 72 -28.58 14.40 -27.98
N TYR A 73 -28.33 13.64 -26.91
CA TYR A 73 -28.92 12.31 -26.83
C TYR A 73 -30.12 12.22 -25.88
N PHE A 74 -30.23 13.11 -24.90
CA PHE A 74 -31.31 13.01 -23.91
C PHE A 74 -32.19 14.24 -23.79
N GLY A 75 -31.73 15.41 -24.24
CA GLY A 75 -32.53 16.62 -24.14
C GLY A 75 -31.76 17.81 -23.63
N ASN A 76 -32.26 19.02 -23.93
CA ASN A 76 -31.52 20.23 -23.60
C ASN A 76 -31.59 20.55 -22.11
N GLU A 77 -32.71 20.22 -21.46
CA GLU A 77 -32.91 20.55 -20.05
C GLU A 77 -33.39 19.34 -19.26
N THR A 78 -32.82 18.17 -19.50
CA THR A 78 -33.23 16.95 -18.84
C THR A 78 -32.41 16.70 -17.58
N ALA A 79 -33.05 16.14 -16.56
CA ALA A 79 -32.39 15.79 -15.31
C ALA A 79 -31.72 14.42 -15.44
N SER A 80 -30.58 14.26 -14.78
CA SER A 80 -29.76 13.06 -14.91
C SER A 80 -29.70 12.30 -13.58
N ALA A 81 -30.71 11.47 -13.35
CA ALA A 81 -30.68 10.50 -12.27
C ALA A 81 -30.87 9.08 -12.78
N GLU A 82 -31.86 8.86 -13.65
CA GLU A 82 -32.08 7.54 -14.22
C GLU A 82 -30.94 7.11 -15.12
N VAL A 83 -30.35 8.04 -15.88
CA VAL A 83 -29.21 7.71 -16.74
C VAL A 83 -28.04 7.23 -15.90
N VAL A 84 -27.77 7.91 -14.78
CA VAL A 84 -26.70 7.47 -13.88
C VAL A 84 -27.05 6.11 -13.28
N GLY A 85 -28.31 5.93 -12.87
CA GLY A 85 -28.70 4.69 -12.22
C GLY A 85 -28.59 3.47 -13.11
N HIS A 86 -28.91 3.62 -14.39
CA HIS A 86 -28.79 2.49 -15.32
C HIS A 86 -27.37 1.96 -15.39
N PHE A 87 -26.41 2.87 -15.63
CA PHE A 87 -25.01 2.46 -15.73
C PHE A 87 -24.48 1.97 -14.39
N ASP A 88 -24.93 2.56 -13.27
CA ASP A 88 -24.51 2.07 -11.97
C ASP A 88 -25.04 0.67 -11.70
N ASN A 89 -26.27 0.38 -12.15
CA ASN A 89 -26.80 -0.97 -12.02
C ASN A 89 -26.00 -1.96 -12.87
N VAL A 90 -25.58 -1.53 -14.06
CA VAL A 90 -24.73 -2.40 -14.88
C VAL A 90 -23.41 -2.68 -14.16
N VAL A 91 -22.84 -1.66 -13.54
CA VAL A 91 -21.49 -1.80 -12.97
C VAL A 91 -21.55 -2.63 -11.68
N GLY A 92 -22.48 -2.34 -10.79
CA GLY A 92 -22.37 -2.86 -9.43
C GLY A 92 -23.57 -3.47 -8.75
N ALA A 93 -24.58 -3.91 -9.49
CA ALA A 93 -25.70 -4.63 -8.89
C ALA A 93 -25.31 -6.09 -8.66
N ASP A 94 -26.12 -6.81 -7.89
CA ASP A 94 -25.87 -8.22 -7.59
C ASP A 94 -26.26 -9.08 -8.79
N LYS A 95 -25.37 -9.96 -9.20
CA LYS A 95 -25.51 -10.72 -10.44
C LYS A 95 -25.48 -12.23 -10.19
N SER A 96 -25.97 -12.66 -9.03
CA SER A 96 -25.87 -14.06 -8.66
C SER A 96 -26.91 -14.95 -9.32
N SER A 97 -27.86 -14.38 -10.07
CA SER A 97 -28.89 -15.17 -10.75
C SER A 97 -28.83 -15.05 -12.27
N ILE A 98 -27.75 -14.50 -12.82
CA ILE A 98 -27.58 -14.36 -14.27
C ILE A 98 -26.63 -15.44 -14.75
N LEU A 99 -26.88 -15.97 -15.95
CA LEU A 99 -26.04 -17.01 -16.52
C LEU A 99 -25.88 -16.80 -18.02
N PHE A 100 -24.65 -17.03 -18.51
CA PHE A 100 -24.33 -16.98 -19.93
C PHE A 100 -23.91 -18.36 -20.38
N LEU A 101 -24.55 -18.86 -21.45
CA LEU A 101 -24.38 -20.24 -21.89
C LEU A 101 -23.90 -20.29 -23.34
N CYS A 102 -23.09 -21.30 -23.64
CA CYS A 102 -22.65 -21.58 -25.00
C CYS A 102 -23.35 -22.78 -25.60
N ASP A 103 -24.45 -23.23 -24.98
CA ASP A 103 -25.19 -24.41 -25.40
C ASP A 103 -26.47 -23.98 -26.09
N ASP A 104 -26.70 -24.51 -27.29
CA ASP A 104 -27.88 -24.16 -28.09
C ASP A 104 -29.04 -25.04 -27.63
N LEU A 105 -29.82 -24.52 -26.69
CA LEU A 105 -30.91 -25.26 -26.07
C LEU A 105 -32.25 -25.00 -26.74
N ASP A 106 -32.30 -24.18 -27.79
CA ASP A 106 -33.55 -23.85 -28.44
C ASP A 106 -33.51 -24.06 -29.95
N ASP A 107 -32.41 -24.59 -30.49
CA ASP A 107 -32.25 -24.82 -31.92
C ASP A 107 -32.45 -23.54 -32.72
N LYS A 108 -31.77 -22.47 -32.31
CA LYS A 108 -31.90 -21.17 -32.96
C LYS A 108 -30.60 -20.70 -33.61
N CYS A 109 -29.52 -21.49 -33.54
CA CYS A 109 -28.29 -21.11 -34.22
C CYS A 109 -28.38 -21.27 -35.73
N LYS A 110 -29.33 -22.08 -36.22
CA LYS A 110 -29.45 -22.29 -37.66
C LYS A 110 -30.00 -21.07 -38.39
N ASN A 111 -30.59 -20.13 -37.68
CA ASN A 111 -31.02 -18.88 -38.30
C ASN A 111 -29.80 -18.12 -38.83
N ASP A 112 -29.92 -17.59 -40.04
CA ASP A 112 -28.79 -16.97 -40.71
C ASP A 112 -28.52 -15.60 -40.12
N GLY A 113 -27.29 -15.38 -39.66
CA GLY A 113 -26.85 -14.10 -39.14
C GLY A 113 -27.03 -13.91 -37.65
N TRP A 114 -27.56 -14.90 -36.93
CA TRP A 114 -27.77 -14.77 -35.50
C TRP A 114 -26.50 -15.09 -34.73
N ALA A 115 -26.15 -14.22 -33.78
CA ALA A 115 -24.99 -14.41 -32.92
C ALA A 115 -25.38 -14.69 -31.47
N GLY A 116 -26.67 -14.82 -31.20
CA GLY A 116 -27.15 -15.04 -29.84
C GLY A 116 -28.56 -14.54 -29.68
N TYR A 117 -29.17 -14.90 -28.56
CA TYR A 117 -30.56 -14.52 -28.32
C TYR A 117 -30.88 -14.60 -26.84
N TRP A 118 -31.84 -13.78 -26.42
CA TRP A 118 -32.41 -13.84 -25.08
C TRP A 118 -33.33 -15.04 -24.97
N ARG A 119 -33.31 -15.70 -23.81
CA ARG A 119 -34.01 -16.97 -23.65
C ARG A 119 -35.53 -16.80 -23.55
N GLY A 120 -36.02 -15.63 -23.17
CA GLY A 120 -37.45 -15.37 -23.13
C GLY A 120 -37.96 -15.19 -21.70
N SER A 121 -39.27 -15.06 -21.61
CA SER A 121 -39.95 -14.81 -20.34
C SER A 121 -39.92 -15.98 -19.38
N ASN A 122 -39.82 -17.22 -19.89
CA ASN A 122 -39.73 -18.37 -18.99
C ASN A 122 -38.40 -18.39 -18.24
N HIS A 123 -37.32 -18.06 -18.92
CA HIS A 123 -35.99 -17.92 -18.31
C HIS A 123 -35.51 -16.50 -18.62
N SER A 124 -35.90 -15.55 -17.78
CA SER A 124 -35.72 -14.14 -18.06
C SER A 124 -34.33 -13.63 -17.69
N ASP A 125 -33.45 -14.49 -17.17
CA ASP A 125 -32.12 -14.07 -16.77
C ASP A 125 -31.03 -14.89 -17.44
N GLN A 126 -31.28 -15.45 -18.61
CA GLN A 126 -30.32 -16.31 -19.28
C GLN A 126 -30.15 -15.91 -20.74
N THR A 127 -28.93 -16.05 -21.24
CA THR A 127 -28.58 -15.67 -22.61
C THR A 127 -27.69 -16.75 -23.21
N ILE A 128 -27.82 -16.94 -24.52
CA ILE A 128 -27.05 -17.95 -25.25
C ILE A 128 -26.18 -17.24 -26.28
N ILE A 129 -24.92 -17.66 -26.38
CA ILE A 129 -23.94 -17.07 -27.28
C ILE A 129 -23.61 -18.10 -28.36
N CYS A 130 -23.68 -17.68 -29.62
CA CYS A 130 -23.44 -18.57 -30.75
C CYS A 130 -21.99 -18.48 -31.21
N ASP A 131 -21.61 -19.43 -32.07
CA ASP A 131 -20.24 -19.52 -32.56
C ASP A 131 -19.87 -18.39 -33.52
N LEU A 132 -20.86 -17.69 -34.08
CA LEU A 132 -20.57 -16.58 -34.98
C LEU A 132 -19.95 -15.40 -34.24
N SER A 133 -20.18 -15.30 -32.93
CA SER A 133 -19.64 -14.17 -32.16
C SER A 133 -18.13 -14.24 -31.99
N PHE A 134 -17.56 -15.44 -31.95
CA PHE A 134 -16.12 -15.59 -31.74
C PHE A 134 -15.33 -15.39 -33.02
N VAL A 135 -15.96 -14.89 -34.08
CA VAL A 135 -15.28 -14.61 -35.34
C VAL A 135 -15.39 -13.15 -35.76
N THR A 136 -16.43 -12.43 -35.35
CA THR A 136 -16.72 -11.11 -35.87
C THR A 136 -16.45 -9.97 -34.89
N ARG A 137 -16.69 -10.15 -33.60
CA ARG A 137 -16.63 -9.03 -32.66
C ARG A 137 -15.19 -8.54 -32.46
N ARG A 138 -15.04 -7.22 -32.36
CA ARG A 138 -13.75 -6.56 -32.22
C ARG A 138 -13.57 -6.07 -30.79
N TYR A 139 -12.39 -5.50 -30.52
CA TYR A 139 -11.99 -5.10 -29.18
C TYR A 139 -11.78 -3.59 -29.11
N LEU A 140 -11.78 -3.07 -27.88
CA LEU A 140 -11.81 -1.64 -27.66
C LEU A 140 -10.54 -0.93 -28.14
N THR A 141 -9.44 -1.66 -28.29
CA THR A 141 -8.21 -1.05 -28.77
C THR A 141 -8.24 -0.71 -30.25
N GLN A 142 -9.24 -1.20 -30.99
CA GLN A 142 -9.38 -0.95 -32.42
C GLN A 142 -10.54 -0.02 -32.75
N LEU A 143 -10.94 0.82 -31.80
CA LEU A 143 -12.07 1.71 -32.03
C LEU A 143 -11.70 2.83 -33.00
N CYS A 144 -12.66 3.21 -33.84
CA CYS A 144 -12.51 4.30 -34.81
C CYS A 144 -11.44 3.98 -35.86
N SER A 145 -11.28 2.70 -36.18
CA SER A 145 -10.28 2.28 -37.15
C SER A 145 -10.96 1.49 -38.27
N SER A 146 -10.27 1.41 -39.40
CA SER A 146 -10.73 0.69 -40.58
C SER A 146 -12.01 1.27 -41.17
N GLY A 147 -12.25 2.55 -40.94
CA GLY A 147 -13.43 3.21 -41.45
C GLY A 147 -14.65 3.18 -40.56
N TYR A 148 -14.49 2.87 -39.27
CA TYR A 148 -15.62 2.82 -38.36
C TYR A 148 -15.97 4.22 -37.87
N THR A 149 -17.27 4.51 -37.82
CA THR A 149 -17.80 5.73 -37.24
C THR A 149 -18.99 5.38 -36.36
N VAL A 150 -19.15 6.11 -35.26
CA VAL A 150 -20.23 5.81 -34.31
C VAL A 150 -21.58 6.08 -34.96
N SER A 151 -21.68 7.12 -35.78
CA SER A 151 -22.96 7.52 -36.34
C SER A 151 -23.42 6.60 -37.47
N LYS A 152 -22.49 6.04 -38.25
CA LYS A 152 -22.84 5.38 -39.50
C LYS A 152 -22.78 3.86 -39.46
N SER A 153 -22.02 3.27 -38.53
CA SER A 153 -21.92 1.83 -38.43
C SER A 153 -22.90 1.29 -37.40
N LYS A 154 -23.03 -0.04 -37.36
CA LYS A 154 -23.91 -0.69 -36.42
C LYS A 154 -23.27 -0.76 -35.05
N THR A 155 -24.12 -0.83 -34.02
CA THR A 155 -23.65 -0.74 -32.64
C THR A 155 -23.13 -2.06 -32.09
N ASN A 156 -23.32 -3.16 -32.81
CA ASN A 156 -22.91 -4.49 -32.34
C ASN A 156 -21.62 -4.97 -32.99
N ILE A 157 -20.86 -4.08 -33.61
CA ILE A 157 -19.60 -4.47 -34.22
C ILE A 157 -18.56 -4.85 -33.17
N PHE A 158 -18.53 -4.14 -32.04
CA PHE A 158 -17.58 -4.41 -30.98
C PHE A 158 -18.23 -5.23 -29.87
N TRP A 159 -17.38 -5.88 -29.06
CA TRP A 159 -17.87 -6.70 -27.95
C TRP A 159 -18.67 -5.87 -26.97
N ALA A 160 -18.20 -4.68 -26.63
CA ALA A 160 -18.83 -3.89 -25.58
C ALA A 160 -20.22 -3.42 -26.00
N GLY A 161 -20.35 -2.86 -27.21
CA GLY A 161 -21.64 -2.42 -27.69
C GLY A 161 -22.64 -3.53 -27.89
N ASP A 162 -22.18 -4.71 -28.31
CA ASP A 162 -23.08 -5.85 -28.49
C ASP A 162 -23.53 -6.42 -27.15
N LEU A 163 -22.62 -6.50 -26.17
CA LEU A 163 -22.97 -7.08 -24.89
C LEU A 163 -23.79 -6.12 -24.03
N LEU A 164 -23.64 -4.81 -24.24
CA LEU A 164 -24.46 -3.85 -23.50
C LEU A 164 -25.93 -3.97 -23.87
N HIS A 165 -26.23 -4.21 -25.15
CA HIS A 165 -27.60 -4.36 -25.61
C HIS A 165 -28.28 -5.60 -25.06
N ARG A 166 -27.52 -6.62 -24.68
CA ARG A 166 -28.08 -7.84 -24.11
C ARG A 166 -28.33 -7.73 -22.61
N PHE A 167 -27.75 -6.74 -21.93
CA PHE A 167 -28.04 -6.53 -20.52
C PHE A 167 -29.41 -5.91 -20.30
N TRP A 168 -29.89 -5.10 -21.25
CA TRP A 168 -31.18 -4.43 -21.09
C TRP A 168 -32.35 -5.41 -21.17
N HIS A 169 -32.14 -6.61 -21.70
CA HIS A 169 -33.23 -7.60 -21.76
C HIS A 169 -33.32 -8.41 -20.48
N LEU A 170 -32.24 -8.49 -19.71
CA LEU A 170 -32.24 -9.26 -18.48
C LEU A 170 -33.13 -8.61 -17.43
N LYS A 171 -33.74 -9.44 -16.59
CA LYS A 171 -34.69 -8.96 -15.61
C LYS A 171 -34.03 -8.20 -14.46
N SER A 172 -32.82 -8.58 -14.08
CA SER A 172 -32.15 -7.94 -12.95
C SER A 172 -31.56 -6.57 -13.32
N ILE A 173 -31.32 -6.32 -14.60
CA ILE A 173 -30.74 -5.07 -15.05
C ILE A 173 -31.77 -4.17 -15.72
N GLY A 174 -32.39 -4.65 -16.79
CA GLY A 174 -33.39 -3.84 -17.47
C GLY A 174 -34.60 -3.54 -16.61
N GLN A 175 -35.04 -4.52 -15.83
CA GLN A 175 -36.17 -4.38 -14.91
C GLN A 175 -37.47 -4.06 -15.64
N LEU A 176 -37.58 -4.49 -16.90
CA LEU A 176 -38.81 -4.42 -17.68
C LEU A 176 -39.23 -2.97 -17.98
N VAL A 177 -38.26 -2.07 -18.09
CA VAL A 177 -38.57 -0.68 -18.44
C VAL A 177 -37.81 -0.17 -19.64
N ILE A 178 -36.71 -0.80 -20.06
CA ILE A 178 -35.95 -0.35 -21.22
C ILE A 178 -36.47 -1.09 -22.45
N GLU A 179 -36.88 -0.33 -23.47
CA GLU A 179 -37.47 -0.92 -24.67
C GLU A 179 -36.88 -0.31 -25.94
N HIS A 180 -37.46 -0.64 -27.09
CA HIS A 180 -37.04 -0.13 -28.40
C HIS A 180 -38.08 0.89 -28.87
N TYR A 181 -37.78 2.17 -28.66
CA TYR A 181 -38.63 3.24 -29.18
C TYR A 181 -38.09 3.89 -30.44
N ALA A 182 -36.78 3.88 -30.64
CA ALA A 182 -36.15 4.42 -31.83
C ALA A 182 -34.89 3.61 -32.11
N ASP A 183 -34.68 3.25 -33.38
CA ASP A 183 -33.61 2.35 -33.75
C ASP A 183 -32.54 3.00 -34.62
N THR A 184 -32.91 3.84 -35.57
CA THR A 184 -31.91 4.48 -36.40
C THR A 184 -31.44 5.78 -35.76
N TYR A 185 -30.35 6.32 -36.30
CA TYR A 185 -29.70 7.49 -35.69
C TYR A 185 -30.60 8.71 -35.74
N GLU A 186 -31.27 8.94 -36.88
CA GLU A 186 -32.13 10.11 -37.03
C GLU A 186 -33.33 10.05 -36.09
N GLU A 187 -33.94 8.87 -35.94
CA GLU A 187 -35.07 8.76 -35.02
C GLU A 187 -34.63 8.97 -33.58
N VAL A 188 -33.42 8.53 -33.24
CA VAL A 188 -32.89 8.80 -31.90
C VAL A 188 -32.71 10.31 -31.69
N LEU A 189 -32.16 10.99 -32.68
CA LEU A 189 -31.97 12.43 -32.57
C LEU A 189 -33.30 13.18 -32.48
N GLU A 190 -34.35 12.67 -33.14
CA GLU A 190 -35.66 13.30 -33.04
C GLU A 190 -36.31 13.01 -31.69
N LEU A 191 -36.17 11.79 -31.19
CA LEU A 191 -36.74 11.43 -29.89
C LEU A 191 -36.10 12.24 -28.77
N ALA A 192 -34.81 12.56 -28.90
CA ALA A 192 -34.14 13.35 -27.88
C ALA A 192 -34.82 14.72 -27.70
N GLN A 193 -35.25 15.33 -28.80
CA GLN A 193 -35.80 16.68 -28.73
C GLN A 193 -37.32 16.67 -28.54
N GLU A 194 -38.01 15.62 -28.99
CA GLU A 194 -39.47 15.61 -28.93
C GLU A 194 -39.98 14.97 -27.64
N ASN A 195 -39.62 13.71 -27.39
CA ASN A 195 -40.12 12.95 -26.25
C ASN A 195 -38.94 12.65 -25.34
N SER A 196 -38.67 13.59 -24.41
CA SER A 196 -37.52 13.43 -23.53
C SER A 196 -37.76 12.43 -22.42
N THR A 197 -39.02 12.14 -22.08
CA THR A 197 -39.30 11.23 -20.98
C THR A 197 -38.99 9.79 -21.36
N TYR A 198 -39.07 9.46 -22.64
CA TYR A 198 -38.78 8.11 -23.11
C TYR A 198 -37.40 7.95 -23.71
N ALA A 199 -36.65 9.06 -23.87
CA ALA A 199 -35.28 8.96 -24.35
C ALA A 199 -34.36 8.31 -23.33
N VAL A 200 -34.67 8.48 -22.03
CA VAL A 200 -33.86 7.86 -20.98
C VAL A 200 -34.18 6.39 -20.77
N ARG A 201 -35.20 5.87 -21.46
CA ARG A 201 -35.54 4.45 -21.41
C ARG A 201 -35.35 3.77 -22.75
N ASN A 202 -34.65 4.41 -23.70
CA ASN A 202 -34.48 3.87 -25.04
C ASN A 202 -33.14 3.17 -25.16
N SER A 203 -33.17 1.96 -25.72
CA SER A 203 -31.99 1.09 -25.72
C SER A 203 -30.84 1.68 -26.52
N ASN A 204 -31.11 2.20 -27.72
CA ASN A 204 -30.05 2.65 -28.61
C ASN A 204 -29.42 3.96 -28.17
N SER A 205 -30.19 4.83 -27.50
CA SER A 205 -29.67 6.12 -27.08
C SER A 205 -28.52 5.97 -26.09
N LEU A 206 -28.67 5.05 -25.14
CA LEU A 206 -27.63 4.85 -24.13
C LEU A 206 -26.35 4.31 -24.77
N ILE A 207 -26.47 3.40 -25.73
CA ILE A 207 -25.29 2.83 -26.37
C ILE A 207 -24.58 3.88 -27.24
N TYR A 208 -25.36 4.67 -27.99
CA TYR A 208 -24.77 5.76 -28.77
C TYR A 208 -24.04 6.74 -27.88
N TYR A 209 -24.67 7.12 -26.76
CA TYR A 209 -24.05 8.05 -25.81
C TYR A 209 -22.73 7.50 -25.27
N ALA A 210 -22.74 6.23 -24.85
CA ALA A 210 -21.55 5.64 -24.25
C ALA A 210 -20.41 5.57 -25.26
N LEU A 211 -20.70 5.08 -26.47
CA LEU A 211 -19.66 4.99 -27.49
C LEU A 211 -19.10 6.37 -27.84
N ASP A 212 -19.97 7.37 -27.96
CA ASP A 212 -19.50 8.71 -28.29
C ASP A 212 -18.58 9.28 -27.20
N VAL A 213 -19.00 9.17 -25.94
CA VAL A 213 -18.19 9.77 -24.88
C VAL A 213 -16.87 9.04 -24.72
N TYR A 214 -16.87 7.71 -24.88
CA TYR A 214 -15.61 6.98 -24.79
C TYR A 214 -14.66 7.36 -25.92
N ALA A 215 -15.18 7.45 -27.15
CA ALA A 215 -14.33 7.83 -28.27
C ALA A 215 -13.79 9.25 -28.10
N TYR A 216 -14.59 10.16 -27.56
CA TYR A 216 -14.13 11.54 -27.40
C TYR A 216 -13.13 11.67 -26.26
N ASP A 217 -13.26 10.86 -25.20
CA ASP A 217 -12.39 11.03 -24.04
C ASP A 217 -11.11 10.23 -24.11
N VAL A 218 -11.13 9.02 -24.71
CA VAL A 218 -9.99 8.12 -24.56
C VAL A 218 -9.32 7.84 -25.91
N THR A 219 -10.10 7.40 -26.90
CA THR A 219 -9.50 6.89 -28.13
C THR A 219 -8.81 8.00 -28.91
N ILE A 220 -9.49 9.11 -29.15
CA ILE A 220 -8.91 10.27 -29.83
C ILE A 220 -9.18 11.50 -28.98
N PRO A 221 -8.33 11.80 -27.99
CA PRO A 221 -8.66 12.86 -27.03
C PRO A 221 -8.86 14.21 -27.69
N GLY A 222 -10.07 14.74 -27.58
CA GLY A 222 -10.41 16.05 -28.09
C GLY A 222 -11.15 16.06 -29.41
N GLU A 223 -11.20 14.94 -30.13
CA GLU A 223 -11.86 14.91 -31.43
C GLU A 223 -12.95 13.86 -31.55
N GLY A 224 -12.73 12.65 -31.07
CA GLY A 224 -13.69 11.58 -31.27
C GLY A 224 -13.74 11.10 -32.72
N CYS A 225 -14.70 10.23 -32.98
CA CYS A 225 -14.91 9.68 -34.33
C CYS A 225 -16.39 9.58 -34.67
N ASN A 226 -17.16 10.61 -34.35
CA ASN A 226 -18.59 10.58 -34.63
C ASN A 226 -18.87 10.53 -36.13
N GLY A 227 -18.14 11.32 -36.91
CA GLY A 227 -18.29 11.32 -38.35
C GLY A 227 -19.62 11.84 -38.89
N ASP A 228 -20.16 12.89 -38.28
CA ASP A 228 -21.37 13.53 -38.79
C ASP A 228 -21.19 15.02 -39.04
N GLY A 229 -19.98 15.55 -38.88
CA GLY A 229 -19.71 16.93 -39.19
C GLY A 229 -19.73 17.90 -38.03
N THR A 230 -19.84 17.42 -36.79
CA THR A 230 -19.86 18.27 -35.62
C THR A 230 -18.56 18.12 -34.86
N SER A 231 -17.97 19.25 -34.48
CA SER A 231 -16.75 19.27 -33.68
C SER A 231 -16.99 20.11 -32.44
N TYR A 232 -16.62 19.59 -31.28
CA TYR A 232 -16.84 20.26 -30.01
C TYR A 232 -15.50 20.66 -29.40
N LYS A 233 -15.46 21.84 -28.80
CA LYS A 233 -14.29 22.35 -28.11
C LYS A 233 -14.61 22.48 -26.62
N LYS A 234 -13.61 22.97 -25.85
CA LYS A 234 -13.78 23.09 -24.41
C LYS A 234 -14.82 24.14 -24.02
N SER A 235 -15.17 25.05 -24.94
CA SER A 235 -16.13 26.09 -24.63
C SER A 235 -17.57 25.60 -24.70
N ASP A 236 -17.82 24.44 -25.31
CA ASP A 236 -19.16 23.87 -25.36
C ASP A 236 -19.54 23.15 -24.08
N PHE A 237 -18.59 22.91 -23.19
CA PHE A 237 -18.85 22.20 -21.94
C PHE A 237 -19.17 23.14 -20.78
N SER A 238 -19.25 24.45 -21.04
CA SER A 238 -19.58 25.41 -19.99
C SER A 238 -20.92 26.07 -20.28
N TYR B 18 -8.23 18.18 -22.61
CA TYR B 18 -8.96 18.60 -21.43
C TYR B 18 -9.11 17.45 -20.44
N ASP B 19 -8.29 17.46 -19.38
CA ASP B 19 -8.38 16.47 -18.32
C ASP B 19 -9.32 17.03 -17.24
N TRP B 20 -10.55 16.53 -17.21
CA TRP B 20 -11.53 17.02 -16.27
C TRP B 20 -11.55 16.23 -14.96
N ARG B 21 -10.69 15.23 -14.81
CA ARG B 21 -10.58 14.50 -13.55
C ARG B 21 -9.62 15.17 -12.57
N ALA B 22 -8.90 16.21 -13.00
CA ALA B 22 -7.96 16.90 -12.13
C ALA B 22 -8.59 18.07 -11.38
N ASP B 23 -9.71 18.59 -11.86
CA ASP B 23 -10.41 19.69 -11.22
C ASP B 23 -11.84 19.28 -10.84
N TRP B 24 -12.00 18.04 -10.39
CA TRP B 24 -13.29 17.51 -9.96
C TRP B 24 -13.42 17.69 -8.45
N VAL B 25 -14.43 18.44 -8.03
CA VAL B 25 -14.66 18.76 -6.62
C VAL B 25 -15.86 17.96 -6.14
N LYS B 26 -15.69 17.23 -5.04
CA LYS B 26 -16.73 16.34 -4.54
C LYS B 26 -17.22 16.69 -3.14
N GLY B 27 -16.55 17.58 -2.42
CA GLY B 27 -17.02 18.06 -1.14
C GLY B 27 -17.77 19.38 -1.26
N PHE B 28 -18.49 19.73 -0.19
CA PHE B 28 -19.31 20.93 -0.18
C PHE B 28 -18.49 22.12 0.31
N PRO B 29 -18.33 23.18 -0.49
CA PRO B 29 -17.53 24.33 -0.06
C PRO B 29 -18.21 25.13 1.04
N ILE B 30 -17.38 25.78 1.86
CA ILE B 30 -17.83 26.62 2.97
C ILE B 30 -17.20 28.00 2.80
N ASP B 31 -17.99 29.04 3.08
CA ASP B 31 -17.52 30.41 2.90
C ASP B 31 -16.65 30.83 4.09
N SER B 32 -15.99 31.98 3.93
CA SER B 32 -15.10 32.53 4.94
C SER B 32 -15.85 33.32 6.02
N SER B 33 -17.16 33.45 5.92
CA SER B 33 -17.95 34.12 6.93
C SER B 33 -18.11 33.31 8.21
N CYS B 34 -17.70 32.04 8.21
CA CYS B 34 -17.78 31.18 9.38
C CYS B 34 -16.42 31.13 10.06
N ASN B 35 -16.41 31.28 11.39
CA ASN B 35 -15.17 31.26 12.15
C ASN B 35 -14.74 29.81 12.38
N ALA B 36 -13.75 29.62 13.27
CA ALA B 36 -13.10 28.32 13.41
C ALA B 36 -14.06 27.26 13.94
N THR B 37 -14.75 27.55 15.03
CA THR B 37 -15.63 26.57 15.65
C THR B 37 -16.82 26.24 14.74
N GLN B 38 -17.39 27.26 14.10
CA GLN B 38 -18.47 27.05 13.16
C GLN B 38 -18.04 26.13 12.02
N TYR B 39 -16.85 26.38 11.47
CA TYR B 39 -16.31 25.52 10.41
C TYR B 39 -16.13 24.09 10.92
N ASN B 40 -15.60 23.95 12.13
CA ASN B 40 -15.34 22.63 12.69
C ASN B 40 -16.62 21.81 12.79
N GLN B 41 -17.69 22.43 13.29
CA GLN B 41 -18.93 21.68 13.47
C GLN B 41 -19.63 21.44 12.13
N LEU B 42 -19.62 22.43 11.23
CA LEU B 42 -20.35 22.30 9.97
C LEU B 42 -19.69 21.29 9.03
N SER B 43 -18.36 21.21 9.02
CA SER B 43 -17.72 20.24 8.13
C SER B 43 -18.02 18.80 8.55
N THR B 44 -18.00 18.52 9.86
CA THR B 44 -18.37 17.20 10.35
C THR B 44 -19.83 16.89 10.02
N GLY B 45 -20.72 17.86 10.23
CA GLY B 45 -22.11 17.66 9.86
C GLY B 45 -22.30 17.37 8.38
N LEU B 46 -21.51 18.01 7.53
CA LEU B 46 -21.62 17.80 6.10
C LEU B 46 -21.07 16.43 5.68
N GLN B 47 -20.03 15.96 6.37
CA GLN B 47 -19.48 14.63 6.07
C GLN B 47 -20.44 13.52 6.47
N GLU B 48 -21.15 13.67 7.59
CA GLU B 48 -22.05 12.61 8.05
C GLU B 48 -23.17 12.35 7.05
N ALA B 49 -23.70 13.42 6.45
CA ALA B 49 -24.78 13.27 5.47
C ALA B 49 -24.32 12.50 4.24
N GLN B 50 -23.11 12.79 3.77
CA GLN B 50 -22.57 12.06 2.62
C GLN B 50 -22.33 10.59 2.96
N LEU B 51 -21.87 10.31 4.18
CA LEU B 51 -21.73 8.92 4.60
C LEU B 51 -23.07 8.18 4.59
N LEU B 52 -24.11 8.83 5.10
CA LEU B 52 -25.45 8.23 5.09
C LEU B 52 -25.93 7.97 3.67
N ALA B 53 -25.71 8.93 2.76
CA ALA B 53 -26.12 8.75 1.38
C ALA B 53 -25.39 7.59 0.72
N GLU B 54 -24.09 7.46 0.99
CA GLU B 54 -23.33 6.35 0.43
C GLU B 54 -23.85 5.01 0.92
N HIS B 55 -24.16 4.91 2.21
CA HIS B 55 -24.71 3.65 2.71
C HIS B 55 -26.06 3.33 2.07
N ALA B 56 -26.91 4.34 1.90
CA ALA B 56 -28.21 4.10 1.26
C ALA B 56 -28.04 3.61 -0.17
N ARG B 57 -27.11 4.22 -0.91
CA ARG B 57 -26.85 3.77 -2.28
C ARG B 57 -26.37 2.34 -2.31
N ASP B 58 -25.46 1.97 -1.39
CA ASP B 58 -24.94 0.60 -1.38
C ASP B 58 -26.04 -0.41 -1.06
N HIS B 59 -26.92 -0.09 -0.10
CA HIS B 59 -28.03 -0.98 0.21
C HIS B 59 -28.95 -1.15 -0.99
N THR B 60 -29.27 -0.04 -1.67
CA THR B 60 -30.14 -0.14 -2.85
C THR B 60 -29.51 -1.00 -3.93
N LEU B 61 -28.22 -0.79 -4.22
CA LEU B 61 -27.55 -1.59 -5.24
C LEU B 61 -27.52 -3.06 -4.86
N ARG B 62 -27.30 -3.36 -3.58
CA ARG B 62 -27.23 -4.77 -3.16
C ARG B 62 -28.57 -5.47 -3.29
N PHE B 63 -29.67 -4.80 -2.93
CA PHE B 63 -30.95 -5.51 -2.84
C PHE B 63 -31.97 -5.12 -3.89
N GLY B 64 -32.26 -3.82 -4.05
CA GLY B 64 -33.37 -3.44 -4.90
C GLY B 64 -34.71 -3.68 -4.24
N SER B 65 -35.70 -4.11 -5.01
CA SER B 65 -37.03 -4.40 -4.47
C SER B 65 -37.09 -5.74 -3.75
N LYS B 66 -35.95 -6.37 -3.49
CA LYS B 66 -35.93 -7.59 -2.70
C LYS B 66 -35.91 -7.31 -1.20
N SER B 67 -35.67 -6.05 -0.81
CA SER B 67 -35.64 -5.72 0.60
C SER B 67 -36.99 -5.17 1.06
N PRO B 68 -37.40 -5.47 2.29
CA PRO B 68 -38.69 -4.96 2.78
C PRO B 68 -38.71 -3.47 3.06
N PHE B 69 -37.54 -2.82 3.21
CA PHE B 69 -37.51 -1.38 3.39
C PHE B 69 -37.80 -0.64 2.09
N PHE B 70 -37.27 -1.13 0.98
CA PHE B 70 -37.56 -0.54 -0.32
C PHE B 70 -39.03 -0.67 -0.67
N ARG B 71 -39.63 -1.83 -0.38
CA ARG B 71 -41.01 -2.10 -0.74
C ARG B 71 -41.98 -1.17 -0.01
N LYS B 72 -41.71 -0.87 1.25
CA LYS B 72 -42.65 -0.09 2.05
C LYS B 72 -42.54 1.41 1.81
N TYR B 73 -41.47 1.87 1.15
CA TYR B 73 -41.30 3.29 0.87
C TYR B 73 -41.46 3.66 -0.60
N PHE B 74 -41.21 2.74 -1.53
CA PHE B 74 -41.27 3.06 -2.94
C PHE B 74 -42.27 2.23 -3.74
N GLY B 75 -42.68 1.06 -3.24
CA GLY B 75 -43.64 0.25 -3.96
C GLY B 75 -43.22 -1.20 -4.12
N ASN B 76 -44.20 -2.08 -4.30
CA ASN B 76 -43.91 -3.51 -4.30
C ASN B 76 -43.11 -3.94 -5.53
N GLU B 77 -43.40 -3.37 -6.70
CA GLU B 77 -42.71 -3.77 -7.92
C GLU B 77 -42.11 -2.57 -8.65
N THR B 78 -41.50 -1.64 -7.92
CA THR B 78 -40.93 -0.45 -8.52
C THR B 78 -39.47 -0.69 -8.91
N ALA B 79 -39.08 -0.10 -10.03
CA ALA B 79 -37.70 -0.19 -10.50
C ALA B 79 -36.82 0.80 -9.75
N SER B 80 -35.57 0.42 -9.52
CA SER B 80 -34.64 1.19 -8.70
C SER B 80 -33.50 1.71 -9.57
N ALA B 81 -33.71 2.83 -10.20
CA ALA B 81 -32.65 3.56 -10.89
C ALA B 81 -32.62 5.03 -10.49
N GLU B 82 -33.78 5.66 -10.32
CA GLU B 82 -33.83 7.06 -9.91
C GLU B 82 -33.34 7.23 -8.47
N VAL B 83 -33.65 6.27 -7.60
CA VAL B 83 -33.16 6.33 -6.21
C VAL B 83 -31.63 6.24 -6.18
N VAL B 84 -31.09 5.28 -6.93
CA VAL B 84 -29.64 5.12 -7.03
C VAL B 84 -29.01 6.40 -7.57
N GLY B 85 -29.60 6.97 -8.62
CA GLY B 85 -29.06 8.21 -9.18
C GLY B 85 -29.11 9.37 -8.22
N HIS B 86 -30.21 9.50 -7.47
CA HIS B 86 -30.33 10.57 -6.49
C HIS B 86 -29.24 10.47 -5.43
N PHE B 87 -29.01 9.27 -4.89
CA PHE B 87 -27.99 9.16 -3.85
C PHE B 87 -26.57 9.27 -4.42
N ASP B 88 -26.36 8.82 -5.66
CA ASP B 88 -25.06 8.95 -6.30
C ASP B 88 -24.73 10.40 -6.63
N ASN B 89 -25.73 11.22 -6.95
CA ASN B 89 -25.47 12.63 -7.18
C ASN B 89 -25.04 13.32 -5.89
N VAL B 90 -25.57 12.89 -4.75
CA VAL B 90 -25.13 13.44 -3.47
C VAL B 90 -23.70 12.99 -3.18
N VAL B 91 -23.40 11.71 -3.39
CA VAL B 91 -22.08 11.19 -3.02
C VAL B 91 -21.00 11.77 -3.92
N GLY B 92 -21.14 11.61 -5.23
CA GLY B 92 -20.14 12.12 -6.15
C GLY B 92 -20.70 12.93 -7.31
N ALA B 93 -20.34 14.20 -7.36
CA ALA B 93 -20.79 15.12 -8.39
C ALA B 93 -20.04 16.43 -8.17
N ASP B 94 -20.03 17.27 -9.21
CA ASP B 94 -19.33 18.55 -9.12
C ASP B 94 -20.12 19.50 -8.23
N LYS B 95 -19.47 20.03 -7.20
CA LYS B 95 -20.10 20.94 -6.25
C LYS B 95 -19.43 22.32 -6.25
N SER B 96 -18.87 22.71 -7.39
CA SER B 96 -18.07 23.93 -7.45
C SER B 96 -18.90 25.20 -7.49
N SER B 97 -20.21 25.09 -7.68
CA SER B 97 -21.09 26.26 -7.71
C SER B 97 -21.94 26.40 -6.45
N ILE B 98 -21.72 25.55 -5.45
CA ILE B 98 -22.52 25.51 -4.24
C ILE B 98 -21.73 26.18 -3.11
N LEU B 99 -22.43 26.87 -2.21
CA LEU B 99 -21.80 27.58 -1.11
C LEU B 99 -22.70 27.55 0.11
N PHE B 100 -22.09 27.38 1.28
CA PHE B 100 -22.77 27.45 2.57
C PHE B 100 -22.22 28.64 3.35
N LEU B 101 -23.11 29.47 3.87
CA LEU B 101 -22.73 30.74 4.50
C LEU B 101 -23.28 30.82 5.92
N CYS B 102 -22.56 31.56 6.76
CA CYS B 102 -22.97 31.80 8.13
C CYS B 102 -23.42 33.25 8.37
N ASP B 103 -23.57 34.03 7.31
CA ASP B 103 -24.01 35.42 7.41
C ASP B 103 -25.46 35.54 7.02
N ASP B 104 -26.24 36.22 7.87
CA ASP B 104 -27.67 36.40 7.64
C ASP B 104 -27.88 37.56 6.68
N LEU B 105 -27.76 37.30 5.39
CA LEU B 105 -27.87 38.35 4.38
C LEU B 105 -29.30 38.76 4.09
N ASP B 106 -30.26 37.84 4.22
CA ASP B 106 -31.65 38.12 3.89
C ASP B 106 -32.48 38.50 5.11
N ASP B 107 -31.85 38.61 6.29
CA ASP B 107 -32.51 39.04 7.52
C ASP B 107 -33.66 38.10 7.88
N LYS B 108 -33.33 36.83 8.05
CA LYS B 108 -34.32 35.81 8.37
C LYS B 108 -33.96 34.93 9.56
N CYS B 109 -32.75 35.03 10.11
CA CYS B 109 -32.41 34.26 11.30
C CYS B 109 -32.94 34.96 12.54
N LYS B 110 -34.22 35.31 12.53
CA LYS B 110 -34.87 35.95 13.67
C LYS B 110 -36.24 35.38 13.98
N ASN B 111 -36.83 34.59 13.08
CA ASN B 111 -38.09 33.92 13.38
C ASN B 111 -37.86 32.78 14.35
N ASP B 112 -38.92 32.42 15.08
CA ASP B 112 -38.81 31.37 16.07
C ASP B 112 -38.61 30.01 15.42
N GLY B 113 -37.59 29.28 15.87
CA GLY B 113 -37.37 27.93 15.41
C GLY B 113 -36.79 27.81 14.01
N TRP B 114 -36.14 28.85 13.50
CA TRP B 114 -35.52 28.81 12.19
C TRP B 114 -34.03 28.55 12.34
N ALA B 115 -33.55 27.45 11.77
CA ALA B 115 -32.14 27.08 11.82
C ALA B 115 -31.43 27.33 10.49
N GLY B 116 -32.14 27.81 9.48
CA GLY B 116 -31.56 28.06 8.18
C GLY B 116 -32.63 28.18 7.13
N TYR B 117 -32.21 28.59 5.94
CA TYR B 117 -33.16 28.74 4.85
C TYR B 117 -32.42 28.71 3.52
N TRP B 118 -33.18 28.37 2.47
CA TRP B 118 -32.70 28.41 1.09
C TRP B 118 -32.83 29.83 0.55
N ARG B 119 -31.84 30.26 -0.22
CA ARG B 119 -31.77 31.65 -0.66
C ARG B 119 -32.74 31.98 -1.78
N GLY B 120 -33.40 30.99 -2.38
CA GLY B 120 -34.42 31.25 -3.38
C GLY B 120 -33.91 31.13 -4.79
N SER B 121 -34.79 31.52 -5.72
CA SER B 121 -34.51 31.35 -7.14
C SER B 121 -33.42 32.29 -7.66
N ASN B 122 -33.25 33.46 -7.05
CA ASN B 122 -32.20 34.38 -7.50
C ASN B 122 -30.81 33.80 -7.26
N HIS B 123 -30.61 33.13 -6.14
CA HIS B 123 -29.37 32.42 -5.83
C HIS B 123 -29.76 31.00 -5.41
N SER B 124 -29.88 30.11 -6.39
CA SER B 124 -30.46 28.79 -6.19
C SER B 124 -29.45 27.76 -5.72
N ASP B 125 -28.19 28.13 -5.50
CA ASP B 125 -27.17 27.19 -5.04
C ASP B 125 -26.54 27.64 -3.72
N GLN B 126 -27.28 28.43 -2.93
CA GLN B 126 -26.75 28.98 -1.68
C GLN B 126 -27.70 28.70 -0.53
N THR B 127 -27.14 28.48 0.65
CA THR B 127 -27.90 28.19 1.86
C THR B 127 -27.28 28.95 3.03
N ILE B 128 -28.14 29.45 3.92
CA ILE B 128 -27.72 30.15 5.13
C ILE B 128 -27.97 29.25 6.32
N ILE B 129 -27.04 29.26 7.28
CA ILE B 129 -27.15 28.48 8.51
C ILE B 129 -27.20 29.43 9.69
N CYS B 130 -28.25 29.34 10.49
CA CYS B 130 -28.40 30.20 11.66
C CYS B 130 -27.70 29.57 12.86
N ASP B 131 -27.86 30.16 14.04
CA ASP B 131 -27.13 29.74 15.23
C ASP B 131 -27.85 28.66 16.04
N LEU B 132 -29.11 28.36 15.74
CA LEU B 132 -29.80 27.28 16.43
C LEU B 132 -29.23 25.91 16.05
N SER B 133 -28.68 25.80 14.84
CA SER B 133 -28.14 24.53 14.37
C SER B 133 -26.97 24.08 15.23
N PHE B 134 -26.11 25.00 15.63
CA PHE B 134 -24.96 24.68 16.45
C PHE B 134 -25.32 24.42 17.91
N VAL B 135 -26.61 24.39 18.23
CA VAL B 135 -27.05 24.18 19.62
C VAL B 135 -27.96 22.97 19.70
N THR B 136 -28.66 22.65 18.61
CA THR B 136 -29.69 21.62 18.66
C THR B 136 -29.36 20.32 17.94
N ARG B 137 -28.44 20.32 16.97
CA ARG B 137 -28.23 19.17 16.11
C ARG B 137 -27.36 18.12 16.79
N ARG B 138 -27.62 16.85 16.48
CA ARG B 138 -26.97 15.70 17.09
C ARG B 138 -26.11 14.96 16.06
N TYR B 139 -25.41 13.93 16.55
CA TYR B 139 -24.43 13.20 15.75
C TYR B 139 -24.83 11.73 15.64
N LEU B 140 -24.34 11.08 14.58
CA LEU B 140 -24.77 9.73 14.24
C LEU B 140 -24.38 8.68 15.27
N THR B 141 -23.44 8.99 16.16
CA THR B 141 -23.09 8.04 17.22
C THR B 141 -24.18 7.94 18.28
N GLN B 142 -25.11 8.89 18.32
CA GLN B 142 -26.19 8.92 19.30
C GLN B 142 -27.54 8.52 18.71
N LEU B 143 -27.54 7.81 17.58
CA LEU B 143 -28.78 7.46 16.92
C LEU B 143 -29.53 6.38 17.71
N CYS B 144 -30.86 6.49 17.72
CA CYS B 144 -31.76 5.57 18.42
C CYS B 144 -31.60 5.62 19.94
N SER B 145 -31.11 6.73 20.48
CA SER B 145 -30.93 6.88 21.91
C SER B 145 -31.80 8.01 22.42
N SER B 146 -32.00 8.03 23.75
CA SER B 146 -32.79 9.05 24.44
C SER B 146 -34.25 9.05 23.97
N GLY B 147 -34.77 7.90 23.59
CA GLY B 147 -36.16 7.78 23.18
C GLY B 147 -36.43 8.08 21.72
N TYR B 148 -35.40 8.21 20.89
CA TYR B 148 -35.61 8.51 19.48
C TYR B 148 -36.11 7.29 18.72
N THR B 149 -37.13 7.52 17.89
CA THR B 149 -37.60 6.52 16.92
C THR B 149 -37.72 7.18 15.57
N VAL B 150 -37.49 6.40 14.51
CA VAL B 150 -37.49 6.96 13.16
C VAL B 150 -38.87 7.46 12.77
N SER B 151 -39.91 6.66 13.05
CA SER B 151 -41.24 6.97 12.54
C SER B 151 -42.00 7.98 13.41
N LYS B 152 -41.60 8.16 14.67
CA LYS B 152 -42.34 8.99 15.59
C LYS B 152 -41.66 10.32 15.91
N SER B 153 -40.38 10.47 15.58
CA SER B 153 -39.66 11.71 15.83
C SER B 153 -39.52 12.50 14.53
N LYS B 154 -39.00 13.72 14.66
CA LYS B 154 -38.81 14.58 13.51
C LYS B 154 -37.56 14.19 12.74
N THR B 155 -37.58 14.48 11.44
CA THR B 155 -36.52 14.14 10.52
C THR B 155 -35.24 14.95 10.73
N ASN B 156 -35.35 16.20 11.18
CA ASN B 156 -34.23 17.12 11.26
C ASN B 156 -33.58 17.17 12.65
N ILE B 157 -33.69 16.09 13.44
CA ILE B 157 -33.08 16.09 14.75
C ILE B 157 -31.57 15.89 14.66
N PHE B 158 -31.10 15.19 13.63
CA PHE B 158 -29.68 14.94 13.44
C PHE B 158 -29.13 15.77 12.29
N TRP B 159 -27.81 15.94 12.27
CA TRP B 159 -27.16 16.71 11.21
C TRP B 159 -27.43 16.10 9.84
N ALA B 160 -27.30 14.78 9.72
CA ALA B 160 -27.37 14.13 8.41
C ALA B 160 -28.75 14.29 7.78
N GLY B 161 -29.81 13.99 8.54
CA GLY B 161 -31.15 14.13 8.02
C GLY B 161 -31.59 15.56 7.82
N ASP B 162 -31.00 16.50 8.56
CA ASP B 162 -31.31 17.91 8.37
C ASP B 162 -30.64 18.49 7.14
N LEU B 163 -29.43 18.02 6.81
CA LEU B 163 -28.72 18.51 5.63
C LEU B 163 -29.12 17.78 4.35
N LEU B 164 -29.59 16.53 4.45
CA LEU B 164 -30.14 15.87 3.27
C LEU B 164 -31.35 16.63 2.73
N HIS B 165 -32.16 17.21 3.62
CA HIS B 165 -33.31 18.01 3.20
C HIS B 165 -32.87 19.30 2.51
N ARG B 166 -31.77 19.89 2.95
CA ARG B 166 -31.27 21.09 2.30
C ARG B 166 -30.64 20.79 0.94
N PHE B 167 -30.05 19.60 0.78
CA PHE B 167 -29.45 19.25 -0.50
C PHE B 167 -30.49 19.17 -1.62
N TRP B 168 -31.72 18.76 -1.31
CA TRP B 168 -32.73 18.57 -2.35
C TRP B 168 -33.22 19.88 -2.96
N HIS B 169 -32.99 21.02 -2.32
CA HIS B 169 -33.45 22.30 -2.87
C HIS B 169 -32.46 22.93 -3.83
N LEU B 170 -31.21 22.48 -3.83
CA LEU B 170 -30.20 23.08 -4.70
C LEU B 170 -30.45 22.71 -6.15
N LYS B 171 -30.08 23.62 -7.05
CA LYS B 171 -30.29 23.39 -8.47
C LYS B 171 -29.38 22.29 -9.02
N SER B 172 -28.17 22.18 -8.50
CA SER B 172 -27.20 21.22 -9.02
C SER B 172 -27.44 19.80 -8.50
N ILE B 173 -28.24 19.64 -7.45
CA ILE B 173 -28.48 18.32 -6.89
C ILE B 173 -29.93 17.91 -7.14
N GLY B 174 -30.87 18.73 -6.70
CA GLY B 174 -32.28 18.44 -6.87
C GLY B 174 -32.75 18.49 -8.31
N GLN B 175 -32.27 19.48 -9.06
CA GLN B 175 -32.58 19.64 -10.49
C GLN B 175 -34.07 19.85 -10.72
N LEU B 176 -34.76 20.46 -9.76
CA LEU B 176 -36.16 20.90 -9.89
C LEU B 176 -37.10 19.73 -10.17
N VAL B 177 -36.85 18.57 -9.55
CA VAL B 177 -37.79 17.46 -9.65
C VAL B 177 -38.19 16.89 -8.30
N ILE B 178 -37.43 17.12 -7.22
CA ILE B 178 -37.79 16.61 -5.90
C ILE B 178 -38.66 17.65 -5.21
N GLU B 179 -39.85 17.24 -4.76
CA GLU B 179 -40.80 18.16 -4.15
C GLU B 179 -41.37 17.60 -2.85
N HIS B 180 -42.32 18.32 -2.26
CA HIS B 180 -43.01 17.91 -1.04
C HIS B 180 -44.40 17.42 -1.41
N TYR B 181 -44.53 16.13 -1.71
CA TYR B 181 -45.82 15.52 -2.03
C TYR B 181 -46.48 14.88 -0.81
N ALA B 182 -45.72 14.58 0.23
CA ALA B 182 -46.25 13.99 1.46
C ALA B 182 -45.28 14.24 2.60
N ASP B 183 -45.79 14.56 3.79
CA ASP B 183 -44.95 14.98 4.90
C ASP B 183 -45.02 14.05 6.11
N THR B 184 -46.20 13.60 6.49
CA THR B 184 -46.34 12.73 7.64
C THR B 184 -46.01 11.29 7.27
N TYR B 185 -45.80 10.47 8.29
CA TYR B 185 -45.43 9.07 8.08
C TYR B 185 -46.55 8.30 7.39
N GLU B 186 -47.80 8.51 7.81
CA GLU B 186 -48.92 7.78 7.23
C GLU B 186 -49.15 8.18 5.79
N GLU B 187 -49.04 9.47 5.46
CA GLU B 187 -49.17 9.89 4.08
C GLU B 187 -48.06 9.33 3.21
N VAL B 188 -46.84 9.27 3.76
CA VAL B 188 -45.71 8.69 3.02
C VAL B 188 -45.97 7.21 2.75
N LEU B 189 -46.53 6.50 3.73
CA LEU B 189 -46.84 5.09 3.53
C LEU B 189 -47.95 4.89 2.51
N GLU B 190 -48.93 5.79 2.49
CA GLU B 190 -50.02 5.69 1.51
C GLU B 190 -49.52 5.98 0.10
N LEU B 191 -48.61 6.94 -0.04
CA LEU B 191 -48.11 7.33 -1.36
C LEU B 191 -47.37 6.19 -2.05
N ALA B 192 -46.65 5.37 -1.30
CA ALA B 192 -45.87 4.29 -1.91
C ALA B 192 -46.77 3.30 -2.63
N GLN B 193 -47.90 2.96 -2.02
CA GLN B 193 -48.83 2.00 -2.64
C GLN B 193 -49.80 2.66 -3.61
N GLU B 194 -50.07 3.97 -3.46
CA GLU B 194 -51.08 4.60 -4.30
C GLU B 194 -50.47 5.20 -5.56
N ASN B 195 -49.43 6.02 -5.42
CA ASN B 195 -48.83 6.75 -6.53
C ASN B 195 -47.31 6.50 -6.52
N SER B 196 -46.89 5.43 -7.17
CA SER B 196 -45.50 5.01 -7.12
C SER B 196 -44.58 5.87 -7.99
N THR B 197 -45.12 6.63 -8.94
CA THR B 197 -44.28 7.44 -9.81
C THR B 197 -43.75 8.69 -9.11
N TYR B 198 -44.52 9.25 -8.18
CA TYR B 198 -44.10 10.43 -7.45
C TYR B 198 -43.49 10.12 -6.09
N ALA B 199 -43.50 8.84 -5.67
CA ALA B 199 -42.87 8.47 -4.41
C ALA B 199 -41.35 8.50 -4.52
N VAL B 200 -40.80 8.21 -5.70
CA VAL B 200 -39.35 8.17 -5.88
C VAL B 200 -38.74 9.56 -5.99
N ARG B 201 -39.55 10.61 -6.09
CA ARG B 201 -39.07 11.99 -6.11
C ARG B 201 -39.74 12.81 -5.02
N ASN B 202 -40.01 12.19 -3.87
CA ASN B 202 -40.59 12.85 -2.72
C ASN B 202 -39.51 13.01 -1.64
N SER B 203 -39.45 14.21 -1.05
CA SER B 203 -38.33 14.55 -0.17
C SER B 203 -38.27 13.65 1.05
N ASN B 204 -39.41 13.39 1.69
CA ASN B 204 -39.41 12.70 2.97
C ASN B 204 -39.23 11.19 2.85
N SER B 205 -39.69 10.60 1.74
CA SER B 205 -39.55 9.16 1.56
C SER B 205 -38.08 8.75 1.52
N LEU B 206 -37.26 9.52 0.81
CA LEU B 206 -35.85 9.19 0.70
C LEU B 206 -35.15 9.27 2.06
N ILE B 207 -35.46 10.30 2.85
CA ILE B 207 -34.82 10.45 4.15
C ILE B 207 -35.27 9.34 5.11
N TYR B 208 -36.56 9.00 5.09
CA TYR B 208 -37.04 7.91 5.93
C TYR B 208 -36.35 6.60 5.56
N TYR B 209 -36.23 6.32 4.26
CA TYR B 209 -35.58 5.10 3.80
C TYR B 209 -34.12 5.06 4.23
N ALA B 210 -33.40 6.17 4.08
CA ALA B 210 -32.00 6.22 4.45
C ALA B 210 -31.80 5.99 5.95
N LEU B 211 -32.58 6.69 6.77
CA LEU B 211 -32.45 6.54 8.22
C LEU B 211 -32.78 5.10 8.65
N ASP B 212 -33.84 4.53 8.08
CA ASP B 212 -34.24 3.18 8.44
C ASP B 212 -33.15 2.16 8.11
N VAL B 213 -32.63 2.21 6.88
CA VAL B 213 -31.63 1.23 6.51
C VAL B 213 -30.33 1.42 7.30
N TYR B 214 -29.94 2.65 7.60
CA TYR B 214 -28.74 2.84 8.41
C TYR B 214 -28.92 2.28 9.82
N ALA B 215 -30.06 2.58 10.46
CA ALA B 215 -30.29 2.07 11.81
C ALA B 215 -30.40 0.56 11.84
N TYR B 216 -30.94 -0.04 10.77
CA TYR B 216 -31.05 -1.50 10.74
C TYR B 216 -29.69 -2.17 10.50
N ASP B 217 -28.86 -1.58 9.64
CA ASP B 217 -27.61 -2.23 9.26
C ASP B 217 -26.45 -1.97 10.23
N VAL B 218 -26.36 -0.78 10.82
CA VAL B 218 -25.17 -0.37 11.57
C VAL B 218 -25.47 -0.18 13.05
N THR B 219 -26.44 0.68 13.38
CA THR B 219 -26.61 1.10 14.77
C THR B 219 -27.02 -0.07 15.67
N ILE B 220 -28.07 -0.80 15.28
CA ILE B 220 -28.51 -1.98 16.02
C ILE B 220 -28.65 -3.12 15.04
N PRO B 221 -27.58 -3.86 14.75
CA PRO B 221 -27.61 -4.84 13.66
C PRO B 221 -28.69 -5.90 13.85
N GLY B 222 -29.61 -5.96 12.89
CA GLY B 222 -30.68 -6.94 12.90
C GLY B 222 -31.99 -6.47 13.48
N GLU B 223 -32.01 -5.35 14.20
CA GLU B 223 -33.23 -4.88 14.86
C GLU B 223 -33.70 -3.52 14.37
N GLY B 224 -32.83 -2.50 14.40
CA GLY B 224 -33.25 -1.15 14.06
C GLY B 224 -34.01 -0.48 15.20
N CYS B 225 -34.48 0.73 14.93
CA CYS B 225 -35.26 1.49 15.91
C CYS B 225 -36.44 2.20 15.24
N ASN B 226 -37.16 1.51 14.35
CA ASN B 226 -38.31 2.12 13.71
C ASN B 226 -39.40 2.47 14.71
N GLY B 227 -39.69 1.57 15.65
CA GLY B 227 -40.68 1.83 16.67
C GLY B 227 -42.12 1.90 16.18
N ASP B 228 -42.50 1.04 15.23
CA ASP B 228 -43.89 0.97 14.78
C ASP B 228 -44.45 -0.45 14.84
N GLY B 229 -43.68 -1.42 15.34
CA GLY B 229 -44.18 -2.77 15.53
C GLY B 229 -43.92 -3.72 14.37
N THR B 230 -42.77 -3.58 13.72
CA THR B 230 -42.38 -4.47 12.65
C THR B 230 -41.02 -5.06 12.95
N SER B 231 -40.84 -6.33 12.60
CA SER B 231 -39.56 -7.01 12.75
C SER B 231 -39.28 -7.80 11.47
N TYR B 232 -38.11 -7.56 10.88
CA TYR B 232 -37.72 -8.19 9.63
C TYR B 232 -36.54 -9.13 9.88
N LYS B 233 -36.64 -10.34 9.37
CA LYS B 233 -35.59 -11.35 9.50
C LYS B 233 -34.92 -11.56 8.16
N LYS B 234 -33.93 -12.47 8.14
CA LYS B 234 -33.20 -12.74 6.92
C LYS B 234 -34.09 -13.32 5.83
N SER B 235 -35.14 -14.05 6.22
CA SER B 235 -36.05 -14.63 5.24
C SER B 235 -36.87 -13.57 4.52
N ASP B 236 -36.97 -12.36 5.08
CA ASP B 236 -37.71 -11.29 4.44
C ASP B 236 -36.93 -10.63 3.30
N PHE B 237 -35.63 -10.85 3.23
CA PHE B 237 -34.78 -10.22 2.21
C PHE B 237 -34.65 -11.07 0.95
N SER B 238 -35.40 -12.16 0.84
CA SER B 238 -35.35 -13.00 -0.35
C SER B 238 -36.67 -12.93 -1.11
N TYR C 18 7.96 -17.75 23.13
CA TYR C 18 6.75 -17.02 23.48
C TYR C 18 6.64 -15.72 22.68
N ASP C 19 5.74 -15.72 21.70
CA ASP C 19 5.49 -14.53 20.88
C ASP C 19 4.43 -13.70 21.59
N TRP C 20 4.87 -12.69 22.34
CA TRP C 20 3.96 -11.84 23.09
C TRP C 20 3.42 -10.67 22.27
N ARG C 21 3.87 -10.50 21.03
CA ARG C 21 3.30 -9.47 20.17
C ARG C 21 1.96 -9.87 19.58
N ALA C 22 1.63 -11.15 19.56
CA ALA C 22 0.36 -11.64 19.07
C ALA C 22 -0.69 -11.74 20.18
N ASP C 23 -0.33 -11.41 21.41
CA ASP C 23 -1.25 -11.45 22.54
C ASP C 23 -1.49 -10.07 23.14
N TRP C 24 -1.07 -9.01 22.44
CA TRP C 24 -1.07 -7.65 22.98
C TRP C 24 -2.43 -7.00 22.73
N VAL C 25 -3.05 -6.50 23.80
CA VAL C 25 -4.33 -5.82 23.74
C VAL C 25 -4.10 -4.36 24.12
N LYS C 26 -4.44 -3.45 23.21
CA LYS C 26 -4.17 -2.03 23.39
C LYS C 26 -5.42 -1.17 23.50
N GLY C 27 -6.61 -1.79 23.52
CA GLY C 27 -7.84 -1.05 23.72
C GLY C 27 -8.50 -1.38 25.05
N PHE C 28 -9.41 -0.54 25.50
CA PHE C 28 -10.08 -0.76 26.78
C PHE C 28 -11.30 -1.66 26.59
N PRO C 29 -11.35 -2.82 27.25
CA PRO C 29 -12.51 -3.71 27.08
C PRO C 29 -13.76 -3.16 27.77
N ILE C 30 -14.91 -3.54 27.21
CA ILE C 30 -16.23 -3.17 27.72
C ILE C 30 -17.01 -4.43 28.01
N ASP C 31 -17.68 -4.46 29.16
CA ASP C 31 -18.46 -5.63 29.57
C ASP C 31 -19.70 -5.79 28.69
N SER C 32 -20.37 -6.92 28.86
CA SER C 32 -21.60 -7.21 28.15
C SER C 32 -22.84 -6.64 28.82
N SER C 33 -22.67 -5.96 29.96
CA SER C 33 -23.80 -5.33 30.64
C SER C 33 -24.38 -4.19 29.83
N CYS C 34 -23.57 -3.52 29.01
CA CYS C 34 -24.04 -2.43 28.18
C CYS C 34 -24.76 -2.97 26.95
N ASN C 35 -25.89 -2.36 26.60
CA ASN C 35 -26.63 -2.75 25.41
C ASN C 35 -25.99 -2.13 24.18
N ALA C 36 -26.70 -2.19 23.04
CA ALA C 36 -26.13 -1.72 21.78
C ALA C 36 -25.88 -0.22 21.79
N THR C 37 -26.78 0.56 22.37
CA THR C 37 -26.69 2.01 22.35
C THR C 37 -25.62 2.58 23.28
N GLN C 38 -25.49 2.05 24.50
CA GLN C 38 -24.47 2.53 25.43
C GLN C 38 -23.06 2.23 24.92
N TYR C 39 -22.89 1.07 24.30
CA TYR C 39 -21.59 0.67 23.76
C TYR C 39 -21.10 1.65 22.70
N ASN C 40 -22.00 2.10 21.82
CA ASN C 40 -21.62 2.97 20.72
C ASN C 40 -20.99 4.27 21.21
N GLN C 41 -21.59 4.88 22.23
CA GLN C 41 -21.07 6.13 22.78
C GLN C 41 -19.85 5.92 23.67
N LEU C 42 -19.83 4.84 24.46
CA LEU C 42 -18.68 4.59 25.32
C LEU C 42 -17.42 4.33 24.50
N SER C 43 -17.53 3.59 23.40
CA SER C 43 -16.37 3.32 22.56
C SER C 43 -15.80 4.59 21.97
N THR C 44 -16.67 5.49 21.48
CA THR C 44 -16.21 6.75 20.92
C THR C 44 -15.53 7.60 21.99
N GLY C 45 -16.08 7.65 23.20
CA GLY C 45 -15.43 8.38 24.27
C GLY C 45 -14.03 7.87 24.57
N LEU C 46 -13.89 6.53 24.66
CA LEU C 46 -12.58 5.96 24.94
C LEU C 46 -11.58 6.25 23.83
N GLN C 47 -12.03 6.17 22.57
CA GLN C 47 -11.14 6.46 21.45
C GLN C 47 -10.68 7.91 21.47
N GLU C 48 -11.59 8.84 21.78
CA GLU C 48 -11.21 10.25 21.83
C GLU C 48 -10.23 10.52 22.96
N ALA C 49 -10.42 9.87 24.12
CA ALA C 49 -9.45 10.04 25.20
C ALA C 49 -8.06 9.54 24.80
N GLN C 50 -8.00 8.39 24.13
CA GLN C 50 -6.71 7.87 23.68
C GLN C 50 -6.07 8.78 22.65
N LEU C 51 -6.86 9.35 21.74
CA LEU C 51 -6.33 10.28 20.75
C LEU C 51 -5.75 11.53 21.41
N LEU C 52 -6.44 12.05 22.42
CA LEU C 52 -5.92 13.21 23.15
C LEU C 52 -4.60 12.89 23.83
N ALA C 53 -4.50 11.71 24.45
CA ALA C 53 -3.24 11.31 25.08
C ALA C 53 -2.11 11.21 24.06
N GLU C 54 -2.41 10.66 22.88
CA GLU C 54 -1.39 10.55 21.84
C GLU C 54 -0.89 11.91 21.38
N HIS C 55 -1.80 12.87 21.19
CA HIS C 55 -1.36 14.20 20.77
C HIS C 55 -0.51 14.86 21.85
N ALA C 56 -0.88 14.70 23.12
CA ALA C 56 -0.07 15.26 24.20
C ALA C 56 1.33 14.66 24.21
N ARG C 57 1.43 13.35 24.01
CA ARG C 57 2.74 12.71 23.95
C ARG C 57 3.58 13.26 22.79
N ASP C 58 2.96 13.44 21.63
CA ASP C 58 3.72 13.94 20.48
C ASP C 58 4.21 15.38 20.70
N HIS C 59 3.36 16.23 21.29
CA HIS C 59 3.79 17.60 21.59
C HIS C 59 4.96 17.60 22.57
N THR C 60 4.89 16.76 23.60
CA THR C 60 5.99 16.68 24.56
C THR C 60 7.27 16.22 23.88
N LEU C 61 7.19 15.18 23.06
CA LEU C 61 8.38 14.67 22.37
C LEU C 61 8.98 15.72 21.46
N ARG C 62 8.15 16.51 20.78
CA ARG C 62 8.68 17.52 19.86
C ARG C 62 9.36 18.66 20.61
N PHE C 63 8.79 19.12 21.72
CA PHE C 63 9.30 20.36 22.31
C PHE C 63 10.01 20.20 23.64
N GLY C 64 9.47 19.45 24.60
CA GLY C 64 10.06 19.43 25.92
C GLY C 64 9.86 20.72 26.67
N SER C 65 10.90 21.20 27.35
CA SER C 65 10.80 22.44 28.12
C SER C 65 10.97 23.69 27.25
N LYS C 66 10.94 23.55 25.92
CA LYS C 66 10.96 24.71 25.04
C LYS C 66 9.57 25.25 24.74
N SER C 67 8.52 24.56 25.17
CA SER C 67 7.20 25.13 24.93
C SER C 67 6.69 25.85 26.19
N PRO C 68 5.98 26.96 26.02
CA PRO C 68 5.46 27.68 27.21
C PRO C 68 4.40 26.92 27.99
N PHE C 69 3.68 25.99 27.38
CA PHE C 69 2.67 25.23 28.12
C PHE C 69 3.33 24.26 29.10
N PHE C 70 4.34 23.52 28.64
CA PHE C 70 5.11 22.67 29.54
C PHE C 70 5.73 23.48 30.66
N ARG C 71 6.28 24.65 30.32
CA ARG C 71 6.90 25.51 31.32
C ARG C 71 5.91 26.00 32.37
N LYS C 72 4.68 26.35 31.96
CA LYS C 72 3.71 26.88 32.91
C LYS C 72 2.98 25.80 33.69
N TYR C 73 2.97 24.55 33.21
CA TYR C 73 2.29 23.49 33.97
C TYR C 73 3.20 22.60 34.77
N PHE C 74 4.48 22.47 34.40
CA PHE C 74 5.36 21.51 35.06
C PHE C 74 6.62 22.11 35.66
N GLY C 75 7.00 23.32 35.28
CA GLY C 75 8.20 23.95 35.79
C GLY C 75 9.07 24.49 34.66
N ASN C 76 9.87 25.49 34.99
CA ASN C 76 10.64 26.19 33.97
C ASN C 76 11.72 25.29 33.35
N GLU C 77 12.35 24.44 34.15
CA GLU C 77 13.44 23.60 33.66
C GLU C 77 13.29 22.16 34.17
N THR C 78 12.09 21.60 34.08
CA THR C 78 11.85 20.22 34.46
C THR C 78 12.16 19.28 33.30
N ALA C 79 12.56 18.06 33.64
CA ALA C 79 12.88 17.03 32.64
C ALA C 79 11.61 16.27 32.27
N SER C 80 11.47 15.99 30.97
CA SER C 80 10.27 15.35 30.42
C SER C 80 10.56 13.89 30.11
N ALA C 81 10.49 13.06 31.15
CA ALA C 81 10.49 11.61 30.97
C ALA C 81 9.26 10.96 31.57
N GLU C 82 8.90 11.33 32.80
CA GLU C 82 7.68 10.81 33.41
C GLU C 82 6.44 11.28 32.66
N VAL C 83 6.44 12.53 32.19
CA VAL C 83 5.30 13.05 31.45
C VAL C 83 5.08 12.27 30.16
N VAL C 84 6.18 11.97 29.46
CA VAL C 84 6.09 11.14 28.26
C VAL C 84 5.62 9.74 28.61
N GLY C 85 6.14 9.16 29.70
CA GLY C 85 5.80 7.80 30.05
C GLY C 85 4.34 7.61 30.43
N HIS C 86 3.76 8.59 31.14
CA HIS C 86 2.35 8.48 31.53
C HIS C 86 1.44 8.40 30.30
N PHE C 87 1.62 9.33 29.36
CA PHE C 87 0.78 9.35 28.17
C PHE C 87 1.06 8.15 27.26
N ASP C 88 2.32 7.69 27.20
CA ASP C 88 2.62 6.49 26.42
C ASP C 88 1.99 5.26 27.03
N ASN C 89 1.95 5.18 28.36
CA ASN C 89 1.26 4.08 29.04
C ASN C 89 -0.24 4.11 28.74
N VAL C 90 -0.82 5.31 28.71
CA VAL C 90 -2.24 5.40 28.35
C VAL C 90 -2.46 4.94 26.91
N VAL C 91 -1.59 5.35 25.99
CA VAL C 91 -1.79 5.04 24.58
C VAL C 91 -1.58 3.56 24.31
N GLY C 92 -0.37 3.07 24.55
CA GLY C 92 -0.09 1.66 24.27
C GLY C 92 0.42 0.89 25.47
N ALA C 93 -0.38 -0.04 25.95
CA ALA C 93 -0.03 -0.90 27.08
C ALA C 93 -1.06 -2.03 27.10
N ASP C 94 -0.75 -3.08 27.86
CA ASP C 94 -1.62 -4.25 27.92
C ASP C 94 -2.82 -3.91 28.81
N LYS C 95 -3.96 -3.65 28.18
CA LYS C 95 -5.22 -3.41 28.89
C LYS C 95 -6.04 -4.69 29.01
N SER C 96 -5.44 -5.75 29.54
CA SER C 96 -6.09 -7.05 29.52
C SER C 96 -6.89 -7.36 30.78
N SER C 97 -6.60 -6.70 31.89
CA SER C 97 -7.33 -6.91 33.13
C SER C 97 -8.27 -5.76 33.49
N ILE C 98 -8.45 -4.80 32.59
CA ILE C 98 -9.29 -3.64 32.83
C ILE C 98 -10.68 -3.92 32.27
N LEU C 99 -11.72 -3.52 33.01
CA LEU C 99 -13.09 -3.74 32.59
C LEU C 99 -13.94 -2.53 32.92
N PHE C 100 -14.79 -2.13 31.97
CA PHE C 100 -15.76 -1.06 32.15
C PHE C 100 -17.16 -1.68 32.15
N LEU C 101 -17.97 -1.32 33.14
CA LEU C 101 -19.28 -1.91 33.33
C LEU C 101 -20.37 -0.85 33.30
N CYS C 102 -21.55 -1.25 32.84
CA CYS C 102 -22.73 -0.40 32.82
C CYS C 102 -23.79 -0.82 33.83
N ASP C 103 -23.43 -1.69 34.77
CA ASP C 103 -24.37 -2.24 35.74
C ASP C 103 -23.98 -1.79 37.15
N ASP C 104 -24.95 -1.26 37.88
CA ASP C 104 -24.73 -0.75 39.24
C ASP C 104 -24.55 -1.95 40.17
N LEU C 105 -23.30 -2.20 40.58
CA LEU C 105 -22.99 -3.33 41.44
C LEU C 105 -22.84 -2.96 42.90
N ASP C 106 -22.44 -1.72 43.21
CA ASP C 106 -22.29 -1.27 44.58
C ASP C 106 -23.43 -0.37 45.03
N ASP C 107 -24.39 -0.07 44.16
CA ASP C 107 -25.55 0.77 44.47
C ASP C 107 -25.05 2.14 44.91
N LYS C 108 -24.47 2.87 43.96
CA LYS C 108 -23.96 4.21 44.20
C LYS C 108 -24.42 5.23 43.17
N CYS C 109 -25.06 4.82 42.08
CA CYS C 109 -25.55 5.79 41.09
C CYS C 109 -26.73 6.60 41.60
N LYS C 110 -27.30 6.23 42.76
CA LYS C 110 -28.41 6.99 43.34
C LYS C 110 -27.97 8.35 43.87
N ASN C 111 -26.67 8.58 44.03
CA ASN C 111 -26.19 9.87 44.50
C ASN C 111 -26.42 10.94 43.44
N ASP C 112 -26.49 12.19 43.89
CA ASP C 112 -26.79 13.31 43.02
C ASP C 112 -25.51 13.78 42.34
N GLY C 113 -25.54 13.84 41.01
CA GLY C 113 -24.39 14.31 40.25
C GLY C 113 -23.31 13.28 40.01
N TRP C 114 -23.54 12.02 40.35
CA TRP C 114 -22.55 10.97 40.14
C TRP C 114 -22.74 10.37 38.75
N ALA C 115 -21.70 10.46 37.92
CA ALA C 115 -21.69 9.86 36.60
C ALA C 115 -20.87 8.58 36.55
N GLY C 116 -20.38 8.11 37.69
CA GLY C 116 -19.58 6.90 37.74
C GLY C 116 -18.66 6.92 38.93
N TYR C 117 -18.02 5.77 39.17
CA TYR C 117 -17.12 5.65 40.30
C TYR C 117 -16.14 4.51 40.07
N TRP C 118 -15.06 4.53 40.85
CA TRP C 118 -14.06 3.49 40.87
C TRP C 118 -14.42 2.45 41.93
N ARG C 119 -14.28 1.17 41.59
CA ARG C 119 -14.80 0.11 42.45
C ARG C 119 -14.00 -0.07 43.73
N GLY C 120 -12.81 0.50 43.82
CA GLY C 120 -12.05 0.51 45.06
C GLY C 120 -10.86 -0.42 45.01
N SER C 121 -10.30 -0.68 46.19
CA SER C 121 -9.09 -1.49 46.30
C SER C 121 -9.34 -2.99 46.14
N ASN C 122 -10.55 -3.46 46.45
CA ASN C 122 -10.85 -4.88 46.25
C ASN C 122 -10.90 -5.22 44.77
N HIS C 123 -11.39 -4.28 43.95
CA HIS C 123 -11.41 -4.43 42.49
C HIS C 123 -10.74 -3.19 41.92
N SER C 124 -9.41 -3.23 41.80
CA SER C 124 -8.62 -2.07 41.46
C SER C 124 -8.60 -1.75 39.96
N ASP C 125 -9.18 -2.60 39.12
CA ASP C 125 -9.13 -2.41 37.68
C ASP C 125 -10.52 -2.40 37.06
N GLN C 126 -11.52 -1.92 37.80
CA GLN C 126 -12.89 -1.90 37.32
C GLN C 126 -13.52 -0.55 37.58
N THR C 127 -14.34 -0.09 36.63
CA THR C 127 -15.04 1.18 36.71
C THR C 127 -16.49 0.99 36.28
N ILE C 128 -17.38 1.77 36.88
CA ILE C 128 -18.80 1.71 36.59
C ILE C 128 -19.25 3.08 36.07
N ILE C 129 -20.11 3.06 35.05
CA ILE C 129 -20.60 4.27 34.40
C ILE C 129 -22.11 4.35 34.63
N CYS C 130 -22.57 5.47 35.20
CA CYS C 130 -23.99 5.68 35.41
C CYS C 130 -24.63 6.33 34.17
N ASP C 131 -25.92 6.62 34.26
CA ASP C 131 -26.69 7.07 33.10
C ASP C 131 -26.56 8.57 32.81
N LEU C 132 -26.04 9.36 33.75
CA LEU C 132 -25.86 10.79 33.50
C LEU C 132 -24.79 11.03 32.42
N SER C 133 -23.85 10.10 32.28
CA SER C 133 -22.76 10.26 31.32
C SER C 133 -23.29 10.32 29.90
N PHE C 134 -24.28 9.50 29.58
CA PHE C 134 -24.87 9.47 28.24
C PHE C 134 -25.79 10.65 27.97
N VAL C 135 -25.86 11.61 28.89
CA VAL C 135 -26.74 12.76 28.72
C VAL C 135 -25.93 14.06 28.79
N THR C 136 -24.83 14.06 29.53
CA THR C 136 -24.13 15.31 29.82
C THR C 136 -22.67 15.33 29.39
N ARG C 137 -22.30 14.59 28.34
CA ARG C 137 -20.92 14.57 27.86
C ARG C 137 -20.86 14.98 26.40
N ARG C 138 -19.87 15.79 26.06
CA ARG C 138 -19.71 16.36 24.73
C ARG C 138 -18.54 15.70 24.00
N TYR C 139 -18.40 16.05 22.72
CA TYR C 139 -17.40 15.44 21.84
C TYR C 139 -16.38 16.48 21.39
N LEU C 140 -15.23 15.98 20.92
CA LEU C 140 -14.07 16.82 20.63
C LEU C 140 -14.30 17.80 19.49
N THR C 141 -15.32 17.59 18.66
CA THR C 141 -15.62 18.54 17.60
C THR C 141 -16.29 19.82 18.11
N GLN C 142 -16.74 19.83 19.36
CA GLN C 142 -17.39 20.99 19.96
C GLN C 142 -16.52 21.69 20.98
N LEU C 143 -15.20 21.50 20.92
CA LEU C 143 -14.30 22.14 21.88
C LEU C 143 -14.26 23.64 21.66
N CYS C 144 -14.14 24.37 22.78
CA CYS C 144 -14.00 25.84 22.78
C CYS C 144 -15.23 26.54 22.22
N SER C 145 -16.41 25.91 22.34
CA SER C 145 -17.65 26.47 21.83
C SER C 145 -18.67 26.58 22.96
N SER C 146 -19.69 27.41 22.71
CA SER C 146 -20.77 27.66 23.68
C SER C 146 -20.25 28.30 24.97
N GLY C 147 -19.19 29.09 24.87
CA GLY C 147 -18.65 29.76 26.03
C GLY C 147 -17.68 28.96 26.86
N TYR C 148 -17.17 27.84 26.35
CA TYR C 148 -16.25 27.00 27.10
C TYR C 148 -14.83 27.54 27.02
N THR C 149 -14.14 27.55 28.17
CA THR C 149 -12.73 27.87 28.25
C THR C 149 -12.03 26.84 29.12
N VAL C 150 -10.77 26.57 28.81
CA VAL C 150 -10.02 25.55 29.56
C VAL C 150 -9.82 25.97 31.00
N SER C 151 -9.48 27.25 31.23
CA SER C 151 -9.13 27.71 32.56
C SER C 151 -10.34 27.91 33.47
N LYS C 152 -11.50 28.26 32.91
CA LYS C 152 -12.64 28.67 33.71
C LYS C 152 -13.73 27.61 33.85
N SER C 153 -13.68 26.53 33.08
CA SER C 153 -14.68 25.48 33.16
C SER C 153 -14.09 24.22 33.81
N LYS C 154 -14.97 23.30 34.16
CA LYS C 154 -14.55 22.03 34.75
C LYS C 154 -13.96 21.12 33.67
N THR C 155 -13.09 20.21 34.11
CA THR C 155 -12.35 19.36 33.18
C THR C 155 -13.10 18.11 32.76
N ASN C 156 -14.26 17.83 33.35
CA ASN C 156 -15.02 16.62 33.05
C ASN C 156 -16.23 16.89 32.15
N ILE C 157 -16.27 18.05 31.50
CA ILE C 157 -17.37 18.37 30.59
C ILE C 157 -17.35 17.50 29.34
N PHE C 158 -16.18 17.16 28.82
CA PHE C 158 -16.04 16.34 27.63
C PHE C 158 -15.72 14.90 28.00
N TRP C 159 -16.03 13.98 27.08
CA TRP C 159 -15.71 12.57 27.30
C TRP C 159 -14.21 12.36 27.51
N ALA C 160 -13.39 13.01 26.67
CA ALA C 160 -11.95 12.77 26.69
C ALA C 160 -11.33 13.23 28.00
N GLY C 161 -11.72 14.42 28.49
CA GLY C 161 -11.20 14.89 29.75
C GLY C 161 -11.74 14.20 30.97
N ASP C 162 -12.92 13.59 30.86
CA ASP C 162 -13.52 12.88 31.97
C ASP C 162 -12.96 11.47 32.12
N LEU C 163 -12.67 10.79 31.00
CA LEU C 163 -12.16 9.43 31.09
C LEU C 163 -10.68 9.39 31.46
N LEU C 164 -9.94 10.45 31.12
CA LEU C 164 -8.54 10.53 31.51
C LEU C 164 -8.40 10.53 33.03
N HIS C 165 -9.30 11.23 33.72
CA HIS C 165 -9.29 11.23 35.18
C HIS C 165 -9.58 9.85 35.74
N ARG C 166 -10.46 9.08 35.09
CA ARG C 166 -10.75 7.72 35.54
C ARG C 166 -9.58 6.78 35.28
N PHE C 167 -8.80 7.03 34.23
CA PHE C 167 -7.64 6.18 33.95
C PHE C 167 -6.61 6.24 35.07
N TRP C 168 -6.41 7.42 35.68
CA TRP C 168 -5.38 7.56 36.71
C TRP C 168 -5.68 6.76 37.97
N HIS C 169 -6.91 6.31 38.19
CA HIS C 169 -7.25 5.56 39.39
C HIS C 169 -6.97 4.07 39.24
N LEU C 170 -6.84 3.56 38.02
CA LEU C 170 -6.62 2.14 37.82
C LEU C 170 -5.19 1.75 38.17
N LYS C 171 -5.02 0.48 38.56
CA LYS C 171 -3.73 -0.02 39.03
C LYS C 171 -2.73 -0.24 37.90
N SER C 172 -3.19 -0.63 36.72
CA SER C 172 -2.28 -0.93 35.61
C SER C 172 -1.79 0.31 34.88
N ILE C 173 -2.35 1.49 35.16
CA ILE C 173 -1.98 2.73 34.49
C ILE C 173 -1.49 3.77 35.48
N GLY C 174 -2.29 4.05 36.51
CA GLY C 174 -1.85 4.98 37.55
C GLY C 174 -0.68 4.43 38.36
N GLN C 175 -0.70 3.13 38.66
CA GLN C 175 0.38 2.45 39.38
C GLN C 175 0.60 3.05 40.77
N LEU C 176 -0.44 3.64 41.34
CA LEU C 176 -0.44 4.12 42.74
C LEU C 176 0.56 5.25 42.96
N VAL C 177 0.81 6.06 41.93
CA VAL C 177 1.68 7.22 42.08
C VAL C 177 1.02 8.53 41.69
N ILE C 178 -0.11 8.54 40.99
CA ILE C 178 -0.80 9.77 40.62
C ILE C 178 -1.85 10.07 41.67
N GLU C 179 -1.79 11.26 42.26
CA GLU C 179 -2.71 11.64 43.33
C GLU C 179 -3.28 13.04 43.11
N HIS C 180 -4.12 13.49 44.03
CA HIS C 180 -4.72 14.83 43.99
C HIS C 180 -3.96 15.72 44.96
N TYR C 181 -3.01 16.50 44.44
CA TYR C 181 -2.27 17.47 45.24
C TYR C 181 -2.74 18.90 45.08
N ALA C 182 -3.43 19.21 43.98
CA ALA C 182 -3.93 20.56 43.73
C ALA C 182 -5.07 20.46 42.72
N ASP C 183 -6.22 21.05 43.05
CA ASP C 183 -7.42 20.91 42.24
C ASP C 183 -7.76 22.14 41.41
N THR C 184 -7.75 23.33 42.01
CA THR C 184 -8.14 24.51 41.26
C THR C 184 -7.00 24.97 40.34
N TYR C 185 -7.35 25.87 39.41
CA TYR C 185 -6.38 26.33 38.42
C TYR C 185 -5.24 27.09 39.07
N GLU C 186 -5.54 27.94 40.06
CA GLU C 186 -4.51 28.74 40.71
C GLU C 186 -3.54 27.88 41.51
N GLU C 187 -4.06 26.88 42.23
CA GLU C 187 -3.18 25.97 42.95
C GLU C 187 -2.32 25.15 41.99
N VAL C 188 -2.87 24.78 40.85
CA VAL C 188 -2.08 24.09 39.83
C VAL C 188 -0.95 24.98 39.34
N LEU C 189 -1.24 26.26 39.11
CA LEU C 189 -0.20 27.18 38.65
C LEU C 189 0.86 27.41 39.73
N GLU C 190 0.47 27.35 41.01
CA GLU C 190 1.44 27.51 42.09
C GLU C 190 2.32 26.27 42.26
N LEU C 191 1.74 25.08 42.14
CA LEU C 191 2.50 23.84 42.35
C LEU C 191 3.64 23.72 41.33
N ALA C 192 3.43 24.20 40.11
CA ALA C 192 4.47 24.11 39.08
C ALA C 192 5.71 24.89 39.48
N GLN C 193 5.53 26.09 40.02
CA GLN C 193 6.67 26.93 40.37
C GLN C 193 7.24 26.56 41.73
N GLU C 194 6.44 25.95 42.61
CA GLU C 194 6.91 25.68 43.97
C GLU C 194 7.50 24.28 44.11
N ASN C 195 6.73 23.25 43.77
CA ASN C 195 7.12 21.86 43.97
C ASN C 195 6.99 21.12 42.65
N SER C 196 8.05 21.16 41.84
CA SER C 196 8.01 20.54 40.51
C SER C 196 8.18 19.03 40.58
N THR C 197 8.65 18.50 41.70
CA THR C 197 8.77 17.04 41.84
C THR C 197 7.41 16.38 41.94
N TYR C 198 6.43 17.07 42.54
CA TYR C 198 5.11 16.49 42.71
C TYR C 198 4.11 16.94 41.65
N ALA C 199 4.43 17.97 40.87
CA ALA C 199 3.56 18.37 39.78
C ALA C 199 3.95 17.70 38.46
N VAL C 200 4.16 16.39 38.52
CA VAL C 200 4.31 15.56 37.33
C VAL C 200 3.47 14.31 37.55
N ARG C 201 3.02 14.14 38.79
CA ARG C 201 2.11 13.07 39.18
C ARG C 201 0.84 13.64 39.80
N ASN C 202 0.48 14.85 39.43
CA ASN C 202 -0.75 15.50 39.86
C ASN C 202 -1.82 15.30 38.79
N SER C 203 -3.01 14.90 39.22
CA SER C 203 -4.05 14.48 38.28
C SER C 203 -4.48 15.62 37.36
N ASN C 204 -4.68 16.81 37.93
CA ASN C 204 -5.28 17.89 37.15
C ASN C 204 -4.29 18.60 36.25
N SER C 205 -3.00 18.60 36.61
CA SER C 205 -2.00 19.26 35.78
C SER C 205 -1.91 18.61 34.41
N LEU C 206 -1.91 17.28 34.37
CA LEU C 206 -1.81 16.57 33.09
C LEU C 206 -3.03 16.82 32.21
N ILE C 207 -4.23 16.85 32.82
CA ILE C 207 -5.44 17.08 32.04
C ILE C 207 -5.47 18.50 31.49
N TYR C 208 -5.11 19.49 32.31
CA TYR C 208 -5.03 20.87 31.83
C TYR C 208 -4.03 21.00 30.69
N TYR C 209 -2.85 20.39 30.84
CA TYR C 209 -1.84 20.45 29.81
C TYR C 209 -2.33 19.85 28.49
N ALA C 210 -2.93 18.65 28.56
CA ALA C 210 -3.40 17.98 27.35
C ALA C 210 -4.48 18.79 26.65
N LEU C 211 -5.46 19.29 27.41
CA LEU C 211 -6.54 20.07 26.80
C LEU C 211 -6.00 21.34 26.17
N ASP C 212 -5.08 22.04 26.85
CA ASP C 212 -4.55 23.28 26.31
C ASP C 212 -3.77 23.06 25.03
N VAL C 213 -2.90 22.04 25.01
CA VAL C 213 -2.09 21.83 23.80
C VAL C 213 -2.96 21.36 22.64
N TYR C 214 -3.98 20.54 22.91
CA TYR C 214 -4.88 20.14 21.83
C TYR C 214 -5.64 21.33 21.27
N ALA C 215 -6.17 22.19 22.14
CA ALA C 215 -6.91 23.36 21.67
C ALA C 215 -6.01 24.30 20.88
N TYR C 216 -4.76 24.47 21.31
CA TYR C 216 -3.87 25.37 20.60
C TYR C 216 -3.43 24.81 19.26
N ASP C 217 -3.22 23.49 19.18
CA ASP C 217 -2.67 22.91 17.96
C ASP C 217 -3.72 22.57 16.90
N VAL C 218 -4.90 22.09 17.29
CA VAL C 218 -5.86 21.53 16.35
C VAL C 218 -7.11 22.39 16.24
N THR C 219 -7.76 22.69 17.37
CA THR C 219 -9.07 23.34 17.34
C THR C 219 -8.99 24.74 16.73
N ILE C 220 -8.21 25.63 17.35
CA ILE C 220 -8.01 26.98 16.83
C ILE C 220 -6.50 27.20 16.66
N PRO C 221 -5.93 26.87 15.50
CA PRO C 221 -4.47 26.89 15.36
C PRO C 221 -3.88 28.28 15.60
N GLY C 222 -2.96 28.35 16.57
CA GLY C 222 -2.24 29.56 16.88
C GLY C 222 -2.82 30.41 17.97
N GLU C 223 -4.07 30.18 18.37
CA GLU C 223 -4.70 30.97 19.40
C GLU C 223 -5.11 30.16 20.63
N GLY C 224 -5.88 29.09 20.45
CA GLY C 224 -6.40 28.34 21.58
C GLY C 224 -7.61 29.01 22.20
N CYS C 225 -8.08 28.41 23.29
CA CYS C 225 -9.25 28.91 24.02
C CYS C 225 -9.01 28.84 25.53
N ASN C 226 -7.83 29.24 25.99
CA ASN C 226 -7.53 29.17 27.42
C ASN C 226 -8.37 30.17 28.21
N GLY C 227 -8.56 31.38 27.67
CA GLY C 227 -9.39 32.38 28.31
C GLY C 227 -8.82 32.91 29.62
N ASP C 228 -7.51 33.11 29.66
CA ASP C 228 -6.83 33.58 30.87
C ASP C 228 -6.17 34.93 30.68
N GLY C 229 -5.67 35.25 29.49
CA GLY C 229 -5.06 36.54 29.24
C GLY C 229 -3.68 36.45 28.62
N THR C 230 -3.34 35.26 28.13
CA THR C 230 -2.03 34.99 27.55
C THR C 230 -2.19 34.64 26.08
N SER C 231 -1.27 35.15 25.26
CA SER C 231 -1.24 34.85 23.83
C SER C 231 0.20 34.51 23.46
N TYR C 232 0.42 33.28 23.00
CA TYR C 232 1.75 32.78 22.69
C TYR C 232 1.96 32.77 21.19
N LYS C 233 3.15 33.21 20.77
CA LYS C 233 3.53 33.29 19.37
C LYS C 233 4.57 32.23 19.06
N LYS C 234 5.01 32.21 17.80
CA LYS C 234 6.04 31.28 17.36
C LYS C 234 7.38 31.57 18.03
N SER C 235 7.62 32.83 18.44
CA SER C 235 8.88 33.18 19.08
C SER C 235 8.96 32.70 20.52
N ASP C 236 7.86 32.23 21.10
CA ASP C 236 7.88 31.68 22.44
C ASP C 236 8.30 30.22 22.49
N PHE C 237 8.43 29.58 21.34
CA PHE C 237 8.79 28.17 21.26
C PHE C 237 10.27 27.94 21.01
N SER C 238 11.08 28.98 21.09
CA SER C 238 12.52 28.85 20.88
C SER C 238 13.29 29.38 22.09
N TYR D 18 1.73 27.33 12.41
CA TYR D 18 3.07 26.76 12.48
C TYR D 18 3.00 25.24 12.53
N ASP D 19 3.32 24.59 11.41
CA ASP D 19 3.34 23.13 11.33
C ASP D 19 4.70 22.65 11.79
N TRP D 20 4.78 22.19 13.04
CA TRP D 20 6.03 21.66 13.57
C TRP D 20 6.22 20.18 13.28
N ARG D 21 5.28 19.54 12.61
CA ARG D 21 5.44 18.15 12.19
C ARG D 21 6.28 18.00 10.93
N ALA D 22 6.55 19.11 10.22
CA ALA D 22 7.33 19.06 8.99
C ALA D 22 8.83 19.07 9.24
N ASP D 23 9.30 20.00 10.08
CA ASP D 23 10.72 20.08 10.41
C ASP D 23 11.03 19.34 11.72
N TRP D 24 10.68 18.05 11.73
CA TRP D 24 10.90 17.18 12.87
C TRP D 24 12.00 16.19 12.51
N VAL D 25 13.16 16.34 13.14
CA VAL D 25 14.34 15.52 12.86
C VAL D 25 14.48 14.48 13.96
N LYS D 26 14.51 13.21 13.57
CA LYS D 26 14.57 12.11 14.52
C LYS D 26 15.87 11.30 14.45
N GLY D 27 16.69 11.53 13.43
CA GLY D 27 17.99 10.89 13.31
C GLY D 27 19.10 11.76 13.86
N PHE D 28 20.26 11.13 14.06
CA PHE D 28 21.41 11.82 14.63
C PHE D 28 22.29 12.40 13.52
N PRO D 29 22.45 13.73 13.46
CA PRO D 29 23.27 14.31 12.39
C PRO D 29 24.75 14.01 12.54
N ILE D 30 25.42 13.92 11.39
CA ILE D 30 26.85 13.65 11.32
C ILE D 30 27.52 14.80 10.57
N ASP D 31 28.64 15.27 11.10
CA ASP D 31 29.37 16.37 10.49
C ASP D 31 30.08 15.92 9.21
N SER D 32 30.60 16.89 8.47
CA SER D 32 31.29 16.63 7.21
C SER D 32 32.78 16.33 7.41
N SER D 33 33.27 16.30 8.64
CA SER D 33 34.66 15.94 8.88
C SER D 33 34.91 14.46 8.61
N CYS D 34 33.87 13.64 8.64
CA CYS D 34 34.01 12.21 8.37
C CYS D 34 33.84 11.95 6.89
N ASN D 35 34.75 11.17 6.31
CA ASN D 35 34.69 10.84 4.89
C ASN D 35 33.67 9.73 4.67
N ALA D 36 33.62 9.19 3.45
CA ALA D 36 32.58 8.21 3.11
C ALA D 36 32.70 6.94 3.95
N THR D 37 33.93 6.44 4.11
CA THR D 37 34.13 5.18 4.83
C THR D 37 33.72 5.29 6.29
N GLN D 38 34.12 6.36 6.97
CA GLN D 38 33.73 6.56 8.36
C GLN D 38 32.23 6.78 8.50
N TYR D 39 31.64 7.54 7.58
CA TYR D 39 30.20 7.79 7.59
C TYR D 39 29.40 6.50 7.47
N ASN D 40 29.86 5.59 6.59
CA ASN D 40 29.10 4.35 6.35
C ASN D 40 28.94 3.54 7.63
N GLN D 41 30.00 3.43 8.43
CA GLN D 41 29.95 2.66 9.66
C GLN D 41 29.29 3.40 10.81
N LEU D 42 29.49 4.73 10.89
CA LEU D 42 28.85 5.50 11.95
C LEU D 42 27.33 5.49 11.82
N SER D 43 26.82 5.60 10.59
CA SER D 43 25.36 5.57 10.41
C SER D 43 24.78 4.23 10.86
N THR D 44 25.44 3.13 10.51
CA THR D 44 24.95 1.81 10.90
C THR D 44 24.96 1.66 12.41
N GLY D 45 26.03 2.11 13.07
CA GLY D 45 26.07 2.06 14.53
C GLY D 45 24.93 2.85 15.18
N LEU D 46 24.70 4.07 14.71
CA LEU D 46 23.65 4.90 15.29
C LEU D 46 22.26 4.27 15.09
N GLN D 47 22.02 3.72 13.90
CA GLN D 47 20.74 3.06 13.64
C GLN D 47 20.55 1.84 14.54
N GLU D 48 21.61 1.06 14.77
CA GLU D 48 21.50 -0.10 15.64
C GLU D 48 21.19 0.30 17.07
N ALA D 49 21.81 1.38 17.55
CA ALA D 49 21.49 1.86 18.90
C ALA D 49 20.03 2.28 19.01
N GLN D 50 19.52 2.99 18.01
CA GLN D 50 18.11 3.38 18.03
C GLN D 50 17.19 2.17 18.02
N LEU D 51 17.53 1.14 17.23
CA LEU D 51 16.72 -0.07 17.19
C LEU D 51 16.70 -0.78 18.54
N LEU D 52 17.85 -0.86 19.21
CA LEU D 52 17.90 -1.46 20.54
C LEU D 52 17.02 -0.71 21.53
N ALA D 53 17.07 0.63 21.50
CA ALA D 53 16.22 1.42 22.39
C ALA D 53 14.74 1.18 22.11
N GLU D 54 14.37 1.09 20.82
CA GLU D 54 12.97 0.86 20.47
C GLU D 54 12.47 -0.49 20.99
N HIS D 55 13.29 -1.53 20.86
CA HIS D 55 12.88 -2.84 21.38
C HIS D 55 12.74 -2.81 22.90
N ALA D 56 13.66 -2.14 23.59
CA ALA D 56 13.55 -2.04 25.05
C ALA D 56 12.26 -1.33 25.45
N ARG D 57 11.90 -0.26 24.74
CA ARG D 57 10.65 0.44 25.02
C ARG D 57 9.44 -0.48 24.83
N ASP D 58 9.44 -1.25 23.74
CA ASP D 58 8.30 -2.14 23.48
C ASP D 58 8.16 -3.20 24.57
N HIS D 59 9.28 -3.79 25.01
CA HIS D 59 9.23 -4.78 26.08
C HIS D 59 8.70 -4.18 27.37
N THR D 60 9.18 -2.97 27.72
CA THR D 60 8.70 -2.32 28.94
C THR D 60 7.21 -2.05 28.87
N LEU D 61 6.72 -1.53 27.74
CA LEU D 61 5.29 -1.25 27.61
C LEU D 61 4.47 -2.53 27.70
N ARG D 62 4.94 -3.62 27.08
CA ARG D 62 4.16 -4.85 27.10
C ARG D 62 4.07 -5.46 28.49
N PHE D 63 5.15 -5.42 29.27
CA PHE D 63 5.14 -6.15 30.53
C PHE D 63 5.14 -5.27 31.78
N GLY D 64 6.06 -4.32 31.90
CA GLY D 64 6.20 -3.61 33.16
C GLY D 64 6.88 -4.44 34.22
N SER D 65 6.45 -4.30 35.48
CA SER D 65 7.04 -5.03 36.58
C SER D 65 6.58 -6.49 36.64
N LYS D 66 5.90 -6.98 35.61
CA LYS D 66 5.53 -8.39 35.52
C LYS D 66 6.62 -9.25 34.90
N SER D 67 7.73 -8.64 34.44
CA SER D 67 8.82 -9.42 33.87
C SER D 67 9.99 -9.50 34.84
N PRO D 68 10.66 -10.65 34.91
CA PRO D 68 11.78 -10.81 35.85
C PRO D 68 12.95 -9.87 35.60
N PHE D 69 13.21 -9.51 34.33
CA PHE D 69 14.32 -8.59 34.03
C PHE D 69 14.07 -7.22 34.66
N PHE D 70 12.85 -6.70 34.52
CA PHE D 70 12.52 -5.41 35.12
C PHE D 70 12.66 -5.47 36.64
N ARG D 71 12.15 -6.54 37.26
CA ARG D 71 12.22 -6.67 38.70
C ARG D 71 13.66 -6.76 39.21
N LYS D 72 14.53 -7.45 38.49
CA LYS D 72 15.91 -7.58 38.96
C LYS D 72 16.80 -6.40 38.58
N TYR D 73 16.39 -5.54 37.65
CA TYR D 73 17.20 -4.37 37.34
C TYR D 73 16.69 -3.08 37.96
N PHE D 74 15.41 -2.98 38.32
CA PHE D 74 14.85 -1.72 38.79
C PHE D 74 14.10 -1.80 40.11
N GLY D 75 13.70 -2.98 40.56
CA GLY D 75 12.97 -3.12 41.80
C GLY D 75 11.73 -3.97 41.63
N ASN D 76 11.32 -4.62 42.72
CA ASN D 76 10.23 -5.59 42.66
C ASN D 76 8.87 -4.92 42.43
N GLU D 77 8.70 -3.69 42.90
CA GLU D 77 7.41 -3.00 42.84
C GLU D 77 7.58 -1.56 42.36
N THR D 78 8.38 -1.37 41.31
CA THR D 78 8.64 -0.04 40.79
C THR D 78 7.71 0.27 39.61
N ALA D 79 7.39 1.55 39.46
CA ALA D 79 6.54 2.04 38.39
C ALA D 79 7.37 2.31 37.14
N SER D 80 6.86 1.89 35.98
CA SER D 80 7.59 1.97 34.72
C SER D 80 7.07 3.15 33.89
N ALA D 81 7.48 4.36 34.29
CA ALA D 81 7.17 5.55 33.50
C ALA D 81 8.43 6.28 33.05
N GLU D 82 9.36 6.53 33.97
CA GLU D 82 10.63 7.15 33.60
C GLU D 82 11.44 6.24 32.68
N VAL D 83 11.39 4.93 32.93
CA VAL D 83 12.11 3.97 32.09
C VAL D 83 11.57 4.01 30.67
N VAL D 84 10.24 4.07 30.52
CA VAL D 84 9.64 4.21 29.20
C VAL D 84 10.04 5.54 28.56
N GLY D 85 10.02 6.62 29.35
CA GLY D 85 10.29 7.94 28.80
C GLY D 85 11.72 8.09 28.28
N HIS D 86 12.69 7.49 28.95
CA HIS D 86 14.08 7.59 28.50
C HIS D 86 14.26 6.98 27.12
N PHE D 87 13.77 5.75 26.94
CA PHE D 87 13.90 5.09 25.64
C PHE D 87 13.05 5.78 24.58
N ASP D 88 11.88 6.33 24.96
CA ASP D 88 11.09 7.08 23.99
C ASP D 88 11.80 8.34 23.53
N ASN D 89 12.49 9.01 24.45
CA ASN D 89 13.30 10.17 24.08
C ASN D 89 14.43 9.78 23.15
N VAL D 90 15.06 8.62 23.40
CA VAL D 90 16.10 8.16 22.49
C VAL D 90 15.55 7.89 21.10
N VAL D 91 14.39 7.24 21.03
CA VAL D 91 13.84 6.86 19.72
C VAL D 91 13.34 8.08 18.96
N GLY D 92 12.40 8.82 19.53
CA GLY D 92 11.83 9.97 18.83
C GLY D 92 11.90 11.26 19.61
N ALA D 93 12.67 12.21 19.11
CA ALA D 93 12.82 13.53 19.70
C ALA D 93 13.59 14.38 18.70
N ASP D 94 13.62 15.68 18.96
CA ASP D 94 14.25 16.62 18.02
C ASP D 94 15.76 16.60 18.22
N LYS D 95 16.45 15.90 17.31
CA LYS D 95 17.91 15.84 17.33
C LYS D 95 18.52 16.91 16.42
N SER D 96 18.11 18.15 16.63
CA SER D 96 18.52 19.25 15.75
C SER D 96 19.76 19.98 16.22
N SER D 97 20.09 19.91 17.50
CA SER D 97 21.27 20.58 18.05
C SER D 97 22.44 19.62 18.29
N ILE D 98 22.29 18.35 17.96
CA ILE D 98 23.30 17.34 18.22
C ILE D 98 24.20 17.19 17.00
N LEU D 99 25.49 17.01 17.23
CA LEU D 99 26.44 16.80 16.14
C LEU D 99 27.50 15.79 16.56
N PHE D 100 27.80 14.85 15.67
CA PHE D 100 28.88 13.89 15.83
C PHE D 100 30.01 14.27 14.88
N LEU D 101 31.23 14.36 15.40
CA LEU D 101 32.38 14.81 14.63
C LEU D 101 33.49 13.76 14.65
N CYS D 102 34.32 13.79 13.61
CA CYS D 102 35.49 12.94 13.52
C CYS D 102 36.80 13.69 13.69
N ASP D 103 36.75 15.00 13.91
CA ASP D 103 37.95 15.81 14.11
C ASP D 103 38.33 15.86 15.58
N ASP D 104 39.63 15.78 15.84
CA ASP D 104 40.18 15.82 17.20
C ASP D 104 40.39 17.29 17.56
N LEU D 105 39.30 17.98 17.88
CA LEU D 105 39.35 19.41 18.17
C LEU D 105 39.84 19.74 19.58
N ASP D 106 39.87 18.75 20.48
CA ASP D 106 40.34 18.97 21.84
C ASP D 106 41.64 18.26 22.15
N ASP D 107 42.22 17.54 21.18
CA ASP D 107 43.51 16.87 21.34
C ASP D 107 43.47 15.87 22.51
N LYS D 108 42.62 14.85 22.36
CA LYS D 108 42.45 13.85 23.40
C LYS D 108 42.51 12.41 22.91
N CYS D 109 42.42 12.15 21.60
CA CYS D 109 42.52 10.78 21.12
C CYS D 109 43.91 10.18 21.32
N LYS D 110 44.91 11.00 21.65
CA LYS D 110 46.27 10.50 21.88
C LYS D 110 46.34 9.60 23.10
N ASN D 111 45.40 9.70 24.03
CA ASN D 111 45.41 8.85 25.21
C ASN D 111 45.17 7.39 24.84
N ASP D 112 45.77 6.50 25.61
CA ASP D 112 45.76 5.07 25.30
C ASP D 112 44.39 4.47 25.59
N GLY D 113 43.78 3.85 24.58
CA GLY D 113 42.53 3.15 24.75
C GLY D 113 41.28 4.00 24.69
N TRP D 114 41.37 5.24 24.24
CA TRP D 114 40.22 6.13 24.15
C TRP D 114 39.61 6.03 22.75
N ALA D 115 38.31 5.76 22.70
CA ALA D 115 37.58 5.67 21.44
C ALA D 115 36.69 6.88 21.18
N GLY D 116 36.72 7.88 22.05
CA GLY D 116 35.89 9.05 21.89
C GLY D 116 35.65 9.71 23.23
N TYR D 117 35.07 10.90 23.17
CA TYR D 117 34.85 11.67 24.40
C TYR D 117 33.78 12.72 24.17
N TRP D 118 33.12 13.10 25.27
CA TRP D 118 32.15 14.19 25.28
C TRP D 118 32.88 15.52 25.42
N ARG D 119 32.40 16.53 24.68
CA ARG D 119 33.13 17.78 24.59
C ARG D 119 33.02 18.64 25.85
N GLY D 120 32.05 18.41 26.71
CA GLY D 120 31.98 19.07 27.99
C GLY D 120 30.85 20.09 28.06
N SER D 121 30.91 20.91 29.11
CA SER D 121 29.83 21.84 29.41
C SER D 121 29.80 23.03 28.46
N ASN D 122 30.93 23.35 27.82
CA ASN D 122 30.94 24.47 26.88
C ASN D 122 30.24 24.11 25.58
N HIS D 123 30.32 22.84 25.18
CA HIS D 123 29.60 22.31 24.02
C HIS D 123 28.90 21.04 24.47
N SER D 124 27.69 21.18 25.03
CA SER D 124 27.01 20.10 25.72
C SER D 124 26.35 19.10 24.79
N ASP D 125 26.23 19.39 23.49
CA ASP D 125 25.54 18.52 22.56
C ASP D 125 26.49 17.98 21.48
N GLN D 126 27.79 17.97 21.76
CA GLN D 126 28.78 17.56 20.78
C GLN D 126 29.65 16.46 21.35
N THR D 127 30.13 15.58 20.46
CA THR D 127 30.95 14.44 20.86
C THR D 127 31.89 14.06 19.72
N ILE D 128 33.04 13.50 20.09
CA ILE D 128 34.12 13.19 19.16
C ILE D 128 34.32 11.68 19.12
N ILE D 129 34.61 11.14 17.94
CA ILE D 129 34.85 9.71 17.74
C ILE D 129 36.29 9.55 17.24
N CYS D 130 37.07 8.73 17.96
CA CYS D 130 38.44 8.45 17.57
C CYS D 130 38.47 7.21 16.66
N ASP D 131 39.66 6.85 16.18
CA ASP D 131 39.80 5.80 15.17
C ASP D 131 39.77 4.39 15.74
N LEU D 132 39.91 4.21 17.05
CA LEU D 132 39.79 2.87 17.64
C LEU D 132 38.39 2.30 17.48
N SER D 133 37.38 3.19 17.40
CA SER D 133 36.01 2.75 17.25
C SER D 133 35.80 1.99 15.94
N PHE D 134 36.39 2.47 14.85
CA PHE D 134 36.28 1.84 13.56
C PHE D 134 37.13 0.58 13.44
N VAL D 135 37.73 0.13 14.55
CA VAL D 135 38.53 -1.08 14.55
C VAL D 135 38.06 -2.10 15.58
N THR D 136 37.44 -1.71 16.70
CA THR D 136 37.12 -2.66 17.75
C THR D 136 35.64 -2.92 17.99
N ARG D 137 34.73 -2.21 17.33
CA ARG D 137 33.31 -2.32 17.62
C ARG D 137 32.63 -3.34 16.72
N ARG D 138 31.68 -4.07 17.30
CA ARG D 138 30.99 -5.19 16.65
C ARG D 138 29.55 -4.81 16.32
N TYR D 139 28.87 -5.71 15.61
CA TYR D 139 27.52 -5.48 15.12
C TYR D 139 26.55 -6.47 15.76
N LEU D 140 25.26 -6.11 15.71
CA LEU D 140 24.24 -6.85 16.46
C LEU D 140 24.03 -8.27 15.97
N THR D 141 24.48 -8.59 14.75
CA THR D 141 24.34 -9.96 14.25
C THR D 141 25.33 -10.92 14.90
N GLN D 142 26.30 -10.40 15.66
CA GLN D 142 27.31 -11.21 16.32
C GLN D 142 27.13 -11.26 17.84
N LEU D 143 25.93 -10.98 18.34
CA LEU D 143 25.69 -10.98 19.78
C LEU D 143 25.74 -12.38 20.35
N CYS D 144 26.25 -12.50 21.58
CA CYS D 144 26.33 -13.76 22.33
C CYS D 144 27.24 -14.78 21.65
N SER D 145 28.23 -14.32 20.89
CA SER D 145 29.14 -15.20 20.19
C SER D 145 30.58 -14.92 20.61
N SER D 146 31.46 -15.88 20.32
CA SER D 146 32.88 -15.80 20.67
C SER D 146 33.09 -15.67 22.18
N GLY D 147 32.25 -16.32 22.96
CA GLY D 147 32.37 -16.27 24.41
C GLY D 147 31.80 -15.04 25.07
N TYR D 148 31.11 -14.18 24.32
CA TYR D 148 30.54 -12.96 24.91
C TYR D 148 29.42 -13.31 25.88
N THR D 149 29.38 -12.60 26.99
CA THR D 149 28.37 -12.79 28.03
C THR D 149 27.94 -11.42 28.55
N VAL D 150 26.63 -11.22 28.67
CA VAL D 150 26.12 -9.92 29.11
C VAL D 150 26.60 -9.58 30.51
N SER D 151 26.60 -10.56 31.41
CA SER D 151 26.93 -10.30 32.80
C SER D 151 28.43 -10.13 33.03
N LYS D 152 29.27 -10.79 32.22
CA LYS D 152 30.70 -10.87 32.50
C LYS D 152 31.57 -10.02 31.61
N SER D 153 31.06 -9.53 30.48
CA SER D 153 31.85 -8.70 29.59
C SER D 153 31.52 -7.23 29.79
N LYS D 154 32.23 -6.37 29.06
CA LYS D 154 31.99 -4.93 29.14
C LYS D 154 30.83 -4.53 28.24
N THR D 155 30.18 -3.44 28.59
CA THR D 155 28.98 -2.99 27.89
C THR D 155 29.29 -2.22 26.61
N ASN D 156 30.55 -1.89 26.34
CA ASN D 156 30.93 -1.09 25.19
C ASN D 156 31.59 -1.89 24.09
N ILE D 157 31.44 -3.22 24.10
CA ILE D 157 32.05 -4.05 23.07
C ILE D 157 31.34 -3.84 21.73
N PHE D 158 30.03 -3.70 21.75
CA PHE D 158 29.23 -3.51 20.55
C PHE D 158 28.93 -2.04 20.31
N TRP D 159 28.57 -1.71 19.06
CA TRP D 159 28.26 -0.33 18.69
C TRP D 159 27.09 0.22 19.49
N ALA D 160 26.03 -0.58 19.64
CA ALA D 160 24.78 -0.09 20.23
C ALA D 160 24.96 0.26 21.70
N GLY D 161 25.54 -0.66 22.48
CA GLY D 161 25.77 -0.40 23.88
C GLY D 161 26.78 0.70 24.14
N ASP D 162 27.72 0.91 23.22
CA ASP D 162 28.69 1.99 23.36
C ASP D 162 28.09 3.35 23.03
N LEU D 163 27.18 3.41 22.06
CA LEU D 163 26.57 4.69 21.71
C LEU D 163 25.43 5.06 22.66
N LEU D 164 24.78 4.06 23.27
CA LEU D 164 23.77 4.38 24.29
C LEU D 164 24.39 5.10 25.48
N HIS D 165 25.61 4.72 25.87
CA HIS D 165 26.29 5.41 26.96
C HIS D 165 26.63 6.85 26.58
N ARG D 166 26.99 7.09 25.31
CA ARG D 166 27.26 8.44 24.85
C ARG D 166 25.99 9.29 24.77
N PHE D 167 24.85 8.67 24.50
CA PHE D 167 23.60 9.43 24.45
C PHE D 167 23.23 10.03 25.80
N TRP D 168 23.55 9.34 26.90
CA TRP D 168 23.16 9.82 28.22
C TRP D 168 23.90 11.08 28.66
N HIS D 169 24.97 11.47 27.97
CA HIS D 169 25.72 12.67 28.33
C HIS D 169 25.24 13.92 27.62
N LEU D 170 24.46 13.79 26.56
CA LEU D 170 23.98 14.96 25.83
C LEU D 170 22.91 15.69 26.63
N LYS D 171 22.86 17.02 26.45
CA LYS D 171 21.94 17.84 27.23
C LYS D 171 20.48 17.60 26.84
N SER D 172 20.20 17.35 25.57
CA SER D 172 18.82 17.23 25.11
C SER D 172 18.25 15.82 25.28
N ILE D 173 19.08 14.83 25.63
CA ILE D 173 18.59 13.46 25.81
C ILE D 173 18.58 13.11 27.30
N GLY D 174 19.74 13.21 27.95
CA GLY D 174 19.84 12.88 29.36
C GLY D 174 19.22 13.93 30.24
N GLN D 175 19.28 15.19 29.82
CA GLN D 175 18.69 16.32 30.53
C GLN D 175 19.22 16.45 31.95
N LEU D 176 20.50 16.09 32.14
CA LEU D 176 21.22 16.33 33.39
C LEU D 176 20.64 15.58 34.58
N VAL D 177 20.08 14.40 34.36
CA VAL D 177 19.58 13.59 35.46
C VAL D 177 20.17 12.18 35.51
N ILE D 178 20.73 11.65 34.42
CA ILE D 178 21.30 10.31 34.42
C ILE D 178 22.77 10.42 34.82
N GLU D 179 23.17 9.66 35.83
CA GLU D 179 24.53 9.73 36.36
C GLU D 179 25.14 8.34 36.55
N HIS D 180 26.31 8.28 37.18
CA HIS D 180 27.00 7.03 37.47
C HIS D 180 26.88 6.77 38.98
N TYR D 181 25.92 5.95 39.36
CA TYR D 181 25.76 5.56 40.77
C TYR D 181 26.31 4.17 41.06
N ALA D 182 26.35 3.29 40.07
CA ALA D 182 26.90 1.94 40.24
C ALA D 182 27.37 1.47 38.88
N ASP D 183 28.59 0.94 38.82
CA ASP D 183 29.22 0.57 37.57
C ASP D 183 29.36 -0.94 37.36
N THR D 184 29.68 -1.70 38.40
CA THR D 184 29.83 -3.13 38.27
C THR D 184 28.47 -3.82 38.30
N TYR D 185 28.46 -5.10 37.93
CA TYR D 185 27.22 -5.86 37.90
C TYR D 185 26.65 -6.06 39.31
N GLU D 186 27.51 -6.40 40.27
CA GLU D 186 27.04 -6.65 41.64
C GLU D 186 26.52 -5.37 42.28
N GLU D 187 27.19 -4.24 42.03
CA GLU D 187 26.71 -2.97 42.55
C GLU D 187 25.35 -2.61 41.97
N VAL D 188 25.16 -2.86 40.67
CA VAL D 188 23.86 -2.60 40.04
C VAL D 188 22.79 -3.48 40.66
N LEU D 189 23.10 -4.76 40.87
CA LEU D 189 22.12 -5.67 41.48
C LEU D 189 21.76 -5.26 42.89
N GLU D 190 22.73 -4.77 43.67
CA GLU D 190 22.42 -4.28 45.01
C GLU D 190 21.61 -2.99 44.98
N LEU D 191 21.94 -2.08 44.07
CA LEU D 191 21.19 -0.83 43.94
C LEU D 191 19.75 -1.07 43.54
N ALA D 192 19.49 -2.12 42.75
CA ALA D 192 18.11 -2.39 42.33
C ALA D 192 17.19 -2.62 43.52
N GLN D 193 17.67 -3.34 44.54
CA GLN D 193 16.86 -3.65 45.71
C GLN D 193 17.04 -2.64 46.84
N GLU D 194 18.11 -1.86 46.84
CA GLU D 194 18.35 -0.94 47.96
C GLU D 194 17.78 0.45 47.69
N ASN D 195 18.06 1.01 46.52
CA ASN D 195 17.66 2.38 46.17
C ASN D 195 16.96 2.35 44.80
N SER D 196 15.66 2.10 44.80
CA SER D 196 14.90 2.04 43.56
C SER D 196 14.69 3.42 42.93
N THR D 197 14.68 4.48 43.74
CA THR D 197 14.50 5.82 43.20
C THR D 197 15.69 6.25 42.34
N TYR D 198 16.89 5.80 42.69
CA TYR D 198 18.07 6.18 41.93
C TYR D 198 18.47 5.16 40.87
N ALA D 199 17.94 3.95 40.94
CA ALA D 199 18.21 2.96 39.89
C ALA D 199 17.14 3.00 38.80
N VAL D 200 16.84 4.20 38.31
CA VAL D 200 16.02 4.39 37.12
C VAL D 200 16.70 5.45 36.28
N ARG D 201 17.69 6.12 36.87
CA ARG D 201 18.51 7.12 36.21
C ARG D 201 19.98 6.73 36.30
N ASN D 202 20.25 5.44 36.30
CA ASN D 202 21.60 4.88 36.32
C ASN D 202 21.91 4.30 34.95
N SER D 203 23.03 4.72 34.36
CA SER D 203 23.34 4.38 32.98
C SER D 203 23.51 2.87 32.80
N ASN D 204 24.33 2.25 33.66
CA ASN D 204 24.64 0.84 33.51
C ASN D 204 23.41 -0.03 33.70
N SER D 205 22.50 0.35 34.60
CA SER D 205 21.26 -0.40 34.78
C SER D 205 20.46 -0.45 33.49
N LEU D 206 20.28 0.70 32.85
CA LEU D 206 19.51 0.77 31.60
C LEU D 206 20.18 -0.02 30.50
N ILE D 207 21.51 0.10 30.36
CA ILE D 207 22.21 -0.61 29.29
C ILE D 207 22.14 -2.12 29.51
N TYR D 208 22.34 -2.57 30.75
CA TYR D 208 22.24 -4.01 31.06
C TYR D 208 20.84 -4.52 30.75
N TYR D 209 19.81 -3.77 31.15
CA TYR D 209 18.43 -4.19 30.91
C TYR D 209 18.15 -4.32 29.41
N ALA D 210 18.57 -3.33 28.62
CA ALA D 210 18.31 -3.37 27.18
C ALA D 210 19.03 -4.54 26.52
N LEU D 211 20.30 -4.75 26.87
CA LEU D 211 21.06 -5.85 26.27
C LEU D 211 20.44 -7.20 26.64
N ASP D 212 20.06 -7.37 27.92
CA ASP D 212 19.46 -8.62 28.35
C ASP D 212 18.15 -8.91 27.63
N VAL D 213 17.27 -7.91 27.53
CA VAL D 213 15.97 -8.20 26.92
C VAL D 213 16.13 -8.46 25.42
N TYR D 214 17.02 -7.74 24.74
CA TYR D 214 17.22 -8.02 23.33
C TYR D 214 17.79 -9.41 23.11
N ALA D 215 18.77 -9.81 23.92
CA ALA D 215 19.34 -11.14 23.79
C ALA D 215 18.31 -12.23 24.08
N TYR D 216 17.44 -12.01 25.06
CA TYR D 216 16.43 -13.00 25.39
C TYR D 216 15.34 -13.10 24.33
N ASP D 217 14.98 -11.98 23.69
CA ASP D 217 13.84 -12.00 22.77
C ASP D 217 14.22 -12.32 21.33
N VAL D 218 15.39 -11.89 20.86
CA VAL D 218 15.72 -11.94 19.43
C VAL D 218 16.85 -12.94 19.15
N THR D 219 18.02 -12.74 19.77
CA THR D 219 19.21 -13.50 19.39
C THR D 219 19.02 -14.99 19.66
N ILE D 220 18.72 -15.36 20.90
CA ILE D 220 18.46 -16.75 21.26
C ILE D 220 17.09 -16.81 21.92
N PRO D 221 16.01 -16.99 21.15
CA PRO D 221 14.66 -16.85 21.70
C PRO D 221 14.39 -17.88 22.80
N GLY D 222 14.06 -17.38 23.98
CA GLY D 222 13.69 -18.20 25.11
C GLY D 222 14.82 -18.54 26.06
N GLU D 223 16.07 -18.28 25.68
CA GLU D 223 17.20 -18.61 26.53
C GLU D 223 18.06 -17.41 26.90
N GLY D 224 18.47 -16.60 25.93
CA GLY D 224 19.37 -15.49 26.21
C GLY D 224 20.80 -15.95 26.41
N CYS D 225 21.66 -14.97 26.76
CA CYS D 225 23.07 -15.26 27.02
C CYS D 225 23.57 -14.47 28.23
N ASN D 226 22.79 -14.44 29.31
CA ASN D 226 23.21 -13.71 30.50
C ASN D 226 24.41 -14.37 31.17
N GLY D 227 24.42 -15.69 31.27
CA GLY D 227 25.55 -16.40 31.84
C GLY D 227 25.80 -16.16 33.32
N ASP D 228 24.73 -16.09 34.13
CA ASP D 228 24.89 -15.99 35.57
C ASP D 228 24.19 -17.12 36.30
N GLY D 229 23.68 -18.12 35.59
CA GLY D 229 23.04 -19.25 36.23
C GLY D 229 21.56 -19.12 36.47
N THR D 230 20.89 -18.18 35.81
CA THR D 230 19.45 -18.03 35.93
C THR D 230 18.79 -18.29 34.57
N SER D 231 17.69 -19.02 34.59
CA SER D 231 16.93 -19.31 33.40
C SER D 231 15.45 -19.08 33.68
N TYR D 232 14.80 -18.35 32.79
CA TYR D 232 13.40 -17.96 32.96
C TYR D 232 12.53 -18.64 31.93
N LYS D 233 11.35 -19.06 32.35
CA LYS D 233 10.35 -19.68 31.50
C LYS D 233 9.13 -18.77 31.39
N LYS D 234 8.14 -19.23 30.62
CA LYS D 234 6.91 -18.46 30.43
C LYS D 234 6.14 -18.27 31.73
N SER D 235 6.30 -19.19 32.70
CA SER D 235 5.58 -19.08 33.96
C SER D 235 6.13 -17.97 34.84
N ASP D 236 7.31 -17.44 34.54
CA ASP D 236 7.90 -16.37 35.32
C ASP D 236 7.37 -14.99 34.94
N PHE D 237 6.63 -14.89 33.83
CA PHE D 237 6.07 -13.62 33.37
C PHE D 237 4.65 -13.41 33.86
N SER D 238 4.12 -14.30 34.68
CA SER D 238 2.77 -14.16 35.20
C SER D 238 2.61 -14.92 36.51
N TYR E 18 -1.21 -27.53 -12.29
CA TYR E 18 0.03 -27.48 -11.53
C TYR E 18 0.50 -26.03 -11.37
N ASP E 19 0.19 -25.44 -10.23
CA ASP E 19 0.63 -24.07 -9.92
C ASP E 19 2.03 -24.14 -9.35
N TRP E 20 3.04 -24.00 -10.23
CA TRP E 20 4.43 -24.08 -9.81
C TRP E 20 4.94 -22.78 -9.19
N ARG E 21 4.11 -21.74 -9.14
CA ARG E 21 4.49 -20.49 -8.51
C ARG E 21 4.33 -20.52 -6.99
N ALA E 22 3.71 -21.56 -6.43
CA ALA E 22 3.51 -21.66 -4.99
C ALA E 22 4.57 -22.49 -4.29
N ASP E 23 5.41 -23.22 -5.03
CA ASP E 23 6.49 -24.00 -4.47
C ASP E 23 7.86 -23.40 -4.75
N TRP E 24 7.90 -22.16 -5.23
CA TRP E 24 9.14 -21.54 -5.66
C TRP E 24 9.94 -21.09 -4.43
N VAL E 25 11.10 -21.71 -4.21
CA VAL E 25 12.00 -21.38 -3.12
C VAL E 25 13.19 -20.63 -3.71
N LYS E 26 13.43 -19.42 -3.22
CA LYS E 26 14.48 -18.56 -3.76
C LYS E 26 15.56 -18.21 -2.74
N GLY E 27 15.49 -18.78 -1.53
CA GLY E 27 16.55 -18.60 -0.56
C GLY E 27 17.34 -19.87 -0.34
N PHE E 28 18.57 -19.74 0.17
CA PHE E 28 19.43 -20.90 0.35
C PHE E 28 19.11 -21.58 1.68
N PRO E 29 18.68 -22.83 1.68
CA PRO E 29 18.35 -23.51 2.94
C PRO E 29 19.58 -23.77 3.80
N ILE E 30 19.36 -23.77 5.12
CA ILE E 30 20.39 -24.07 6.10
C ILE E 30 19.95 -25.30 6.90
N ASP E 31 20.90 -26.20 7.16
CA ASP E 31 20.60 -27.42 7.90
C ASP E 31 20.46 -27.12 9.39
N SER E 32 20.00 -28.12 10.15
CA SER E 32 19.77 -28.00 11.58
C SER E 32 21.03 -28.29 12.39
N SER E 33 22.17 -28.52 11.74
CA SER E 33 23.42 -28.75 12.47
C SER E 33 24.02 -27.48 13.03
N CYS E 34 23.49 -26.31 12.64
CA CYS E 34 23.98 -25.03 13.13
C CYS E 34 23.08 -24.54 14.26
N ASN E 35 23.68 -24.06 15.34
CA ASN E 35 22.92 -23.53 16.46
C ASN E 35 22.47 -22.11 16.14
N ALA E 36 21.97 -21.39 17.15
CA ALA E 36 21.37 -20.08 16.92
C ALA E 36 22.39 -19.08 16.38
N THR E 37 23.55 -18.96 17.04
CA THR E 37 24.53 -17.95 16.67
C THR E 37 25.17 -18.20 15.31
N GLN E 38 25.42 -19.45 14.95
CA GLN E 38 25.93 -19.76 13.61
C GLN E 38 24.91 -19.45 12.53
N TYR E 39 23.64 -19.80 12.78
CA TYR E 39 22.55 -19.51 11.85
C TYR E 39 22.43 -18.01 11.62
N ASN E 40 22.52 -17.22 12.70
CA ASN E 40 22.29 -15.78 12.60
C ASN E 40 23.28 -15.11 11.64
N GLN E 41 24.54 -15.53 11.68
CA GLN E 41 25.57 -14.96 10.82
C GLN E 41 25.56 -15.56 9.42
N LEU E 42 25.28 -16.86 9.29
CA LEU E 42 25.25 -17.48 7.97
C LEU E 42 24.13 -16.91 7.11
N SER E 43 22.94 -16.69 7.70
CA SER E 43 21.84 -16.14 6.90
C SER E 43 22.15 -14.73 6.43
N THR E 44 22.77 -13.92 7.28
CA THR E 44 23.15 -12.56 6.88
C THR E 44 24.18 -12.59 5.75
N GLY E 45 25.17 -13.48 5.83
CA GLY E 45 26.13 -13.59 4.74
C GLY E 45 25.49 -13.99 3.43
N LEU E 46 24.56 -14.95 3.47
CA LEU E 46 23.89 -15.37 2.25
C LEU E 46 23.05 -14.24 1.64
N GLN E 47 22.36 -13.48 2.50
CA GLN E 47 21.58 -12.35 2.00
C GLN E 47 22.48 -11.30 1.35
N GLU E 48 23.63 -11.02 1.95
CA GLU E 48 24.55 -10.04 1.36
C GLU E 48 25.07 -10.50 0.01
N ALA E 49 25.39 -11.79 -0.12
CA ALA E 49 25.84 -12.30 -1.41
C ALA E 49 24.76 -12.16 -2.48
N GLN E 50 23.52 -12.48 -2.14
CA GLN E 50 22.43 -12.33 -3.10
C GLN E 50 22.23 -10.86 -3.49
N LEU E 51 22.36 -9.95 -2.53
CA LEU E 51 22.22 -8.52 -2.83
C LEU E 51 23.30 -8.04 -3.79
N LEU E 52 24.54 -8.50 -3.57
CA LEU E 52 25.62 -8.15 -4.49
C LEU E 52 25.34 -8.66 -5.90
N ALA E 53 24.86 -9.89 -6.01
CA ALA E 53 24.53 -10.43 -7.34
C ALA E 53 23.43 -9.61 -8.02
N GLU E 54 22.40 -9.20 -7.25
CA GLU E 54 21.32 -8.42 -7.83
C GLU E 54 21.82 -7.07 -8.36
N HIS E 55 22.68 -6.40 -7.59
CA HIS E 55 23.21 -5.13 -8.07
C HIS E 55 24.05 -5.32 -9.34
N ALA E 56 24.86 -6.38 -9.39
CA ALA E 56 25.65 -6.63 -10.59
C ALA E 56 24.76 -6.84 -11.81
N ARG E 57 23.68 -7.61 -11.64
CA ARG E 57 22.76 -7.84 -12.75
C ARG E 57 22.12 -6.53 -13.22
N ASP E 58 21.71 -5.68 -12.28
CA ASP E 58 21.08 -4.41 -12.67
C ASP E 58 22.06 -3.52 -13.42
N HIS E 59 23.31 -3.44 -12.96
CA HIS E 59 24.31 -2.64 -13.66
C HIS E 59 24.52 -3.15 -15.08
N THR E 60 24.62 -4.48 -15.23
CA THR E 60 24.82 -5.05 -16.57
C THR E 60 23.64 -4.73 -17.47
N LEU E 61 22.42 -4.91 -16.98
CA LEU E 61 21.24 -4.62 -17.80
C LEU E 61 21.18 -3.15 -18.19
N ARG E 62 21.54 -2.25 -17.28
CA ARG E 62 21.49 -0.82 -17.60
C ARG E 62 22.51 -0.45 -18.66
N PHE E 63 23.73 -0.97 -18.58
CA PHE E 63 24.79 -0.45 -19.44
C PHE E 63 25.23 -1.40 -20.55
N GLY E 64 25.56 -2.65 -20.25
CA GLY E 64 26.12 -3.51 -21.27
C GLY E 64 27.59 -3.21 -21.49
N SER E 65 28.00 -3.18 -22.75
CA SER E 65 29.39 -2.94 -23.11
C SER E 65 29.74 -1.46 -23.20
N LYS E 66 28.83 -0.57 -22.81
CA LYS E 66 29.11 0.85 -22.72
C LYS E 66 29.84 1.22 -21.43
N SER E 67 29.89 0.32 -20.46
CA SER E 67 30.53 0.44 -19.16
C SER E 67 32.01 0.06 -19.24
N PRO E 68 32.90 0.89 -18.73
CA PRO E 68 34.33 0.53 -18.74
C PRO E 68 34.66 -0.71 -17.92
N PHE E 69 33.91 -0.98 -16.85
CA PHE E 69 34.16 -2.18 -16.04
C PHE E 69 33.87 -3.44 -16.85
N PHE E 70 32.72 -3.49 -17.51
CA PHE E 70 32.40 -4.62 -18.39
C PHE E 70 33.42 -4.74 -19.50
N ARG E 71 33.82 -3.60 -20.08
CA ARG E 71 34.77 -3.60 -21.17
C ARG E 71 36.12 -4.18 -20.76
N LYS E 72 36.57 -3.88 -19.55
CA LYS E 72 37.89 -4.35 -19.11
C LYS E 72 37.86 -5.73 -18.46
N TYR E 73 36.70 -6.21 -18.03
CA TYR E 73 36.64 -7.55 -17.45
C TYR E 73 36.16 -8.62 -18.41
N PHE E 74 35.49 -8.25 -19.51
CA PHE E 74 34.90 -9.26 -20.40
C PHE E 74 35.26 -9.08 -21.87
N GLY E 75 35.67 -7.90 -22.31
CA GLY E 75 36.02 -7.67 -23.69
C GLY E 75 35.43 -6.38 -24.21
N ASN E 76 36.05 -5.84 -25.25
CA ASN E 76 35.67 -4.52 -25.74
C ASN E 76 34.36 -4.56 -26.52
N GLU E 77 34.06 -5.68 -27.18
CA GLU E 77 32.87 -5.83 -28.02
C GLU E 77 32.18 -7.16 -27.76
N THR E 78 31.99 -7.50 -26.50
CA THR E 78 31.37 -8.75 -26.11
C THR E 78 29.89 -8.54 -25.78
N ALA E 79 29.08 -9.53 -26.12
CA ALA E 79 27.64 -9.49 -25.88
C ALA E 79 27.34 -9.90 -24.44
N SER E 80 26.39 -9.22 -23.81
CA SER E 80 26.05 -9.44 -22.41
C SER E 80 24.73 -10.19 -22.31
N ALA E 81 24.80 -11.52 -22.42
CA ALA E 81 23.63 -12.35 -22.16
C ALA E 81 23.96 -13.41 -21.12
N GLU E 82 25.14 -14.02 -21.25
CA GLU E 82 25.59 -15.04 -20.30
C GLU E 82 25.85 -14.48 -18.91
N VAL E 83 26.44 -13.29 -18.82
CA VAL E 83 26.70 -12.66 -17.53
C VAL E 83 25.38 -12.38 -16.80
N VAL E 84 24.42 -11.81 -17.53
CA VAL E 84 23.09 -11.54 -16.98
C VAL E 84 22.44 -12.85 -16.54
N GLY E 85 22.56 -13.89 -17.36
CA GLY E 85 21.97 -15.18 -16.99
C GLY E 85 22.58 -15.77 -15.73
N HIS E 86 23.90 -15.68 -15.58
CA HIS E 86 24.55 -16.20 -14.38
C HIS E 86 24.07 -15.45 -13.13
N PHE E 87 24.09 -14.11 -13.18
CA PHE E 87 23.68 -13.36 -12.01
C PHE E 87 22.19 -13.53 -11.71
N ASP E 88 21.35 -13.66 -12.73
CA ASP E 88 19.93 -13.90 -12.50
C ASP E 88 19.67 -15.30 -11.95
N ASN E 89 20.47 -16.28 -12.35
CA ASN E 89 20.37 -17.61 -11.74
C ASN E 89 20.74 -17.56 -10.27
N VAL E 90 21.78 -16.80 -9.91
CA VAL E 90 22.12 -16.65 -8.51
C VAL E 90 20.98 -15.97 -7.74
N VAL E 91 20.38 -14.93 -8.33
CA VAL E 91 19.35 -14.18 -7.63
C VAL E 91 18.09 -15.01 -7.46
N GLY E 92 17.47 -15.41 -8.56
CA GLY E 92 16.22 -16.15 -8.48
C GLY E 92 16.21 -17.47 -9.21
N ALA E 93 16.11 -18.56 -8.46
CA ALA E 93 16.06 -19.91 -9.01
C ALA E 93 15.65 -20.84 -7.88
N ASP E 94 15.24 -22.06 -8.23
CA ASP E 94 14.73 -23.01 -7.24
C ASP E 94 15.92 -23.62 -6.49
N LYS E 95 16.12 -23.19 -5.25
CA LYS E 95 17.18 -23.72 -4.39
C LYS E 95 16.60 -24.76 -3.44
N SER E 96 16.10 -25.86 -4.01
CA SER E 96 15.48 -26.91 -3.22
C SER E 96 16.36 -28.12 -2.99
N SER E 97 17.35 -28.35 -3.83
CA SER E 97 18.31 -29.44 -3.65
C SER E 97 19.55 -29.01 -2.89
N ILE E 98 19.68 -27.73 -2.57
CA ILE E 98 20.88 -27.17 -1.98
C ILE E 98 20.75 -27.18 -0.46
N LEU E 99 21.86 -27.44 0.23
CA LEU E 99 21.88 -27.44 1.68
C LEU E 99 23.25 -26.98 2.17
N PHE E 100 23.24 -26.09 3.16
CA PHE E 100 24.45 -25.62 3.83
C PHE E 100 24.52 -26.24 5.22
N LEU E 101 25.63 -26.89 5.52
CA LEU E 101 25.79 -27.66 6.75
C LEU E 101 26.93 -27.08 7.61
N CYS E 102 26.79 -27.26 8.92
CA CYS E 102 27.82 -26.87 9.88
C CYS E 102 28.40 -28.09 10.59
N ASP E 103 28.47 -29.21 9.87
CA ASP E 103 28.91 -30.48 10.43
C ASP E 103 30.05 -31.05 9.58
N ASP E 104 31.15 -31.42 10.22
CA ASP E 104 32.34 -31.92 9.52
C ASP E 104 32.18 -33.42 9.30
N LEU E 105 31.42 -33.75 8.25
CA LEU E 105 31.15 -35.16 7.96
C LEU E 105 32.34 -35.83 7.30
N ASP E 106 33.07 -35.11 6.45
CA ASP E 106 34.20 -35.68 5.72
C ASP E 106 35.53 -35.48 6.42
N ASP E 107 35.54 -34.82 7.58
CA ASP E 107 36.74 -34.62 8.39
C ASP E 107 37.83 -33.90 7.58
N LYS E 108 37.52 -32.66 7.20
CA LYS E 108 38.44 -31.85 6.41
C LYS E 108 38.70 -30.46 6.97
N CYS E 109 37.96 -30.02 7.99
CA CYS E 109 38.24 -28.72 8.61
C CYS E 109 39.52 -28.76 9.44
N LYS E 110 40.10 -29.95 9.64
CA LYS E 110 41.33 -30.06 10.42
C LYS E 110 42.50 -29.36 9.74
N ASN E 111 42.48 -29.26 8.40
CA ASN E 111 43.59 -28.66 7.67
C ASN E 111 43.75 -27.19 8.07
N ASP E 112 44.95 -26.68 7.85
CA ASP E 112 45.32 -25.34 8.28
C ASP E 112 44.87 -24.31 7.24
N GLY E 113 44.01 -23.38 7.68
CA GLY E 113 43.58 -22.30 6.81
C GLY E 113 42.36 -22.58 5.98
N TRP E 114 41.58 -23.61 6.31
CA TRP E 114 40.38 -23.97 5.56
C TRP E 114 39.16 -23.43 6.28
N ALA E 115 38.31 -22.71 5.56
CA ALA E 115 37.06 -22.20 6.10
C ALA E 115 35.83 -22.92 5.52
N GLY E 116 36.04 -23.96 4.74
CA GLY E 116 34.95 -24.71 4.17
C GLY E 116 35.40 -25.45 2.92
N TYR E 117 34.51 -26.30 2.41
CA TYR E 117 34.82 -27.08 1.22
C TYR E 117 33.52 -27.58 0.59
N TRP E 118 33.62 -27.94 -0.68
CA TRP E 118 32.54 -28.53 -1.45
C TRP E 118 32.60 -30.04 -1.30
N ARG E 119 31.44 -30.68 -1.11
CA ARG E 119 31.41 -32.08 -0.74
C ARG E 119 31.83 -33.02 -1.87
N GLY E 120 31.84 -32.55 -3.11
CA GLY E 120 32.32 -33.34 -4.22
C GLY E 120 31.20 -33.81 -5.13
N SER E 121 31.54 -34.80 -5.97
CA SER E 121 30.63 -35.26 -7.00
C SER E 121 29.53 -36.17 -6.46
N ASN E 122 29.79 -36.89 -5.37
CA ASN E 122 28.76 -37.74 -4.80
C ASN E 122 27.59 -36.91 -4.25
N HIS E 123 27.89 -35.77 -3.64
CA HIS E 123 26.88 -34.83 -3.15
C HIS E 123 27.23 -33.47 -3.75
N SER E 124 26.73 -33.22 -4.96
CA SER E 124 27.15 -32.03 -5.71
C SER E 124 26.37 -30.77 -5.36
N ASP E 125 25.39 -30.86 -4.46
CA ASP E 125 24.63 -29.68 -4.04
C ASP E 125 24.76 -29.43 -2.54
N GLN E 126 25.84 -29.87 -1.91
CA GLN E 126 26.07 -29.68 -0.49
C GLN E 126 27.45 -29.10 -0.25
N THR E 127 27.55 -28.28 0.79
CA THR E 127 28.80 -27.60 1.12
C THR E 127 28.88 -27.42 2.64
N ILE E 128 30.11 -27.39 3.15
CA ILE E 128 30.38 -27.39 4.59
C ILE E 128 31.08 -26.08 4.96
N ILE E 129 30.72 -25.54 6.12
CA ILE E 129 31.29 -24.29 6.63
C ILE E 129 31.98 -24.62 7.95
N CYS E 130 33.28 -24.33 8.03
CA CYS E 130 34.03 -24.56 9.26
C CYS E 130 33.94 -23.33 10.17
N ASP E 131 34.64 -23.39 11.30
CA ASP E 131 34.54 -22.36 12.34
C ASP E 131 35.39 -21.13 12.07
N LEU E 132 36.32 -21.18 11.12
CA LEU E 132 37.14 -20.01 10.81
C LEU E 132 36.32 -18.90 10.16
N SER E 133 35.25 -19.27 9.45
CA SER E 133 34.42 -18.29 8.76
C SER E 133 33.76 -17.33 9.75
N PHE E 134 33.29 -17.85 10.89
CA PHE E 134 32.64 -17.03 11.90
C PHE E 134 33.63 -16.18 12.69
N VAL E 135 34.89 -16.15 12.28
CA VAL E 135 35.92 -15.40 12.99
C VAL E 135 36.61 -14.43 12.05
N THR E 136 36.65 -14.75 10.76
CA THR E 136 37.47 -13.96 9.84
C THR E 136 36.68 -13.13 8.81
N ARG E 137 35.43 -13.48 8.52
CA ARG E 137 34.72 -12.82 7.42
C ARG E 137 34.14 -11.48 7.84
N ARG E 138 34.03 -10.58 6.86
CA ARG E 138 33.60 -9.20 7.08
C ARG E 138 32.28 -8.91 6.37
N TYR E 139 31.70 -7.76 6.68
CA TYR E 139 30.40 -7.35 6.18
C TYR E 139 30.52 -6.16 5.23
N LEU E 140 29.47 -5.97 4.43
CA LEU E 140 29.53 -5.04 3.30
C LEU E 140 29.63 -3.58 3.73
N THR E 141 29.25 -3.26 4.96
CA THR E 141 29.34 -1.88 5.42
C THR E 141 30.77 -1.44 5.70
N GLN E 142 31.72 -2.36 5.73
CA GLN E 142 33.13 -2.05 5.98
C GLN E 142 33.98 -2.16 4.72
N LEU E 143 33.36 -2.07 3.53
CA LEU E 143 34.10 -2.23 2.29
C LEU E 143 35.02 -1.02 2.04
N CYS E 144 36.17 -1.29 1.43
CA CYS E 144 37.16 -0.27 1.08
C CYS E 144 37.73 0.44 2.31
N SER E 145 37.77 -0.28 3.43
CA SER E 145 38.29 0.27 4.67
C SER E 145 39.44 -0.59 5.18
N SER E 146 40.23 -0.01 6.08
CA SER E 146 41.39 -0.67 6.68
C SER E 146 42.42 -1.08 5.64
N GLY E 147 42.56 -0.31 4.57
CA GLY E 147 43.54 -0.59 3.54
C GLY E 147 43.13 -1.58 2.49
N TYR E 148 41.84 -1.89 2.38
CA TYR E 148 41.38 -2.88 1.41
C TYR E 148 41.26 -2.24 0.02
N THR E 149 41.70 -2.97 -1.00
CA THR E 149 41.50 -2.61 -2.39
C THR E 149 41.06 -3.84 -3.17
N VAL E 150 40.31 -3.60 -4.26
CA VAL E 150 39.75 -4.70 -5.03
C VAL E 150 40.85 -5.50 -5.72
N SER E 151 41.83 -4.82 -6.33
CA SER E 151 42.79 -5.51 -7.18
C SER E 151 43.99 -6.07 -6.41
N LYS E 152 44.21 -5.64 -5.16
CA LYS E 152 45.41 -6.05 -4.43
C LYS E 152 45.14 -7.01 -3.29
N SER E 153 43.90 -7.13 -2.81
CA SER E 153 43.55 -8.03 -1.74
C SER E 153 42.90 -9.29 -2.29
N LYS E 154 42.70 -10.27 -1.40
CA LYS E 154 42.01 -11.50 -1.78
C LYS E 154 40.51 -11.26 -1.87
N THR E 155 39.84 -12.13 -2.63
CA THR E 155 38.41 -11.97 -2.88
C THR E 155 37.53 -12.65 -1.83
N ASN E 156 38.11 -13.43 -0.91
CA ASN E 156 37.35 -14.15 0.09
C ASN E 156 37.36 -13.45 1.45
N ILE E 157 37.80 -12.21 1.51
CA ILE E 157 37.87 -11.50 2.78
C ILE E 157 36.46 -11.19 3.30
N PHE E 158 35.54 -10.86 2.40
CA PHE E 158 34.17 -10.53 2.77
C PHE E 158 33.25 -11.72 2.55
N TRP E 159 32.12 -11.72 3.27
CA TRP E 159 31.15 -12.81 3.17
C TRP E 159 30.64 -12.99 1.75
N ALA E 160 30.30 -11.88 1.08
CA ALA E 160 29.65 -11.96 -0.22
C ALA E 160 30.57 -12.55 -1.29
N GLY E 161 31.80 -12.04 -1.37
CA GLY E 161 32.74 -12.56 -2.36
C GLY E 161 33.21 -13.95 -2.07
N ASP E 162 33.12 -14.38 -0.81
CA ASP E 162 33.49 -15.75 -0.45
C ASP E 162 32.36 -16.74 -0.75
N LEU E 163 31.11 -16.32 -0.57
CA LEU E 163 29.99 -17.22 -0.86
C LEU E 163 29.66 -17.27 -2.34
N LEU E 164 29.95 -16.20 -3.10
CA LEU E 164 29.80 -16.26 -4.54
C LEU E 164 30.71 -17.33 -5.14
N HIS E 165 31.91 -17.49 -4.58
CA HIS E 165 32.81 -18.54 -5.04
C HIS E 165 32.27 -19.93 -4.74
N ARG E 166 31.59 -20.10 -3.60
CA ARG E 166 31.00 -21.39 -3.27
C ARG E 166 29.82 -21.70 -4.17
N PHE E 167 29.05 -20.67 -4.57
CA PHE E 167 27.88 -20.91 -5.41
C PHE E 167 28.26 -21.50 -6.75
N TRP E 168 29.38 -21.06 -7.34
CA TRP E 168 29.77 -21.52 -8.67
C TRP E 168 30.08 -23.01 -8.74
N HIS E 169 30.34 -23.67 -7.60
CA HIS E 169 30.65 -25.09 -7.59
C HIS E 169 29.42 -25.98 -7.54
N LEU E 170 28.25 -25.44 -7.19
CA LEU E 170 27.05 -26.24 -7.07
C LEU E 170 26.50 -26.61 -8.45
N LYS E 171 25.80 -27.73 -8.50
CA LYS E 171 25.30 -28.26 -9.77
C LYS E 171 24.09 -27.49 -10.28
N SER E 172 23.26 -26.95 -9.38
CA SER E 172 22.06 -26.23 -9.78
C SER E 172 22.33 -24.78 -10.17
N ILE E 173 23.52 -24.25 -9.87
CA ILE E 173 23.87 -22.87 -10.17
C ILE E 173 24.98 -22.80 -11.22
N GLY E 174 26.13 -23.41 -10.94
CA GLY E 174 27.22 -23.41 -11.90
C GLY E 174 26.90 -24.19 -13.15
N GLN E 175 26.19 -25.32 -13.00
CA GLN E 175 25.77 -26.16 -14.12
C GLN E 175 26.96 -26.70 -14.92
N LEU E 176 28.09 -26.89 -14.25
CA LEU E 176 29.28 -27.54 -14.82
C LEU E 176 29.86 -26.76 -16.00
N VAL E 177 29.78 -25.43 -15.94
CA VAL E 177 30.40 -24.60 -16.98
C VAL E 177 31.33 -23.53 -16.43
N ILE E 178 31.27 -23.18 -15.15
CA ILE E 178 32.14 -22.16 -14.58
C ILE E 178 33.35 -22.85 -13.97
N GLU E 179 34.55 -22.49 -14.46
CA GLU E 179 35.77 -23.13 -14.00
C GLU E 179 36.85 -22.09 -13.68
N HIS E 180 38.02 -22.56 -13.27
CA HIS E 180 39.16 -21.70 -12.94
C HIS E 180 40.11 -21.67 -14.14
N TYR E 181 39.96 -20.65 -14.98
CA TYR E 181 40.87 -20.45 -16.10
C TYR E 181 41.98 -19.45 -15.80
N ALA E 182 41.72 -18.44 -14.98
CA ALA E 182 42.72 -17.47 -14.57
C ALA E 182 42.41 -17.03 -13.15
N ASP E 183 43.46 -16.84 -12.35
CA ASP E 183 43.28 -16.56 -10.93
C ASP E 183 43.81 -15.21 -10.50
N THR E 184 44.99 -14.80 -10.98
CA THR E 184 45.54 -13.51 -10.58
C THR E 184 44.87 -12.39 -11.37
N TYR E 185 45.03 -11.17 -10.86
CA TYR E 185 44.43 -9.99 -11.50
C TYR E 185 45.01 -9.78 -12.89
N GLU E 186 46.33 -9.92 -13.05
CA GLU E 186 46.97 -9.73 -14.35
C GLU E 186 46.50 -10.77 -15.35
N GLU E 187 46.40 -12.04 -14.93
CA GLU E 187 45.91 -13.08 -15.83
C GLU E 187 44.47 -12.84 -16.22
N VAL E 188 43.65 -12.33 -15.31
CA VAL E 188 42.26 -12.01 -15.63
C VAL E 188 42.20 -10.90 -16.68
N LEU E 189 43.03 -9.87 -16.51
CA LEU E 189 43.06 -8.79 -17.48
C LEU E 189 43.54 -9.27 -18.85
N GLU E 190 44.49 -10.21 -18.87
CA GLU E 190 44.95 -10.75 -20.16
C GLU E 190 43.87 -11.60 -20.81
N LEU E 191 43.18 -12.44 -20.03
CA LEU E 191 42.14 -13.30 -20.59
C LEU E 191 40.96 -12.49 -21.08
N ALA E 192 40.72 -11.31 -20.50
CA ALA E 192 39.62 -10.47 -20.97
C ALA E 192 39.83 -10.06 -22.43
N GLN E 193 41.06 -9.73 -22.82
CA GLN E 193 41.33 -9.26 -24.17
C GLN E 193 41.81 -10.34 -25.13
N GLU E 194 42.25 -11.49 -24.62
CA GLU E 194 42.76 -12.52 -25.53
C GLU E 194 41.73 -13.61 -25.83
N ASN E 195 40.96 -14.02 -24.83
CA ASN E 195 39.98 -15.10 -24.97
C ASN E 195 38.67 -14.65 -24.31
N SER E 196 37.80 -14.00 -25.10
CA SER E 196 36.55 -13.47 -24.57
C SER E 196 35.48 -14.53 -24.41
N THR E 197 35.62 -15.68 -25.08
CA THR E 197 34.64 -16.76 -24.99
C THR E 197 34.69 -17.45 -23.63
N TYR E 198 35.88 -17.61 -23.06
CA TYR E 198 36.04 -18.23 -21.75
C TYR E 198 36.10 -17.22 -20.62
N ALA E 199 36.14 -15.93 -20.92
CA ALA E 199 36.14 -14.92 -19.87
C ALA E 199 34.79 -14.80 -19.18
N VAL E 200 33.70 -15.05 -19.92
CA VAL E 200 32.35 -14.97 -19.35
C VAL E 200 32.01 -16.16 -18.46
N ARG E 201 32.85 -17.20 -18.45
CA ARG E 201 32.65 -18.33 -17.56
C ARG E 201 33.84 -18.56 -16.62
N ASN E 202 34.66 -17.54 -16.40
CA ASN E 202 35.76 -17.64 -15.45
C ASN E 202 35.29 -17.21 -14.07
N SER E 203 35.73 -17.95 -13.05
CA SER E 203 35.20 -17.75 -11.70
C SER E 203 35.58 -16.39 -11.12
N ASN E 204 36.85 -15.99 -11.27
CA ASN E 204 37.33 -14.79 -10.62
C ASN E 204 36.91 -13.51 -11.34
N SER E 205 36.69 -13.57 -12.65
CA SER E 205 36.30 -12.38 -13.40
C SER E 205 34.95 -11.84 -12.93
N LEU E 206 33.98 -12.74 -12.70
CA LEU E 206 32.67 -12.32 -12.24
C LEU E 206 32.74 -11.66 -10.87
N ILE E 207 33.52 -12.24 -9.95
CA ILE E 207 33.63 -11.69 -8.61
C ILE E 207 34.33 -10.33 -8.63
N TYR E 208 35.41 -10.20 -9.40
CA TYR E 208 36.08 -8.92 -9.54
C TYR E 208 35.13 -7.86 -10.09
N TYR E 209 34.37 -8.21 -11.13
CA TYR E 209 33.44 -7.28 -11.75
C TYR E 209 32.37 -6.83 -10.76
N ALA E 210 31.80 -7.77 -10.01
CA ALA E 210 30.73 -7.44 -9.07
C ALA E 210 31.24 -6.54 -7.94
N LEU E 211 32.41 -6.89 -7.38
CA LEU E 211 32.97 -6.07 -6.30
C LEU E 211 33.28 -4.67 -6.78
N ASP E 212 33.88 -4.55 -7.97
CA ASP E 212 34.21 -3.23 -8.51
C ASP E 212 32.97 -2.37 -8.74
N VAL E 213 31.94 -2.95 -9.36
CA VAL E 213 30.77 -2.12 -9.65
C VAL E 213 30.04 -1.73 -8.36
N TYR E 214 29.99 -2.63 -7.36
CA TYR E 214 29.35 -2.24 -6.11
C TYR E 214 30.12 -1.13 -5.41
N ALA E 215 31.46 -1.24 -5.37
CA ALA E 215 32.25 -0.19 -4.74
C ALA E 215 32.10 1.13 -5.46
N TYR E 216 32.03 1.12 -6.79
CA TYR E 216 31.91 2.36 -7.54
C TYR E 216 30.52 2.98 -7.40
N ASP E 217 29.47 2.17 -7.31
CA ASP E 217 28.12 2.72 -7.30
C ASP E 217 27.59 3.07 -5.92
N VAL E 218 27.95 2.31 -4.87
CA VAL E 218 27.31 2.44 -3.56
C VAL E 218 28.27 2.95 -2.49
N THR E 219 29.43 2.30 -2.36
CA THR E 219 30.30 2.56 -1.22
C THR E 219 30.91 3.96 -1.29
N ILE E 220 31.70 4.23 -2.33
CA ILE E 220 32.25 5.55 -2.56
C ILE E 220 31.74 6.04 -3.92
N PRO E 221 30.61 6.75 -3.95
CA PRO E 221 29.96 7.06 -5.24
C PRO E 221 30.85 7.92 -6.14
N GLY E 222 31.11 7.40 -7.33
CA GLY E 222 31.88 8.11 -8.34
C GLY E 222 33.38 7.84 -8.31
N GLU E 223 33.89 7.18 -7.27
CA GLU E 223 35.31 6.91 -7.16
C GLU E 223 35.65 5.43 -7.12
N GLY E 224 35.04 4.66 -6.22
CA GLY E 224 35.41 3.27 -6.03
C GLY E 224 36.70 3.12 -5.24
N CYS E 225 37.13 1.88 -5.09
CA CYS E 225 38.38 1.57 -4.37
C CYS E 225 39.16 0.48 -5.10
N ASN E 226 39.27 0.58 -6.42
CA ASN E 226 40.06 -0.39 -7.18
C ASN E 226 41.53 -0.35 -6.78
N GLY E 227 42.13 0.83 -6.80
CA GLY E 227 43.49 1.00 -6.32
C GLY E 227 44.58 0.58 -7.28
N ASP E 228 44.32 0.67 -8.59
CA ASP E 228 45.36 0.35 -9.57
C ASP E 228 45.73 1.55 -10.44
N GLY E 229 45.21 2.74 -10.13
CA GLY E 229 45.60 3.93 -10.85
C GLY E 229 44.68 4.37 -11.96
N THR E 230 43.43 3.91 -11.98
CA THR E 230 42.46 4.29 -12.99
C THR E 230 41.27 4.98 -12.34
N SER E 231 40.82 6.09 -12.95
CA SER E 231 39.66 6.83 -12.50
C SER E 231 38.72 7.03 -13.68
N TYR E 232 37.44 6.70 -13.48
CA TYR E 232 36.45 6.76 -14.53
C TYR E 232 35.45 7.88 -14.25
N LYS E 233 35.05 8.59 -15.29
CA LYS E 233 34.11 9.69 -15.19
C LYS E 233 32.82 9.34 -15.94
N LYS E 234 31.90 10.29 -15.99
CA LYS E 234 30.63 10.08 -16.68
C LYS E 234 30.78 10.04 -18.20
N SER E 235 31.88 10.56 -18.73
CA SER E 235 32.11 10.54 -20.17
C SER E 235 32.63 9.20 -20.66
N ASP E 236 33.06 8.32 -19.76
CA ASP E 236 33.49 6.97 -20.13
C ASP E 236 32.34 6.01 -20.28
N PHE E 237 31.12 6.40 -19.87
CA PHE E 237 29.95 5.54 -19.98
C PHE E 237 29.14 5.80 -21.24
N SER E 238 29.68 6.59 -22.17
CA SER E 238 28.99 6.87 -23.43
C SER E 238 30.00 6.97 -24.57
N TYR F 18 26.52 9.92 -10.16
CA TYR F 18 25.65 9.72 -11.33
C TYR F 18 24.56 8.70 -11.03
N ASP F 19 23.34 9.18 -10.81
CA ASP F 19 22.18 8.32 -10.58
C ASP F 19 21.63 7.91 -11.93
N TRP F 20 21.99 6.72 -12.39
CA TRP F 20 21.49 6.21 -13.66
C TRP F 20 20.18 5.44 -13.52
N ARG F 21 19.68 5.25 -12.30
CA ARG F 21 18.42 4.56 -12.10
C ARG F 21 17.21 5.44 -12.43
N ALA F 22 17.39 6.76 -12.43
CA ALA F 22 16.33 7.68 -12.82
C ALA F 22 16.38 8.06 -14.30
N ASP F 23 17.36 7.53 -15.04
CA ASP F 23 17.51 7.77 -16.47
C ASP F 23 17.21 6.51 -17.28
N TRP F 24 16.53 5.54 -16.68
CA TRP F 24 16.37 4.21 -17.25
C TRP F 24 15.05 4.12 -17.99
N VAL F 25 15.12 3.77 -19.27
CA VAL F 25 13.94 3.64 -20.13
C VAL F 25 13.77 2.17 -20.48
N LYS F 26 12.62 1.60 -20.15
CA LYS F 26 12.38 0.16 -20.31
C LYS F 26 11.24 -0.15 -21.27
N GLY F 27 10.66 0.85 -21.93
CA GLY F 27 9.65 0.62 -22.93
C GLY F 27 10.13 1.02 -24.32
N PHE F 28 9.50 0.48 -25.36
CA PHE F 28 9.93 0.77 -26.72
C PHE F 28 9.32 2.08 -27.21
N PRO F 29 10.11 3.07 -27.60
CA PRO F 29 9.55 4.35 -28.05
C PRO F 29 8.95 4.26 -29.44
N ILE F 30 7.96 5.12 -29.69
CA ILE F 30 7.26 5.20 -30.96
C ILE F 30 7.37 6.61 -31.51
N ASP F 31 7.63 6.73 -32.81
CA ASP F 31 7.77 8.01 -33.46
C ASP F 31 6.40 8.71 -33.59
N SER F 32 6.45 9.99 -33.95
CA SER F 32 5.24 10.78 -34.13
C SER F 32 4.65 10.66 -35.53
N SER F 33 5.23 9.82 -36.38
CA SER F 33 4.65 9.57 -37.71
C SER F 33 3.34 8.82 -37.61
N CYS F 34 3.11 8.10 -36.52
CA CYS F 34 1.88 7.34 -36.32
C CYS F 34 0.85 8.22 -35.62
N ASN F 35 -0.38 8.21 -36.15
CA ASN F 35 -1.47 8.97 -35.56
C ASN F 35 -2.03 8.20 -34.36
N ALA F 36 -3.17 8.67 -33.84
CA ALA F 36 -3.71 8.09 -32.61
C ALA F 36 -4.11 6.63 -32.80
N THR F 37 -4.78 6.31 -33.92
CA THR F 37 -5.27 4.96 -34.15
C THR F 37 -4.14 3.96 -34.27
N GLN F 38 -3.08 4.29 -35.03
CA GLN F 38 -1.95 3.39 -35.18
C GLN F 38 -1.19 3.22 -33.86
N TYR F 39 -1.03 4.31 -33.12
CA TYR F 39 -0.37 4.25 -31.81
C TYR F 39 -1.11 3.33 -30.86
N ASN F 40 -2.45 3.40 -30.86
CA ASN F 40 -3.25 2.62 -29.92
C ASN F 40 -2.97 1.13 -30.06
N GLN F 41 -2.83 0.64 -31.29
CA GLN F 41 -2.62 -0.78 -31.53
C GLN F 41 -1.15 -1.19 -31.43
N LEU F 42 -0.23 -0.33 -31.87
CA LEU F 42 1.18 -0.66 -31.75
C LEU F 42 1.61 -0.77 -30.30
N SER F 43 1.11 0.11 -29.44
CA SER F 43 1.46 0.05 -28.02
C SER F 43 1.01 -1.27 -27.40
N THR F 44 -0.22 -1.70 -27.70
CA THR F 44 -0.73 -2.96 -27.16
C THR F 44 0.08 -4.14 -27.65
N GLY F 45 0.44 -4.15 -28.93
CA GLY F 45 1.28 -5.23 -29.45
C GLY F 45 2.62 -5.31 -28.74
N LEU F 46 3.26 -4.16 -28.53
CA LEU F 46 4.57 -4.14 -27.86
C LEU F 46 4.45 -4.64 -26.41
N GLN F 47 3.40 -4.21 -25.71
CA GLN F 47 3.19 -4.67 -24.34
C GLN F 47 2.97 -6.18 -24.29
N GLU F 48 2.23 -6.72 -25.24
CA GLU F 48 2.00 -8.17 -25.27
C GLU F 48 3.30 -8.93 -25.53
N ALA F 49 4.14 -8.42 -26.43
CA ALA F 49 5.42 -9.07 -26.68
C ALA F 49 6.29 -9.09 -25.42
N GLN F 50 6.33 -7.96 -24.69
CA GLN F 50 7.12 -7.93 -23.46
C GLN F 50 6.56 -8.88 -22.40
N LEU F 51 5.23 -8.99 -22.30
CA LEU F 51 4.64 -9.92 -21.35
C LEU F 51 5.00 -11.36 -21.67
N LEU F 52 4.96 -11.72 -22.97
CA LEU F 52 5.35 -13.07 -23.37
C LEU F 52 6.80 -13.35 -23.01
N ALA F 53 7.70 -12.38 -23.25
CA ALA F 53 9.10 -12.57 -22.89
C ALA F 53 9.26 -12.76 -21.38
N GLU F 54 8.52 -11.99 -20.58
CA GLU F 54 8.63 -12.11 -19.13
C GLU F 54 8.18 -13.50 -18.65
N HIS F 55 7.09 -14.01 -19.19
CA HIS F 55 6.64 -15.34 -18.78
C HIS F 55 7.64 -16.42 -19.20
N ALA F 56 8.23 -16.29 -20.40
CA ALA F 56 9.25 -17.25 -20.81
C ALA F 56 10.44 -17.23 -19.85
N ARG F 57 10.88 -16.03 -19.45
CA ARG F 57 11.97 -15.93 -18.48
C ARG F 57 11.61 -16.60 -17.16
N ASP F 58 10.39 -16.38 -16.68
CA ASP F 58 10.00 -16.97 -15.39
C ASP F 58 9.97 -18.50 -15.46
N HIS F 59 9.43 -19.06 -16.55
CA HIS F 59 9.42 -20.51 -16.70
C HIS F 59 10.83 -21.07 -16.75
N THR F 60 11.73 -20.41 -17.48
CA THR F 60 13.11 -20.88 -17.56
C THR F 60 13.78 -20.86 -16.19
N LEU F 61 13.61 -19.75 -15.45
CA LEU F 61 14.23 -19.66 -14.13
C LEU F 61 13.67 -20.72 -13.18
N ARG F 62 12.37 -20.99 -13.27
CA ARG F 62 11.79 -21.98 -12.36
C ARG F 62 12.27 -23.40 -12.66
N PHE F 63 12.37 -23.77 -13.94
CA PHE F 63 12.63 -25.17 -14.25
C PHE F 63 14.00 -25.47 -14.83
N GLY F 64 14.46 -24.73 -15.83
CA GLY F 64 15.69 -25.10 -16.50
C GLY F 64 15.54 -26.35 -17.35
N SER F 65 16.52 -27.24 -17.27
CA SER F 65 16.53 -28.45 -18.07
C SER F 65 15.69 -29.58 -17.47
N LYS F 66 14.89 -29.29 -16.43
CA LYS F 66 13.95 -30.28 -15.92
C LYS F 66 12.59 -30.22 -16.61
N SER F 67 12.34 -29.23 -17.44
CA SER F 67 11.07 -29.21 -18.15
C SER F 67 11.22 -29.83 -19.54
N PRO F 68 10.20 -30.54 -20.02
CA PRO F 68 10.32 -31.19 -21.34
C PRO F 68 10.38 -30.22 -22.52
N PHE F 69 9.79 -29.03 -22.40
CA PHE F 69 9.86 -28.04 -23.47
C PHE F 69 11.30 -27.55 -23.68
N PHE F 70 12.00 -27.24 -22.58
CA PHE F 70 13.40 -26.84 -22.68
C PHE F 70 14.24 -27.95 -23.29
N ARG F 71 14.02 -29.18 -22.84
CA ARG F 71 14.76 -30.32 -23.38
C ARG F 71 14.51 -30.52 -24.86
N LYS F 72 13.29 -30.32 -25.32
CA LYS F 72 12.96 -30.55 -26.73
C LYS F 72 13.36 -29.40 -27.64
N TYR F 73 13.52 -28.17 -27.12
CA TYR F 73 13.91 -27.07 -27.97
C TYR F 73 15.38 -26.69 -27.89
N PHE F 74 16.08 -27.01 -26.81
CA PHE F 74 17.46 -26.56 -26.64
C PHE F 74 18.47 -27.68 -26.37
N GLY F 75 18.03 -28.85 -25.95
CA GLY F 75 18.94 -29.96 -25.71
C GLY F 75 18.70 -30.61 -24.36
N ASN F 76 19.09 -31.88 -24.27
CA ASN F 76 18.80 -32.67 -23.07
C ASN F 76 19.58 -32.20 -21.85
N GLU F 77 20.82 -31.75 -22.04
CA GLU F 77 21.70 -31.37 -20.93
C GLU F 77 22.37 -30.04 -21.21
N THR F 78 21.60 -29.05 -21.64
CA THR F 78 22.12 -27.73 -21.92
C THR F 78 21.96 -26.81 -20.70
N ALA F 79 22.88 -25.85 -20.58
CA ALA F 79 22.88 -24.89 -19.48
C ALA F 79 22.01 -23.69 -19.85
N SER F 80 21.19 -23.25 -18.90
CA SER F 80 20.23 -22.17 -19.14
C SER F 80 20.73 -20.84 -18.59
N ALA F 81 21.65 -20.24 -19.34
CA ALA F 81 22.12 -18.88 -19.02
C ALA F 81 21.86 -17.90 -20.14
N GLU F 82 22.22 -18.24 -21.38
CA GLU F 82 21.95 -17.37 -22.52
C GLU F 82 20.45 -17.24 -22.76
N VAL F 83 19.70 -18.32 -22.55
CA VAL F 83 18.25 -18.27 -22.74
C VAL F 83 17.62 -17.28 -21.77
N VAL F 84 18.04 -17.32 -20.51
CA VAL F 84 17.56 -16.34 -19.53
C VAL F 84 18.01 -14.94 -19.92
N GLY F 85 19.25 -14.78 -20.36
CA GLY F 85 19.77 -13.46 -20.68
C GLY F 85 19.06 -12.78 -21.82
N HIS F 86 18.70 -13.54 -22.86
CA HIS F 86 18.02 -12.96 -24.02
C HIS F 86 16.66 -12.39 -23.63
N PHE F 87 15.85 -13.18 -22.92
CA PHE F 87 14.53 -12.70 -22.50
C PHE F 87 14.63 -11.59 -21.48
N ASP F 88 15.64 -11.63 -20.60
CA ASP F 88 15.82 -10.54 -19.65
C ASP F 88 16.23 -9.26 -20.36
N ASN F 89 17.02 -9.37 -21.43
CA ASN F 89 17.36 -8.20 -22.22
C ASN F 89 16.13 -7.62 -22.91
N VAL F 90 15.24 -8.49 -23.39
CA VAL F 90 14.00 -8.01 -23.98
C VAL F 90 13.15 -7.28 -22.94
N VAL F 91 13.04 -7.86 -21.74
CA VAL F 91 12.14 -7.29 -20.73
C VAL F 91 12.70 -6.00 -20.17
N GLY F 92 13.94 -6.03 -19.67
CA GLY F 92 14.53 -4.85 -19.08
C GLY F 92 15.89 -4.48 -19.65
N ALA F 93 15.94 -3.35 -20.33
CA ALA F 93 17.17 -2.82 -20.90
C ALA F 93 16.88 -1.40 -21.37
N ASP F 94 17.93 -0.65 -21.67
CA ASP F 94 17.78 0.74 -22.07
C ASP F 94 17.40 0.79 -23.54
N LYS F 95 16.13 1.08 -23.81
CA LYS F 95 15.65 1.27 -25.19
C LYS F 95 15.61 2.74 -25.55
N SER F 96 16.76 3.41 -25.43
CA SER F 96 16.85 4.84 -25.71
C SER F 96 17.29 5.14 -27.13
N SER F 97 17.73 4.13 -27.89
CA SER F 97 18.11 4.32 -29.28
C SER F 97 17.19 3.61 -30.27
N ILE F 98 16.22 2.82 -29.79
CA ILE F 98 15.30 2.13 -30.67
C ILE F 98 14.15 3.06 -31.03
N LEU F 99 13.70 2.98 -32.28
CA LEU F 99 12.57 3.77 -32.73
C LEU F 99 11.73 2.95 -33.71
N PHE F 100 10.41 3.00 -33.55
CA PHE F 100 9.47 2.38 -34.47
C PHE F 100 8.74 3.47 -35.24
N LEU F 101 8.74 3.36 -36.57
CA LEU F 101 8.19 4.38 -37.44
C LEU F 101 7.04 3.82 -38.27
N CYS F 102 6.10 4.69 -38.61
CA CYS F 102 4.99 4.36 -39.49
C CYS F 102 5.14 5.00 -40.87
N ASP F 103 6.32 5.54 -41.17
CA ASP F 103 6.56 6.26 -42.42
C ASP F 103 7.43 5.41 -43.34
N ASP F 104 6.98 5.26 -44.59
CA ASP F 104 7.70 4.50 -45.61
C ASP F 104 8.85 5.34 -46.13
N LEU F 105 9.99 5.25 -45.45
CA LEU F 105 11.18 6.03 -45.82
C LEU F 105 12.03 5.35 -46.89
N ASP F 106 11.79 4.07 -47.17
CA ASP F 106 12.61 3.33 -48.12
C ASP F 106 11.83 2.77 -49.30
N ASP F 107 10.53 3.05 -49.40
CA ASP F 107 9.70 2.64 -50.52
C ASP F 107 9.70 1.11 -50.68
N LYS F 108 9.33 0.43 -49.59
CA LYS F 108 9.33 -1.02 -49.57
C LYS F 108 8.01 -1.65 -49.12
N CYS F 109 7.04 -0.86 -48.66
CA CYS F 109 5.74 -1.43 -48.34
C CYS F 109 4.95 -1.83 -49.59
N LYS F 110 5.42 -1.45 -50.78
CA LYS F 110 4.74 -1.77 -52.03
C LYS F 110 4.86 -3.24 -52.40
N ASN F 111 5.77 -3.99 -51.79
CA ASN F 111 5.91 -5.41 -52.11
C ASN F 111 4.71 -6.19 -51.58
N ASP F 112 4.54 -7.41 -52.10
CA ASP F 112 3.40 -8.24 -51.78
C ASP F 112 3.66 -8.99 -50.47
N GLY F 113 2.76 -8.79 -49.50
CA GLY F 113 2.84 -9.50 -48.25
C GLY F 113 3.84 -8.97 -47.25
N TRP F 114 4.35 -7.76 -47.45
CA TRP F 114 5.32 -7.17 -46.53
C TRP F 114 4.57 -6.36 -45.48
N ALA F 115 4.74 -6.73 -44.21
CA ALA F 115 4.15 -6.01 -43.10
C ALA F 115 5.16 -5.15 -42.35
N GLY F 116 6.37 -5.02 -42.88
CA GLY F 116 7.41 -4.26 -42.22
C GLY F 116 8.78 -4.76 -42.62
N TYR F 117 9.80 -4.00 -42.23
CA TYR F 117 11.17 -4.37 -42.54
C TYR F 117 12.12 -3.64 -41.61
N TRP F 118 13.32 -4.22 -41.47
CA TRP F 118 14.41 -3.64 -40.72
C TRP F 118 15.21 -2.72 -41.63
N ARG F 119 15.58 -1.55 -41.11
CA ARG F 119 16.21 -0.53 -41.94
C ARG F 119 17.63 -0.88 -42.38
N GLY F 120 18.27 -1.83 -41.72
CA GLY F 120 19.55 -2.33 -42.16
C GLY F 120 20.72 -1.80 -41.34
N SER F 121 21.91 -1.91 -41.94
CA SER F 121 23.14 -1.59 -41.23
C SER F 121 23.35 -0.09 -41.05
N ASN F 122 22.82 0.73 -41.96
CA ASN F 122 22.97 2.17 -41.81
C ASN F 122 22.18 2.69 -40.61
N HIS F 123 21.01 2.10 -40.35
CA HIS F 123 20.17 2.45 -39.19
C HIS F 123 19.81 1.14 -38.50
N SER F 124 20.67 0.70 -37.58
CA SER F 124 20.56 -0.64 -37.01
C SER F 124 19.53 -0.75 -35.89
N ASP F 125 18.94 0.36 -35.44
CA ASP F 125 18.00 0.35 -34.33
C ASP F 125 16.64 0.92 -34.74
N GLN F 126 16.30 0.85 -36.02
CA GLN F 126 15.08 1.45 -36.53
C GLN F 126 14.27 0.42 -37.30
N THR F 127 12.95 0.46 -37.14
CA THR F 127 12.03 -0.46 -37.80
C THR F 127 10.86 0.33 -38.39
N ILE F 128 10.29 -0.19 -39.48
CA ILE F 128 9.18 0.43 -40.17
C ILE F 128 8.04 -0.57 -40.25
N ILE F 129 6.82 -0.09 -39.97
CA ILE F 129 5.62 -0.93 -39.94
C ILE F 129 4.68 -0.45 -41.04
N CYS F 130 4.24 -1.37 -41.90
CA CYS F 130 3.32 -1.06 -42.97
C CYS F 130 1.87 -1.25 -42.49
N ASP F 131 0.92 -1.00 -43.39
CA ASP F 131 -0.50 -0.99 -43.05
C ASP F 131 -1.12 -2.38 -42.95
N LEU F 132 -0.44 -3.43 -43.43
CA LEU F 132 -0.99 -4.77 -43.35
C LEU F 132 -1.07 -5.28 -41.92
N SER F 133 -0.13 -4.84 -41.06
CA SER F 133 -0.09 -5.31 -39.68
C SER F 133 -1.35 -4.92 -38.91
N PHE F 134 -1.93 -3.76 -39.23
CA PHE F 134 -3.12 -3.28 -38.52
C PHE F 134 -4.39 -3.99 -38.96
N VAL F 135 -4.34 -4.82 -39.99
CA VAL F 135 -5.50 -5.61 -40.39
C VAL F 135 -5.27 -7.11 -40.31
N THR F 136 -4.05 -7.59 -40.06
CA THR F 136 -3.81 -9.03 -40.05
C THR F 136 -3.41 -9.61 -38.69
N ARG F 137 -2.94 -8.80 -37.75
CA ARG F 137 -2.36 -9.33 -36.52
C ARG F 137 -3.41 -9.50 -35.43
N ARG F 138 -3.27 -10.57 -34.64
CA ARG F 138 -4.22 -10.94 -33.60
C ARG F 138 -3.62 -10.70 -32.21
N TYR F 139 -4.44 -10.92 -31.19
CA TYR F 139 -4.10 -10.64 -29.81
C TYR F 139 -4.07 -11.92 -28.98
N LEU F 140 -3.39 -11.83 -27.84
CA LEU F 140 -3.07 -13.03 -27.04
C LEU F 140 -4.31 -13.71 -26.48
N THR F 141 -5.43 -12.99 -26.34
CA THR F 141 -6.65 -13.61 -25.82
C THR F 141 -7.28 -14.57 -26.81
N GLN F 142 -6.85 -14.56 -28.08
CA GLN F 142 -7.39 -15.44 -29.10
C GLN F 142 -6.43 -16.58 -29.45
N LEU F 143 -5.51 -16.91 -28.54
CA LEU F 143 -4.54 -17.96 -28.82
C LEU F 143 -5.19 -19.34 -28.82
N CYS F 144 -4.70 -20.21 -29.70
CA CYS F 144 -5.15 -21.61 -29.81
C CYS F 144 -6.61 -21.71 -30.23
N SER F 145 -7.09 -20.71 -30.98
CA SER F 145 -8.47 -20.71 -31.45
C SER F 145 -8.48 -20.61 -32.97
N SER F 146 -9.64 -20.95 -33.54
CA SER F 146 -9.87 -20.93 -34.99
C SER F 146 -8.91 -21.87 -35.74
N GLY F 147 -8.52 -22.96 -35.10
CA GLY F 147 -7.67 -23.95 -35.73
C GLY F 147 -6.18 -23.67 -35.66
N TYR F 148 -5.75 -22.72 -34.84
CA TYR F 148 -4.33 -22.39 -34.73
C TYR F 148 -3.61 -23.42 -33.87
N THR F 149 -2.42 -23.82 -34.30
CA THR F 149 -1.53 -24.65 -33.52
C THR F 149 -0.12 -24.06 -33.59
N VAL F 150 0.67 -24.33 -32.55
CA VAL F 150 2.01 -23.76 -32.47
C VAL F 150 2.91 -24.32 -33.58
N SER F 151 2.84 -25.62 -33.83
CA SER F 151 3.78 -26.27 -34.73
C SER F 151 3.35 -26.28 -36.19
N LYS F 152 2.08 -26.05 -36.50
CA LYS F 152 1.58 -26.14 -37.87
C LYS F 152 1.22 -24.79 -38.48
N SER F 153 1.28 -23.71 -37.72
CA SER F 153 0.99 -22.38 -38.24
C SER F 153 2.24 -21.51 -38.16
N LYS F 154 2.23 -20.43 -38.94
CA LYS F 154 3.34 -19.50 -38.95
C LYS F 154 3.41 -18.74 -37.63
N THR F 155 4.64 -18.34 -37.27
CA THR F 155 4.88 -17.74 -35.96
C THR F 155 4.54 -16.26 -35.91
N ASN F 156 4.21 -15.64 -37.05
CA ASN F 156 3.95 -14.22 -37.12
C ASN F 156 2.46 -13.88 -37.21
N ILE F 157 1.59 -14.82 -36.86
CA ILE F 157 0.15 -14.56 -36.94
C ILE F 157 -0.27 -13.57 -35.86
N PHE F 158 0.30 -13.68 -34.66
CA PHE F 158 -0.03 -12.79 -33.54
C PHE F 158 0.98 -11.66 -33.43
N TRP F 159 0.58 -10.60 -32.71
CA TRP F 159 1.46 -9.46 -32.50
C TRP F 159 2.73 -9.85 -31.76
N ALA F 160 2.61 -10.64 -30.70
CA ALA F 160 3.75 -10.92 -29.83
C ALA F 160 4.84 -11.70 -30.56
N GLY F 161 4.46 -12.77 -31.25
CA GLY F 161 5.44 -13.55 -32.00
C GLY F 161 6.00 -12.85 -33.22
N ASP F 162 5.27 -11.89 -33.78
CA ASP F 162 5.78 -11.11 -34.90
C ASP F 162 6.77 -10.06 -34.43
N LEU F 163 6.52 -9.43 -33.29
CA LEU F 163 7.42 -8.42 -32.77
C LEU F 163 8.65 -9.01 -32.08
N LEU F 164 8.53 -10.21 -31.53
CA LEU F 164 9.71 -10.89 -31.00
C LEU F 164 10.75 -11.11 -32.10
N HIS F 165 10.32 -11.50 -33.30
CA HIS F 165 11.23 -11.68 -34.43
C HIS F 165 11.87 -10.37 -34.86
N ARG F 166 11.15 -9.25 -34.76
CA ARG F 166 11.74 -7.96 -35.08
C ARG F 166 12.73 -7.50 -34.03
N PHE F 167 12.52 -7.86 -32.76
CA PHE F 167 13.47 -7.49 -31.72
C PHE F 167 14.85 -8.12 -31.94
N TRP F 168 14.92 -9.31 -32.51
CA TRP F 168 16.21 -10.01 -32.63
C TRP F 168 17.14 -9.37 -33.67
N HIS F 169 16.64 -8.47 -34.51
CA HIS F 169 17.47 -7.80 -35.50
C HIS F 169 18.10 -6.51 -35.01
N LEU F 170 17.62 -5.95 -33.90
CA LEU F 170 18.14 -4.69 -33.40
C LEU F 170 19.51 -4.87 -32.76
N LYS F 171 20.35 -3.85 -32.92
CA LYS F 171 21.72 -3.93 -32.42
C LYS F 171 21.78 -3.97 -30.90
N SER F 172 20.85 -3.28 -30.23
CA SER F 172 20.87 -3.21 -28.77
C SER F 172 20.32 -4.46 -28.11
N ILE F 173 19.58 -5.30 -28.83
CA ILE F 173 18.96 -6.49 -28.28
C ILE F 173 19.63 -7.76 -28.80
N GLY F 174 19.62 -7.95 -30.13
CA GLY F 174 20.25 -9.12 -30.69
C GLY F 174 21.77 -9.11 -30.54
N GLN F 175 22.39 -7.95 -30.71
CA GLN F 175 23.83 -7.77 -30.56
C GLN F 175 24.62 -8.62 -31.56
N LEU F 176 23.99 -8.91 -32.71
CA LEU F 176 24.67 -9.53 -33.86
C LEU F 176 25.11 -10.97 -33.56
N VAL F 177 24.33 -11.69 -32.75
CA VAL F 177 24.59 -13.10 -32.51
C VAL F 177 23.41 -14.00 -32.83
N ILE F 178 22.17 -13.49 -32.82
CA ILE F 178 21.00 -14.29 -33.15
C ILE F 178 20.79 -14.25 -34.66
N GLU F 179 20.66 -15.43 -35.28
CA GLU F 179 20.55 -15.52 -36.73
C GLU F 179 19.59 -16.66 -37.07
N HIS F 180 19.42 -16.90 -38.37
CA HIS F 180 18.52 -17.93 -38.90
C HIS F 180 19.37 -19.15 -39.29
N TYR F 181 19.46 -20.11 -38.37
CA TYR F 181 20.11 -21.39 -38.67
C TYR F 181 19.14 -22.48 -39.07
N ALA F 182 17.88 -22.39 -38.63
CA ALA F 182 16.86 -23.36 -38.98
C ALA F 182 15.51 -22.67 -38.84
N ASP F 183 14.64 -22.85 -39.84
CA ASP F 183 13.36 -22.16 -39.90
C ASP F 183 12.15 -23.07 -39.74
N THR F 184 12.21 -24.28 -40.29
CA THR F 184 11.10 -25.21 -40.22
C THR F 184 11.08 -25.89 -38.85
N TYR F 185 9.90 -26.41 -38.49
CA TYR F 185 9.74 -27.06 -37.19
C TYR F 185 10.62 -28.30 -37.08
N GLU F 186 10.66 -29.14 -38.12
CA GLU F 186 11.49 -30.34 -38.10
C GLU F 186 12.97 -30.01 -38.04
N GLU F 187 13.38 -28.97 -38.77
CA GLU F 187 14.77 -28.54 -38.70
C GLU F 187 15.13 -28.03 -37.30
N VAL F 188 14.19 -27.32 -36.67
CA VAL F 188 14.40 -26.86 -35.29
C VAL F 188 14.57 -28.05 -34.36
N LEU F 189 13.72 -29.06 -34.51
CA LEU F 189 13.81 -30.26 -33.67
C LEU F 189 15.13 -30.98 -33.87
N GLU F 190 15.62 -31.03 -35.12
CA GLU F 190 16.89 -31.69 -35.39
C GLU F 190 18.06 -30.88 -34.82
N LEU F 191 18.01 -29.55 -34.96
CA LEU F 191 19.07 -28.70 -34.41
C LEU F 191 19.14 -28.79 -32.91
N ALA F 192 18.00 -28.97 -32.24
CA ALA F 192 18.02 -29.08 -30.78
C ALA F 192 18.89 -30.23 -30.31
N GLN F 193 18.92 -31.33 -31.06
CA GLN F 193 19.65 -32.52 -30.66
C GLN F 193 21.01 -32.66 -31.32
N GLU F 194 21.26 -31.98 -32.43
CA GLU F 194 22.52 -32.13 -33.14
C GLU F 194 23.53 -31.05 -32.76
N ASN F 195 23.13 -29.79 -32.80
CA ASN F 195 24.03 -28.65 -32.54
C ASN F 195 23.41 -27.79 -31.44
N SER F 196 23.70 -28.16 -30.19
CA SER F 196 23.12 -27.43 -29.06
C SER F 196 23.77 -26.08 -28.83
N THR F 197 24.99 -25.88 -29.31
CA THR F 197 25.66 -24.59 -29.13
C THR F 197 24.98 -23.50 -29.95
N TYR F 198 24.50 -23.84 -31.15
CA TYR F 198 23.85 -22.87 -32.00
C TYR F 198 22.34 -22.81 -31.83
N ALA F 199 21.74 -23.76 -31.13
CA ALA F 199 20.32 -23.69 -30.84
C ALA F 199 20.03 -23.01 -29.51
N VAL F 200 20.69 -21.87 -29.28
CA VAL F 200 20.36 -20.96 -28.19
C VAL F 200 20.38 -19.56 -28.78
N ARG F 201 20.93 -19.45 -29.99
CA ARG F 201 20.96 -18.21 -30.75
C ARG F 201 20.22 -18.34 -32.08
N ASN F 202 19.27 -19.27 -32.15
CA ASN F 202 18.43 -19.45 -33.34
C ASN F 202 17.13 -18.70 -33.13
N SER F 203 16.73 -17.91 -34.13
CA SER F 203 15.58 -17.02 -33.98
C SER F 203 14.29 -17.80 -33.72
N ASN F 204 14.04 -18.85 -34.50
CA ASN F 204 12.77 -19.55 -34.44
C ASN F 204 12.62 -20.44 -33.21
N SER F 205 13.73 -20.98 -32.69
CA SER F 205 13.64 -21.85 -31.52
C SER F 205 13.12 -21.09 -30.31
N LEU F 206 13.61 -19.86 -30.09
CA LEU F 206 13.16 -19.07 -28.96
C LEU F 206 11.67 -18.74 -29.06
N ILE F 207 11.20 -18.37 -30.26
CA ILE F 207 9.80 -18.04 -30.44
C ILE F 207 8.91 -19.26 -30.23
N TYR F 208 9.32 -20.41 -30.78
CA TYR F 208 8.55 -21.64 -30.55
C TYR F 208 8.49 -21.99 -29.07
N TYR F 209 9.61 -21.89 -28.37
CA TYR F 209 9.65 -22.19 -26.94
C TYR F 209 8.72 -21.26 -26.15
N ALA F 210 8.78 -19.96 -26.44
CA ALA F 210 7.94 -19.01 -25.70
C ALA F 210 6.46 -19.25 -25.96
N LEU F 211 6.08 -19.42 -27.23
CA LEU F 211 4.68 -19.66 -27.55
C LEU F 211 4.18 -20.97 -26.97
N ASP F 212 5.04 -22.00 -26.91
CA ASP F 212 4.60 -23.28 -26.39
C ASP F 212 4.46 -23.26 -24.88
N VAL F 213 5.35 -22.57 -24.17
CA VAL F 213 5.22 -22.53 -22.72
C VAL F 213 4.15 -21.56 -22.24
N TYR F 214 3.79 -20.55 -23.03
CA TYR F 214 2.69 -19.69 -22.61
C TYR F 214 1.34 -20.40 -22.71
N ALA F 215 1.11 -21.12 -23.81
CA ALA F 215 -0.16 -21.80 -24.04
C ALA F 215 -0.40 -22.96 -23.09
N TYR F 216 0.66 -23.60 -22.59
CA TYR F 216 0.52 -24.69 -21.64
C TYR F 216 0.22 -24.20 -20.23
N ASP F 217 0.75 -23.04 -19.84
CA ASP F 217 0.58 -22.53 -18.48
C ASP F 217 -0.63 -21.62 -18.31
N VAL F 218 -1.01 -20.84 -19.31
CA VAL F 218 -2.03 -19.81 -19.15
C VAL F 218 -3.28 -20.10 -19.98
N THR F 219 -3.11 -20.34 -21.29
CA THR F 219 -4.26 -20.41 -22.18
C THR F 219 -5.10 -21.65 -21.90
N ILE F 220 -4.51 -22.83 -22.01
CA ILE F 220 -5.21 -24.08 -21.69
C ILE F 220 -4.36 -24.81 -20.64
N PRO F 221 -4.58 -24.53 -19.36
CA PRO F 221 -3.67 -25.05 -18.32
C PRO F 221 -3.61 -26.57 -18.29
N GLY F 222 -2.40 -27.10 -18.46
CA GLY F 222 -2.16 -28.53 -18.43
C GLY F 222 -2.22 -29.23 -19.76
N GLU F 223 -2.70 -28.58 -20.81
CA GLU F 223 -2.81 -29.21 -22.12
C GLU F 223 -2.00 -28.52 -23.20
N GLY F 224 -2.19 -27.21 -23.39
CA GLY F 224 -1.54 -26.51 -24.48
C GLY F 224 -2.22 -26.75 -25.82
N CYS F 225 -1.62 -26.19 -26.87
CA CYS F 225 -2.15 -26.33 -28.23
C CYS F 225 -1.02 -26.56 -29.23
N ASN F 226 -0.05 -27.41 -28.89
CA ASN F 226 1.04 -27.67 -29.81
C ASN F 226 0.57 -28.43 -31.05
N GLY F 227 -0.29 -29.43 -30.85
CA GLY F 227 -0.88 -30.15 -31.96
C GLY F 227 0.05 -31.01 -32.79
N ASP F 228 1.00 -31.69 -32.16
CA ASP F 228 1.88 -32.60 -32.86
C ASP F 228 1.81 -34.03 -32.35
N GLY F 229 1.05 -34.29 -31.29
CA GLY F 229 0.89 -35.63 -30.77
C GLY F 229 1.59 -35.94 -29.46
N THR F 230 1.94 -34.92 -28.67
CA THR F 230 2.61 -35.13 -27.40
C THR F 230 1.74 -34.58 -26.27
N SER F 231 1.71 -35.31 -25.15
CA SER F 231 1.03 -34.86 -23.95
C SER F 231 1.95 -35.02 -22.76
N TYR F 232 2.10 -33.95 -21.99
CA TYR F 232 3.00 -33.93 -20.85
C TYR F 232 2.19 -33.79 -19.57
N LYS F 233 2.62 -34.48 -18.52
CA LYS F 233 1.98 -34.45 -17.22
C LYS F 233 2.94 -33.90 -16.18
N LYS F 234 2.46 -33.82 -14.94
CA LYS F 234 3.29 -33.32 -13.85
C LYS F 234 4.50 -34.20 -13.59
N SER F 235 4.43 -35.48 -13.93
CA SER F 235 5.53 -36.40 -13.71
C SER F 235 6.67 -36.23 -14.71
N ASP F 236 6.46 -35.47 -15.78
CA ASP F 236 7.52 -35.19 -16.75
C ASP F 236 8.36 -34.00 -16.37
N PHE F 237 7.97 -33.25 -15.34
CA PHE F 237 8.70 -32.06 -14.90
C PHE F 237 9.68 -32.36 -13.77
N SER F 238 10.04 -33.61 -13.57
CA SER F 238 10.98 -33.98 -12.50
C SER F 238 11.98 -35.01 -12.99
ZN ZN G . -33.35 -5.84 -28.19
ZN ZN H . -38.08 21.62 1.85
ZN ZN I . -9.87 11.29 41.26
ZN ZN J . 29.99 7.87 31.42
ZN ZN K . 36.67 -22.82 -6.71
ZN ZN L . 14.64 -12.42 -39.85
#